data_3UPU
#
_entry.id   3UPU
#
_cell.length_a   225.536
_cell.length_b   107.253
_cell.length_c   85.475
_cell.angle_alpha   90.000
_cell.angle_beta   94.128
_cell.angle_gamma   90.000
#
_symmetry.space_group_name_H-M   'C 1 2 1'
#
loop_
_entity.id
_entity.type
_entity.pdbx_description
1 polymer 'ATP-dependent DNA helicase dda'
2 polymer "5'-D(*TP*TP*TP*TP*TP*TP*TP*T)-3'"
3 water water
#
loop_
_entity_poly.entity_id
_entity_poly.type
_entity_poly.pdbx_seq_one_letter_code
_entity_poly.pdbx_strand_id
1 'polypeptide(L)'
;(MSE)GSSHHHHHHSSGLVPRGSH(MSE)TFDDLTEGQKNAFNIV(MSE)KAIKEKKHHVTINGPAGTGATTLTKFIIEA
LISTGETGIILAAPTHAAKKILSKLSGKEASTIHSILKINPVTYEENVLFEQKEVPDLAKCRVLICDEVS(MSE)YDRKL
FKILLSTIPPWCTIIGIGDNKQIRPVDPGENTAYISPFFTHKDFYQCELTEVKRSNAPIIDVATDVRNGKWIYDKVVDGH
GVRGFTGDTALRDF(MSE)VNYFSIVKSLDDLFENRV(MSE)AFTNKSVDKLNSIIRKKIFETDKDFIVGEIIV(MSE)Q
EPLFKTYKIDGKPVSEIIFNNGQLVRIIEAEYTSTFVKARGVPGEYLIRHWDLTVETYGDDEYYREKIKIISSDEELYKF
NLFLGKTAETYKNWNKGGKAPWSDFWDAKSQFSKVKALPASTFHKAQG(MSE)SVDRAFIYTPCIHYADVELAQQLLYVG
VTRGRYDVFYV
;
A,B,C
2 'polydeoxyribonucleotide' (DT)(DT)(DT)(DT)(DT)(DT)(DT)(DT) D,E,F
#
# COMPACT_ATOMS: atom_id res chain seq x y z
N THR A 22 45.51 43.68 22.41
CA THR A 22 46.66 44.55 22.66
C THR A 22 46.40 45.87 21.96
N PHE A 23 45.20 45.98 21.39
CA PHE A 23 44.93 46.92 20.32
C PHE A 23 45.89 46.56 19.21
N ASP A 24 46.76 47.45 18.77
CA ASP A 24 47.66 46.93 17.78
C ASP A 24 48.92 46.47 18.50
N ASP A 25 48.98 45.18 18.76
CA ASP A 25 50.16 44.36 18.63
C ASP A 25 49.64 43.01 18.16
N LEU A 26 50.11 42.53 17.02
CA LEU A 26 49.57 41.32 16.42
C LEU A 26 50.58 40.78 15.43
N THR A 27 50.21 39.73 14.70
CA THR A 27 51.08 39.22 13.66
C THR A 27 51.11 40.23 12.53
N GLU A 28 52.18 40.22 11.75
CA GLU A 28 52.31 41.09 10.59
C GLU A 28 51.07 40.97 9.71
N GLY A 29 50.59 39.74 9.51
CA GLY A 29 49.42 39.48 8.72
C GLY A 29 48.21 40.21 9.27
N GLN A 30 48.02 40.10 10.59
CA GLN A 30 46.94 40.79 11.28
C GLN A 30 47.16 42.30 11.25
N LYS A 31 48.33 42.74 11.70
CA LYS A 31 48.65 44.17 11.72
C LYS A 31 48.35 44.82 10.38
N ASN A 32 48.72 44.15 9.29
CA ASN A 32 48.49 44.68 7.95
C ASN A 32 47.02 44.60 7.55
N ALA A 33 46.41 43.44 7.75
CA ALA A 33 45.01 43.24 7.40
C ALA A 33 44.16 44.36 7.98
N PHE A 34 44.41 44.68 9.25
CA PHE A 34 43.72 45.78 9.92
C PHE A 34 43.91 47.10 9.18
N ASN A 35 45.16 47.49 8.96
CA ASN A 35 45.46 48.73 8.27
C ASN A 35 44.77 48.86 6.92
N ILE A 36 44.72 47.76 6.17
CA ILE A 36 44.00 47.74 4.89
C ILE A 36 42.52 47.98 5.11
N VAL A 37 41.97 47.24 6.06
CA VAL A 37 40.55 47.35 6.42
C VAL A 37 40.13 48.80 6.62
N LYS A 39 41.22 51.59 5.83
CA LYS A 39 41.29 52.46 4.67
C LYS A 39 40.27 52.09 3.59
N ALA A 40 39.79 50.85 3.62
CA ALA A 40 38.74 50.44 2.70
C ALA A 40 37.43 51.06 3.16
N ILE A 41 37.29 51.22 4.48
CA ILE A 41 36.14 51.88 5.08
C ILE A 41 36.28 53.40 4.97
N LYS A 42 37.49 53.89 5.21
CA LYS A 42 37.75 55.33 5.18
C LYS A 42 37.61 55.92 3.77
N GLU A 43 37.81 55.10 2.75
CA GLU A 43 37.59 55.58 1.39
C GLU A 43 36.51 54.81 0.63
N LYS A 44 35.38 55.47 0.42
CA LYS A 44 34.51 55.21 -0.72
C LYS A 44 34.26 53.74 -1.07
N LYS A 45 34.42 53.46 -2.36
CA LYS A 45 34.15 52.14 -2.93
C LYS A 45 35.40 51.29 -2.95
N HIS A 46 35.33 50.20 -2.21
CA HIS A 46 36.38 49.20 -2.15
C HIS A 46 35.84 48.18 -1.18
N HIS A 47 36.38 46.98 -1.20
CA HIS A 47 35.95 45.96 -0.25
C HIS A 47 37.13 45.13 0.18
N VAL A 48 36.90 44.20 1.09
CA VAL A 48 37.98 43.37 1.58
C VAL A 48 37.50 42.00 1.99
N THR A 49 38.35 41.01 1.79
CA THR A 49 38.17 39.72 2.41
C THR A 49 39.53 39.30 2.94
N ILE A 50 39.56 38.88 4.19
CA ILE A 50 40.79 38.43 4.81
C ILE A 50 40.79 36.92 4.71
N ASN A 51 41.90 36.33 4.29
CA ASN A 51 41.95 34.89 4.39
C ASN A 51 42.80 34.56 5.59
N GLY A 52 42.17 34.21 6.71
CA GLY A 52 42.78 33.41 7.75
C GLY A 52 42.84 31.97 7.35
N PRO A 53 44.02 31.35 7.35
CA PRO A 53 43.89 29.89 7.35
C PRO A 53 43.90 29.44 8.80
N ALA A 54 43.77 28.13 9.02
CA ALA A 54 43.83 27.61 10.37
C ALA A 54 45.21 27.88 10.97
N GLY A 55 45.24 28.26 12.24
CA GLY A 55 46.49 28.52 12.91
C GLY A 55 46.95 29.94 12.77
N THR A 56 46.43 30.65 11.77
CA THR A 56 46.83 32.03 11.52
C THR A 56 46.18 33.00 12.51
N GLY A 57 45.27 32.48 13.34
CA GLY A 57 44.58 33.29 14.32
C GLY A 57 43.63 34.30 13.72
N ALA A 58 42.70 33.83 12.90
CA ALA A 58 41.78 34.72 12.21
C ALA A 58 40.72 35.29 13.14
N THR A 59 40.31 34.49 14.12
CA THR A 59 39.25 34.90 15.04
C THR A 59 39.64 36.11 15.89
N THR A 60 40.78 36.03 16.58
CA THR A 60 41.21 37.14 17.41
C THR A 60 41.30 38.42 16.59
N LEU A 61 41.73 38.33 15.34
CA LEU A 61 41.74 39.51 14.48
C LEU A 61 40.32 40.04 14.32
N THR A 62 39.41 39.18 13.90
CA THR A 62 38.01 39.57 13.73
C THR A 62 37.49 40.25 14.99
N LYS A 63 37.77 39.66 16.14
CA LYS A 63 37.41 40.26 17.43
C LYS A 63 37.92 41.68 17.52
N PHE A 64 39.17 41.88 17.12
CA PHE A 64 39.82 43.18 17.22
C PHE A 64 39.31 44.19 16.19
N ILE A 65 38.92 43.70 15.02
CA ILE A 65 38.37 44.56 13.99
C ILE A 65 37.10 45.22 14.51
N ILE A 66 36.37 44.47 15.33
CA ILE A 66 35.11 44.93 15.90
C ILE A 66 35.31 45.90 17.06
N GLU A 67 35.93 45.42 18.13
CA GLU A 67 36.13 46.24 19.32
C GLU A 67 36.70 47.59 18.92
N ALA A 68 37.73 47.58 18.08
CA ALA A 68 38.36 48.81 17.65
C ALA A 68 37.40 49.67 16.84
N LEU A 69 36.59 49.04 16.00
CA LEU A 69 35.72 49.78 15.09
C LEU A 69 34.62 50.51 15.85
N ILE A 70 34.18 49.96 16.97
CA ILE A 70 33.15 50.60 17.77
C ILE A 70 33.71 51.81 18.53
N SER A 71 34.95 51.69 19.00
CA SER A 71 35.56 52.73 19.82
C SER A 71 36.05 53.93 19.01
N THR A 72 36.04 53.80 17.69
CA THR A 72 36.31 54.95 16.83
C THR A 72 35.02 55.73 16.68
N GLY A 73 33.96 55.20 17.30
CA GLY A 73 32.67 55.87 17.33
C GLY A 73 31.81 55.54 16.14
N GLU A 74 32.08 54.40 15.50
CA GLU A 74 31.32 54.00 14.33
C GLU A 74 30.01 53.33 14.77
N THR A 75 28.90 53.93 14.38
CA THR A 75 27.58 53.41 14.72
C THR A 75 27.15 52.30 13.77
N GLY A 76 27.62 52.37 12.54
CA GLY A 76 27.01 51.66 11.43
C GLY A 76 27.37 50.20 11.23
N ILE A 77 27.90 49.54 12.25
CA ILE A 77 28.30 48.13 12.11
C ILE A 77 27.15 47.14 12.22
N ILE A 78 27.14 46.15 11.33
CA ILE A 78 26.26 44.99 11.45
C ILE A 78 27.08 43.71 11.25
N LEU A 79 26.75 42.68 12.01
CA LEU A 79 27.47 41.41 11.86
C LEU A 79 26.58 40.37 11.21
N ALA A 80 26.95 39.96 10.00
CA ALA A 80 26.21 38.97 9.23
C ALA A 80 26.93 37.63 9.18
N ALA A 81 26.20 36.55 9.43
CA ALA A 81 26.77 35.22 9.35
C ALA A 81 25.97 34.34 8.41
N PRO A 82 26.68 33.50 7.64
CA PRO A 82 26.09 32.58 6.65
C PRO A 82 25.06 31.59 7.19
N THR A 83 25.16 31.18 8.45
CA THR A 83 24.17 30.26 9.02
C THR A 83 23.74 30.66 10.42
N HIS A 84 22.80 29.93 11.00
CA HIS A 84 22.33 30.23 12.34
C HIS A 84 23.37 29.88 13.39
N ALA A 85 23.86 28.64 13.37
CA ALA A 85 24.86 28.21 14.33
C ALA A 85 26.12 29.06 14.18
N ALA A 86 26.36 29.52 12.96
CA ALA A 86 27.46 30.44 12.69
C ALA A 86 27.20 31.81 13.30
N LYS A 87 25.96 32.27 13.20
CA LYS A 87 25.57 33.55 13.77
C LYS A 87 25.63 33.51 15.30
N LYS A 88 25.26 32.37 15.86
CA LYS A 88 25.31 32.20 17.31
C LYS A 88 26.72 32.42 17.80
N ILE A 89 27.66 31.67 17.21
CA ILE A 89 29.05 31.71 17.66
C ILE A 89 29.77 32.97 17.20
N LEU A 90 29.22 33.67 16.21
CA LEU A 90 29.76 34.97 15.84
C LEU A 90 29.34 35.99 16.88
N SER A 91 28.05 35.96 17.21
CA SER A 91 27.49 36.91 18.17
C SER A 91 28.12 36.72 19.54
N LYS A 92 28.57 35.51 19.82
CA LYS A 92 29.18 35.18 21.10
C LYS A 92 30.63 35.65 21.20
N LEU A 93 31.33 35.60 20.08
CA LEU A 93 32.74 35.99 20.03
C LEU A 93 32.96 37.50 20.15
N SER A 94 32.12 38.27 19.47
CA SER A 94 32.19 39.72 19.51
C SER A 94 31.54 40.26 20.78
N GLY A 95 30.42 39.64 21.14
CA GLY A 95 29.62 40.11 22.26
C GLY A 95 28.51 41.02 21.75
N LYS A 96 28.72 41.61 20.58
CA LYS A 96 27.66 42.34 19.90
C LYS A 96 26.72 41.34 19.23
N GLU A 97 25.48 41.76 18.97
CA GLU A 97 24.49 40.85 18.38
C GLU A 97 24.57 40.78 16.85
N ALA A 98 24.35 39.59 16.31
CA ALA A 98 24.48 39.35 14.88
C ALA A 98 23.39 38.41 14.36
N SER A 99 22.90 38.68 13.15
CA SER A 99 21.91 37.80 12.51
C SER A 99 22.49 37.21 11.22
N THR A 100 21.69 36.41 10.52
CA THR A 100 22.12 35.84 9.24
C THR A 100 22.02 36.89 8.13
N ILE A 101 22.82 36.75 7.08
CA ILE A 101 22.76 37.68 5.96
C ILE A 101 21.41 37.58 5.28
N HIS A 102 20.79 36.41 5.38
CA HIS A 102 19.46 36.24 4.83
C HIS A 102 18.47 37.15 5.54
N SER A 103 18.56 37.21 6.86
CA SER A 103 17.73 38.13 7.65
C SER A 103 17.92 39.57 7.19
N ILE A 104 19.17 39.92 6.88
CA ILE A 104 19.54 41.27 6.49
C ILE A 104 19.11 41.57 5.06
N LEU A 105 19.63 40.80 4.12
CA LEU A 105 19.28 40.96 2.71
C LEU A 105 17.79 40.70 2.54
N LYS A 106 17.15 40.26 3.62
CA LYS A 106 15.71 39.99 3.63
C LYS A 106 15.42 38.96 2.56
N ILE A 107 15.98 37.77 2.71
CA ILE A 107 15.75 36.69 1.77
C ILE A 107 14.74 35.72 2.38
N ASN A 108 13.54 35.76 1.83
CA ASN A 108 12.38 35.07 2.38
C ASN A 108 11.84 33.89 1.57
N PRO A 109 11.70 32.72 2.23
CA PRO A 109 11.13 31.57 1.51
C PRO A 109 9.79 31.92 0.88
N VAL A 110 9.65 31.61 -0.40
CA VAL A 110 8.41 31.88 -1.12
C VAL A 110 7.85 30.58 -1.67
N THR A 111 6.65 30.23 -1.24
CA THR A 111 6.07 28.93 -1.56
C THR A 111 5.41 28.88 -2.92
N TYR A 112 5.80 27.87 -3.71
CA TYR A 112 5.15 27.55 -4.97
C TYR A 112 4.47 26.19 -4.82
N GLU A 113 3.88 25.69 -5.90
CA GLU A 113 2.93 24.59 -5.76
C GLU A 113 3.42 23.44 -4.87
N GLU A 114 4.36 22.64 -5.35
CA GLU A 114 4.96 21.62 -4.50
C GLU A 114 6.31 22.04 -3.91
N ASN A 115 6.76 23.22 -4.27
CA ASN A 115 8.14 23.61 -3.98
C ASN A 115 8.29 24.73 -2.97
N VAL A 116 9.54 25.10 -2.71
CA VAL A 116 9.84 26.30 -1.95
C VAL A 116 11.17 26.87 -2.43
N LEU A 117 11.27 28.19 -2.49
CA LEU A 117 12.48 28.85 -2.96
C LEU A 117 12.74 30.07 -2.10
N PHE A 118 14.01 30.46 -1.98
CA PHE A 118 14.35 31.65 -1.20
C PHE A 118 14.84 32.78 -2.09
N GLU A 119 14.04 33.83 -2.18
CA GLU A 119 14.33 34.97 -3.03
C GLU A 119 14.22 36.24 -2.19
N GLN A 120 14.77 37.35 -2.69
CA GLN A 120 14.75 38.58 -1.91
C GLN A 120 13.45 39.31 -2.14
N LYS A 121 12.66 39.44 -1.08
CA LYS A 121 11.35 40.08 -1.18
C LYS A 121 11.49 41.52 -1.62
N GLU A 122 12.22 42.29 -0.82
CA GLU A 122 12.48 43.70 -1.12
C GLU A 122 13.81 44.13 -0.54
N VAL A 123 14.51 44.99 -1.26
CA VAL A 123 15.80 45.50 -0.82
C VAL A 123 15.66 46.34 0.45
N PRO A 124 16.39 45.95 1.51
CA PRO A 124 16.35 46.68 2.79
C PRO A 124 16.96 48.07 2.69
N ASP A 125 16.56 48.95 3.60
CA ASP A 125 17.04 50.33 3.61
C ASP A 125 18.57 50.41 3.68
N LEU A 126 19.11 50.00 4.81
CA LEU A 126 20.57 49.92 5.00
C LEU A 126 21.31 51.26 4.99
N ALA A 127 20.63 52.33 5.38
CA ALA A 127 21.28 53.64 5.52
C ALA A 127 21.98 53.75 6.87
N LYS A 128 21.61 52.85 7.79
CA LYS A 128 22.16 52.88 9.15
C LYS A 128 23.38 51.97 9.26
N CYS A 129 23.77 51.36 8.15
CA CYS A 129 24.96 50.52 8.13
C CYS A 129 26.00 51.03 7.14
N ARG A 130 27.11 51.55 7.66
CA ARG A 130 28.25 51.88 6.81
C ARG A 130 29.39 50.84 6.80
N VAL A 131 29.28 49.83 7.65
CA VAL A 131 30.24 48.73 7.64
C VAL A 131 29.55 47.37 7.80
N LEU A 132 29.70 46.48 6.83
CA LEU A 132 29.04 45.19 6.90
C LEU A 132 30.04 44.05 7.04
N ILE A 133 30.04 43.38 8.19
CA ILE A 133 31.00 42.32 8.46
C ILE A 133 30.40 40.93 8.25
N CYS A 134 31.08 40.12 7.44
CA CYS A 134 30.64 38.75 7.19
C CYS A 134 31.63 37.72 7.73
N ASP A 135 31.09 36.59 8.17
CA ASP A 135 31.87 35.56 8.83
C ASP A 135 31.74 34.32 7.95
N GLU A 136 32.68 33.39 8.08
CA GLU A 136 32.58 32.14 7.32
C GLU A 136 32.23 32.39 5.87
N VAL A 137 32.95 33.30 5.22
CA VAL A 137 32.61 33.72 3.86
C VAL A 137 32.90 32.63 2.84
N SER A 138 33.48 31.53 3.30
CA SER A 138 33.85 30.45 2.40
C SER A 138 32.63 29.58 2.12
N TYR A 140 29.74 31.04 0.89
CA TYR A 140 28.83 31.80 0.03
C TYR A 140 28.81 31.22 -1.38
N ASP A 141 27.63 30.80 -1.82
CA ASP A 141 27.44 30.42 -3.21
C ASP A 141 27.20 31.68 -4.01
N ARG A 142 27.03 31.56 -5.33
CA ARG A 142 26.95 32.72 -6.19
C ARG A 142 25.58 33.37 -6.13
N LYS A 143 24.54 32.53 -6.13
CA LYS A 143 23.17 33.02 -6.12
C LYS A 143 22.97 33.98 -4.95
N LEU A 144 23.54 33.63 -3.80
CA LEU A 144 23.46 34.46 -2.61
C LEU A 144 24.32 35.70 -2.81
N PHE A 145 25.54 35.49 -3.32
CA PHE A 145 26.51 36.56 -3.47
C PHE A 145 25.98 37.70 -4.34
N LYS A 146 25.36 37.35 -5.46
CA LYS A 146 24.86 38.36 -6.38
C LYS A 146 23.82 39.26 -5.71
N ILE A 147 22.87 38.64 -5.01
CA ILE A 147 21.88 39.38 -4.23
C ILE A 147 22.62 40.36 -3.34
N LEU A 148 23.61 39.84 -2.62
CA LEU A 148 24.44 40.66 -1.75
C LEU A 148 24.95 41.89 -2.48
N LEU A 149 25.75 41.68 -3.51
CA LEU A 149 26.35 42.78 -4.25
C LEU A 149 25.33 43.79 -4.77
N SER A 150 24.20 43.30 -5.27
CA SER A 150 23.18 44.18 -5.83
C SER A 150 22.43 44.96 -4.76
N THR A 151 22.60 44.54 -3.50
CA THR A 151 21.91 45.18 -2.37
C THR A 151 22.70 46.29 -1.70
N ILE A 152 23.85 45.95 -1.11
CA ILE A 152 24.65 46.93 -0.38
C ILE A 152 24.84 48.19 -1.20
N PRO A 153 24.58 49.36 -0.58
CA PRO A 153 24.77 50.64 -1.26
C PRO A 153 26.24 51.04 -1.26
N PRO A 154 26.58 52.15 -1.91
CA PRO A 154 27.98 52.60 -1.97
C PRO A 154 28.52 53.08 -0.63
N TRP A 155 27.66 53.61 0.23
CA TRP A 155 28.11 54.19 1.50
C TRP A 155 28.52 53.10 2.49
N CYS A 156 28.25 51.86 2.12
CA CYS A 156 28.60 50.71 2.94
C CYS A 156 29.79 49.97 2.34
N THR A 157 30.65 49.41 3.20
CA THR A 157 31.74 48.57 2.71
C THR A 157 31.77 47.20 3.37
N ILE A 158 31.68 46.16 2.55
CA ILE A 158 31.65 44.78 3.03
C ILE A 158 33.04 44.31 3.43
N ILE A 159 33.17 43.85 4.66
CA ILE A 159 34.40 43.18 5.06
C ILE A 159 34.09 41.73 5.37
N GLY A 160 34.54 40.85 4.49
CA GLY A 160 34.34 39.43 4.69
C GLY A 160 35.55 38.80 5.36
N ILE A 161 35.34 37.70 6.05
CA ILE A 161 36.45 36.93 6.58
C ILE A 161 36.13 35.46 6.53
N GLY A 162 37.12 34.66 6.14
CA GLY A 162 36.92 33.24 5.98
C GLY A 162 38.20 32.53 5.58
N ASP A 163 38.05 31.32 5.04
CA ASP A 163 39.18 30.50 4.66
C ASP A 163 38.92 29.97 3.26
N ASN A 164 39.79 30.32 2.30
CA ASN A 164 39.63 29.84 0.92
C ASN A 164 39.82 28.34 0.82
N LYS A 165 40.50 27.77 1.81
CA LYS A 165 40.75 26.34 1.83
C LYS A 165 39.73 25.53 2.62
N GLN A 166 38.70 26.20 3.14
CA GLN A 166 37.60 25.48 3.78
C GLN A 166 36.72 24.86 2.71
N ILE A 167 35.69 24.14 3.14
CA ILE A 167 34.86 23.39 2.20
C ILE A 167 34.07 24.34 1.32
N ARG A 168 34.25 24.21 0.01
CA ARG A 168 33.61 25.12 -0.94
C ARG A 168 32.08 25.04 -0.89
N PRO A 169 31.42 26.14 -1.26
CA PRO A 169 29.96 26.22 -1.23
C PRO A 169 29.32 25.05 -1.95
N VAL A 170 28.23 24.53 -1.40
CA VAL A 170 27.52 23.45 -2.05
C VAL A 170 26.54 24.05 -3.04
N ASP A 171 26.75 23.73 -4.32
CA ASP A 171 25.90 24.22 -5.39
C ASP A 171 25.72 23.12 -6.40
N PRO A 172 24.86 22.14 -6.08
CA PRO A 172 24.64 20.97 -6.93
C PRO A 172 24.10 21.32 -8.31
N GLY A 173 23.54 22.52 -8.44
CA GLY A 173 22.93 22.95 -9.69
C GLY A 173 23.92 23.37 -10.76
N GLU A 174 25.16 23.64 -10.37
CA GLU A 174 26.15 24.19 -11.29
C GLU A 174 27.51 23.51 -11.15
N ASN A 175 28.04 23.00 -12.26
CA ASN A 175 29.32 22.29 -12.25
C ASN A 175 30.52 23.17 -12.58
N THR A 176 31.39 23.36 -11.58
CA THR A 176 32.63 24.12 -11.72
C THR A 176 33.39 24.17 -10.39
N ALA A 177 34.68 24.49 -10.44
CA ALA A 177 35.52 24.56 -9.25
C ALA A 177 34.84 25.36 -8.15
N TYR A 178 34.65 26.66 -8.42
CA TYR A 178 33.68 27.45 -7.69
C TYR A 178 33.90 27.60 -6.18
N ILE A 179 34.97 28.30 -5.80
CA ILE A 179 35.08 28.81 -4.43
C ILE A 179 34.29 30.10 -4.27
N SER A 180 33.88 30.40 -3.05
CA SER A 180 33.09 31.60 -2.76
C SER A 180 33.69 32.88 -3.34
N PRO A 181 32.85 33.70 -3.99
CA PRO A 181 33.23 34.91 -4.72
C PRO A 181 33.96 35.95 -3.87
N PHE A 182 33.89 35.85 -2.55
CA PHE A 182 34.69 36.75 -1.70
C PHE A 182 36.15 36.66 -2.11
N PHE A 183 36.55 35.47 -2.54
CA PHE A 183 37.94 35.18 -2.87
C PHE A 183 38.26 35.38 -4.36
N THR A 184 37.28 35.84 -5.13
CA THR A 184 37.43 35.99 -6.57
C THR A 184 37.04 37.38 -7.07
N HIS A 185 35.78 37.75 -6.87
CA HIS A 185 35.18 38.92 -7.50
C HIS A 185 36.05 40.17 -7.36
N LYS A 186 36.15 40.92 -8.46
CA LYS A 186 37.06 42.04 -8.58
C LYS A 186 36.96 43.10 -7.48
N ASP A 187 35.75 43.43 -7.06
CA ASP A 187 35.51 44.51 -6.09
C ASP A 187 36.17 44.30 -4.73
N PHE A 188 36.54 43.07 -4.41
CA PHE A 188 37.14 42.77 -3.13
C PHE A 188 38.66 42.70 -3.17
N TYR A 189 39.32 43.53 -2.35
CA TYR A 189 40.76 43.41 -2.19
C TYR A 189 41.01 42.46 -1.04
N GLN A 190 41.63 41.33 -1.34
CA GLN A 190 41.91 40.33 -0.31
C GLN A 190 43.37 40.26 0.09
N CYS A 191 43.60 40.30 1.40
CA CYS A 191 44.94 40.12 1.97
C CYS A 191 44.97 38.81 2.75
N GLU A 192 46.15 38.20 2.83
CA GLU A 192 46.32 36.91 3.46
C GLU A 192 46.89 37.04 4.87
N LEU A 193 46.47 36.17 5.76
CA LEU A 193 46.99 36.21 7.13
C LEU A 193 48.23 35.35 7.26
N THR A 194 49.27 35.94 7.83
CA THR A 194 50.57 35.30 7.98
C THR A 194 50.59 34.30 9.13
N GLU A 195 51.48 33.33 9.04
CA GLU A 195 51.62 32.28 10.05
C GLU A 195 51.87 32.90 11.43
N VAL A 196 51.38 32.23 12.47
CA VAL A 196 51.52 32.75 13.84
C VAL A 196 52.72 32.17 14.59
N LYS A 197 52.78 32.48 15.89
CA LYS A 197 53.86 32.00 16.76
C LYS A 197 54.02 30.50 16.66
N ARG A 198 55.26 30.05 16.49
CA ARG A 198 55.54 28.63 16.38
C ARG A 198 55.66 27.99 17.76
N SER A 199 54.77 27.03 18.01
CA SER A 199 54.70 26.32 19.26
C SER A 199 54.60 24.84 18.92
N ASN A 200 54.37 23.98 19.90
CA ASN A 200 54.13 22.60 19.55
C ASN A 200 52.69 22.56 19.07
N ALA A 201 52.53 22.22 17.80
CA ALA A 201 51.23 22.25 17.15
C ALA A 201 51.11 21.09 16.16
N PRO A 202 51.07 19.86 16.68
CA PRO A 202 51.10 18.70 15.78
C PRO A 202 49.97 18.77 14.76
N ILE A 203 48.78 19.10 15.25
CA ILE A 203 47.57 19.12 14.41
C ILE A 203 47.59 20.29 13.43
N ILE A 204 48.07 21.44 13.88
CA ILE A 204 48.12 22.63 13.03
C ILE A 204 49.07 22.40 11.86
N ASP A 205 50.19 21.74 12.13
CA ASP A 205 51.15 21.36 11.10
C ASP A 205 50.50 20.50 10.01
N VAL A 206 50.03 19.32 10.40
CA VAL A 206 49.38 18.42 9.46
C VAL A 206 48.34 19.16 8.62
N ALA A 207 47.47 19.92 9.28
CA ALA A 207 46.41 20.66 8.60
C ALA A 207 46.96 21.66 7.60
N THR A 208 48.13 22.23 7.90
CA THR A 208 48.74 23.21 7.01
C THR A 208 49.43 22.53 5.83
N ASP A 209 49.79 21.27 6.00
CA ASP A 209 50.30 20.48 4.89
C ASP A 209 49.17 19.96 4.00
N VAL A 210 48.02 19.72 4.61
CA VAL A 210 46.83 19.32 3.87
C VAL A 210 46.32 20.49 3.03
N ARG A 211 46.38 21.69 3.59
CA ARG A 211 46.03 22.89 2.84
C ARG A 211 46.94 23.04 1.64
N ASN A 212 48.17 22.56 1.78
CA ASN A 212 49.18 22.65 0.73
C ASN A 212 49.31 21.42 -0.18
N GLY A 213 48.43 20.44 0.04
CA GLY A 213 48.31 19.33 -0.88
C GLY A 213 48.79 17.94 -0.49
N LYS A 214 49.45 17.81 0.67
CA LYS A 214 49.76 16.47 1.17
C LYS A 214 48.49 15.84 1.76
N TRP A 215 48.43 14.52 1.80
CA TRP A 215 47.28 13.86 2.41
C TRP A 215 47.52 13.80 3.91
N ILE A 216 46.58 13.25 4.66
CA ILE A 216 46.74 13.19 6.10
C ILE A 216 47.86 12.22 6.46
N TYR A 217 48.58 12.53 7.53
CA TYR A 217 49.63 11.66 8.00
C TYR A 217 49.76 11.71 9.52
N ASP A 218 50.78 11.02 10.04
CA ASP A 218 50.99 10.94 11.49
C ASP A 218 52.06 11.90 11.95
N LYS A 219 51.70 12.82 12.84
CA LYS A 219 52.69 13.55 13.61
C LYS A 219 52.24 13.61 15.06
N VAL A 220 53.04 13.02 15.96
CA VAL A 220 52.68 12.96 17.37
C VAL A 220 53.78 13.55 18.25
N VAL A 221 53.39 14.48 19.11
CA VAL A 221 54.34 15.15 20.00
C VAL A 221 53.81 15.12 21.44
N ASP A 222 54.62 14.56 22.33
CA ASP A 222 54.26 14.48 23.75
C ASP A 222 53.24 13.38 24.04
N GLY A 223 52.78 12.70 23.00
CA GLY A 223 51.77 11.67 23.15
C GLY A 223 50.43 12.07 22.57
N HIS A 224 50.32 13.33 22.15
CA HIS A 224 49.11 13.80 21.50
C HIS A 224 49.42 14.35 20.11
N GLY A 225 48.61 13.95 19.13
CA GLY A 225 48.79 14.38 17.76
C GLY A 225 47.87 13.67 16.79
N VAL A 226 48.25 13.68 15.51
CA VAL A 226 47.46 13.01 14.48
C VAL A 226 47.95 11.58 14.31
N ARG A 227 47.05 10.61 14.42
CA ARG A 227 47.42 9.20 14.39
C ARG A 227 46.46 8.40 13.51
N GLY A 228 47.02 7.58 12.62
CA GLY A 228 46.21 6.79 11.70
C GLY A 228 46.13 5.31 12.01
N PHE A 229 45.36 4.59 11.21
CA PHE A 229 45.24 3.14 11.34
C PHE A 229 45.31 2.47 9.97
N THR A 230 46.31 1.61 9.78
CA THR A 230 46.53 0.97 8.49
C THR A 230 46.64 -0.56 8.61
N GLY A 231 46.84 -1.22 7.48
CA GLY A 231 47.05 -2.66 7.47
C GLY A 231 45.75 -3.44 7.42
N ASP A 232 45.88 -4.77 7.37
CA ASP A 232 44.74 -5.67 7.24
C ASP A 232 43.65 -5.37 8.26
N THR A 233 44.03 -5.20 9.51
CA THR A 233 43.09 -4.71 10.51
C THR A 233 43.24 -3.20 10.58
N ALA A 234 42.21 -2.50 10.13
CA ALA A 234 42.24 -1.05 10.04
C ALA A 234 41.08 -0.48 10.82
N LEU A 235 39.86 -0.78 10.35
CA LEU A 235 38.67 -0.31 11.02
C LEU A 235 38.57 -0.94 12.40
N ARG A 236 38.77 -2.25 12.49
CA ARG A 236 38.70 -2.94 13.78
C ARG A 236 39.60 -2.24 14.80
N ASP A 237 40.82 -1.94 14.39
CA ASP A 237 41.76 -1.21 15.25
C ASP A 237 41.21 0.17 15.57
N PHE A 238 40.84 0.90 14.53
CA PHE A 238 40.35 2.27 14.66
C PHE A 238 39.13 2.39 15.56
N VAL A 240 38.14 -0.08 17.83
CA VAL A 240 38.49 -0.58 19.15
C VAL A 240 39.18 0.50 19.96
N ASN A 241 39.87 1.40 19.25
CA ASN A 241 40.51 2.55 19.86
C ASN A 241 39.51 3.65 20.19
N TYR A 242 38.38 3.64 19.48
CA TYR A 242 37.31 4.59 19.75
C TYR A 242 36.57 4.17 21.01
N PHE A 243 35.96 3.00 20.96
CA PHE A 243 35.16 2.49 22.09
C PHE A 243 35.95 2.42 23.39
N SER A 244 37.27 2.44 23.31
CA SER A 244 38.09 2.50 24.51
C SER A 244 38.15 3.93 25.06
N ILE A 245 38.28 4.90 24.16
CA ILE A 245 38.36 6.30 24.53
C ILE A 245 37.00 6.88 24.89
N VAL A 246 36.00 6.59 24.06
CA VAL A 246 34.63 6.97 24.35
C VAL A 246 33.98 6.06 25.39
N LYS A 247 34.16 4.76 25.22
CA LYS A 247 33.55 3.77 26.11
C LYS A 247 32.04 3.95 26.16
N SER A 248 31.48 3.85 27.35
CA SER A 248 30.04 3.98 27.55
C SER A 248 29.71 5.44 27.76
N LEU A 249 30.73 6.29 27.63
CA LEU A 249 30.57 7.70 27.89
C LEU A 249 29.33 8.10 27.12
N ASP A 250 28.40 8.74 27.80
CA ASP A 250 27.27 9.30 27.10
C ASP A 250 27.69 10.71 26.74
N ASP A 251 28.91 11.08 27.11
CA ASP A 251 29.42 12.34 26.63
C ASP A 251 30.38 12.05 25.49
N LEU A 252 29.86 12.25 24.29
CA LEU A 252 30.61 12.34 23.05
C LEU A 252 30.78 13.78 22.66
N PHE A 253 30.29 14.68 23.50
CA PHE A 253 30.26 16.10 23.17
C PHE A 253 31.62 16.57 22.70
N GLU A 254 32.67 16.00 23.29
CA GLU A 254 34.04 16.31 22.87
C GLU A 254 34.68 15.30 21.89
N ASN A 255 33.96 14.24 21.55
CA ASN A 255 34.44 13.29 20.54
C ASN A 255 33.50 13.20 19.34
N ARG A 256 33.98 13.71 18.21
CA ARG A 256 33.19 13.78 17.00
C ARG A 256 33.86 12.92 15.93
N VAL A 257 33.14 11.92 15.43
CA VAL A 257 33.64 11.14 14.30
C VAL A 257 32.99 11.64 13.00
N ALA A 259 32.76 11.95 8.50
CA ALA A 259 32.87 11.25 7.24
C ALA A 259 32.30 12.13 6.13
N PHE A 260 32.62 11.81 4.88
CA PHE A 260 32.13 12.63 3.76
C PHE A 260 30.66 12.39 3.46
N THR A 261 30.33 11.16 3.07
CA THR A 261 28.95 10.77 2.75
C THR A 261 28.07 10.63 3.98
N ASN A 262 26.76 10.72 3.79
CA ASN A 262 25.82 10.45 4.87
C ASN A 262 25.64 8.94 5.05
N LYS A 263 25.81 8.20 3.96
CA LYS A 263 25.67 6.75 4.02
C LYS A 263 26.60 6.19 5.10
N SER A 264 27.84 6.67 5.10
CA SER A 264 28.84 6.24 6.08
C SER A 264 28.51 6.78 7.47
N VAL A 265 28.21 8.08 7.54
CA VAL A 265 27.86 8.70 8.81
C VAL A 265 26.75 7.91 9.48
N ASP A 266 25.73 7.56 8.71
CA ASP A 266 24.62 6.79 9.23
C ASP A 266 25.05 5.41 9.74
N LYS A 267 25.90 4.73 8.97
CA LYS A 267 26.42 3.43 9.38
C LYS A 267 27.13 3.53 10.72
N LEU A 268 27.72 4.69 10.97
CA LEU A 268 28.54 4.90 12.17
C LEU A 268 27.70 5.05 13.43
N ASN A 269 26.87 6.08 13.48
CA ASN A 269 25.96 6.26 14.62
C ASN A 269 25.26 4.96 14.98
N SER A 270 24.85 4.20 13.97
CA SER A 270 24.31 2.86 14.19
C SER A 270 25.22 2.01 15.06
N ILE A 271 26.39 1.66 14.53
CA ILE A 271 27.37 0.83 15.26
C ILE A 271 27.72 1.47 16.60
N ILE A 272 28.05 2.75 16.58
CA ILE A 272 28.46 3.45 17.80
C ILE A 272 27.39 3.40 18.88
N ARG A 273 26.18 3.86 18.55
CA ARG A 273 25.08 3.83 19.51
C ARG A 273 24.86 2.45 20.10
N LYS A 274 24.76 1.44 19.24
CA LYS A 274 24.45 0.09 19.67
C LYS A 274 25.41 -0.42 20.77
N LYS A 275 26.66 -0.01 20.69
CA LYS A 275 27.65 -0.39 21.71
C LYS A 275 27.60 0.45 23.00
N ILE A 276 27.44 1.77 22.86
CA ILE A 276 27.52 2.66 24.01
C ILE A 276 26.32 2.49 24.94
N PHE A 277 25.14 2.63 24.37
CA PHE A 277 23.91 2.24 25.05
C PHE A 277 23.64 0.87 24.47
N GLU A 278 23.43 -0.14 25.30
CA GLU A 278 23.28 -1.45 24.70
C GLU A 278 21.80 -1.62 24.44
N THR A 279 21.46 -1.53 23.17
CA THR A 279 20.09 -1.59 22.72
C THR A 279 20.07 -1.89 21.24
N ASP A 280 18.94 -2.35 20.73
CA ASP A 280 18.61 -2.03 19.36
C ASP A 280 17.37 -1.15 19.48
N LYS A 281 17.55 0.15 19.28
CA LYS A 281 16.48 1.12 19.31
C LYS A 281 16.90 2.31 18.47
N ASP A 282 15.97 2.98 17.82
CA ASP A 282 16.31 4.12 16.99
C ASP A 282 16.57 5.36 17.86
N PHE A 283 15.78 5.49 18.92
CA PHE A 283 15.97 6.58 19.87
C PHE A 283 15.87 6.08 21.30
N ILE A 284 16.65 6.68 22.19
CA ILE A 284 16.71 6.24 23.57
C ILE A 284 16.58 7.43 24.51
N VAL A 285 15.81 7.23 25.58
CA VAL A 285 15.54 8.30 26.54
C VAL A 285 16.84 8.91 27.09
N GLY A 286 16.94 10.22 27.06
CA GLY A 286 18.10 10.91 27.60
C GLY A 286 19.23 11.05 26.61
N GLU A 287 19.03 10.52 25.41
CA GLU A 287 20.03 10.67 24.34
C GLU A 287 20.01 12.09 23.81
N ILE A 288 21.15 12.55 23.31
CA ILE A 288 21.24 13.87 22.71
C ILE A 288 21.31 13.74 21.20
N ILE A 289 20.49 14.52 20.50
CA ILE A 289 20.39 14.45 19.04
C ILE A 289 20.41 15.85 18.43
N VAL A 290 20.68 15.93 17.13
CA VAL A 290 20.91 17.21 16.46
C VAL A 290 19.89 17.50 15.36
N GLN A 292 18.45 18.56 12.09
CA GLN A 292 18.92 18.77 10.72
C GLN A 292 18.19 19.91 10.01
N GLU A 293 17.01 20.25 10.52
CA GLU A 293 16.25 21.40 10.05
C GLU A 293 15.61 22.15 11.22
N PRO A 294 15.18 23.40 10.99
CA PRO A 294 14.53 24.15 12.08
C PRO A 294 13.23 23.49 12.50
N LEU A 295 12.82 23.69 13.75
CA LEU A 295 11.53 23.20 14.22
C LEU A 295 10.63 24.40 14.44
N PHE A 296 9.53 24.44 13.71
CA PHE A 296 8.62 25.59 13.76
C PHE A 296 7.33 25.29 14.50
N LYS A 297 6.93 26.22 15.35
CA LYS A 297 5.61 26.18 15.96
C LYS A 297 4.73 27.25 15.33
N THR A 298 3.55 26.86 14.88
CA THR A 298 2.68 27.76 14.12
C THR A 298 1.26 27.85 14.69
N TYR A 299 0.88 29.04 15.12
CA TYR A 299 -0.47 29.29 15.61
C TYR A 299 -1.27 30.01 14.53
N LYS A 300 -2.56 29.69 14.43
CA LYS A 300 -3.44 30.36 13.50
C LYS A 300 -4.26 31.40 14.27
N ILE A 301 -4.21 32.65 13.83
CA ILE A 301 -4.98 33.72 14.46
C ILE A 301 -5.74 34.54 13.44
N ASP A 302 -7.06 34.60 13.59
CA ASP A 302 -7.93 35.25 12.60
C ASP A 302 -7.76 34.56 11.25
N GLY A 303 -7.32 33.31 11.29
CA GLY A 303 -7.13 32.51 10.10
C GLY A 303 -5.75 32.61 9.48
N LYS A 304 -5.04 33.70 9.76
CA LYS A 304 -3.70 33.88 9.20
C LYS A 304 -2.62 33.46 10.20
N PRO A 305 -1.88 32.40 9.86
CA PRO A 305 -0.85 31.83 10.75
C PRO A 305 0.33 32.76 11.03
N VAL A 306 0.98 32.50 12.15
CA VAL A 306 2.25 33.11 12.49
C VAL A 306 3.13 31.97 13.01
N SER A 307 4.45 32.14 12.94
CA SER A 307 5.34 31.07 13.36
C SER A 307 6.59 31.58 14.07
N GLU A 308 6.97 30.93 15.17
CA GLU A 308 8.19 31.30 15.87
C GLU A 308 9.20 30.16 15.78
N ILE A 309 10.49 30.49 15.86
CA ILE A 309 11.50 29.44 15.78
C ILE A 309 11.70 28.85 17.17
N ILE A 310 11.37 27.58 17.33
CA ILE A 310 11.63 26.86 18.56
C ILE A 310 13.08 26.42 18.63
N PHE A 311 13.53 25.82 17.53
CA PHE A 311 14.86 25.23 17.42
C PHE A 311 15.49 25.65 16.09
N ASN A 312 16.69 26.20 16.16
CA ASN A 312 17.44 26.51 14.96
C ASN A 312 18.01 25.24 14.38
N ASN A 313 18.28 25.24 13.08
CA ASN A 313 18.98 24.12 12.47
C ASN A 313 20.33 23.92 13.15
N GLY A 314 20.60 22.71 13.63
CA GLY A 314 21.85 22.43 14.30
C GLY A 314 21.76 22.45 15.81
N GLN A 315 20.60 22.82 16.33
CA GLN A 315 20.36 22.78 17.77
C GLN A 315 20.46 21.35 18.27
N LEU A 316 21.22 21.13 19.32
CA LEU A 316 21.27 19.83 19.97
C LEU A 316 20.14 19.79 20.98
N VAL A 317 19.48 18.64 21.12
CA VAL A 317 18.34 18.53 22.03
C VAL A 317 18.34 17.19 22.75
N ARG A 318 17.65 17.12 23.88
CA ARG A 318 17.60 15.87 24.65
C ARG A 318 16.23 15.20 24.62
N ILE A 319 16.25 13.90 24.36
CA ILE A 319 15.05 13.08 24.37
C ILE A 319 14.54 12.86 25.79
N ILE A 320 13.26 13.12 26.00
CA ILE A 320 12.64 12.90 27.31
C ILE A 320 11.56 11.83 27.22
N GLU A 321 10.49 12.12 26.48
CA GLU A 321 9.50 11.12 26.16
C GLU A 321 9.73 10.62 24.74
N ALA A 322 10.03 9.33 24.61
CA ALA A 322 10.30 8.74 23.31
C ALA A 322 9.45 7.49 23.12
N GLU A 323 8.52 7.54 22.16
CA GLU A 323 7.64 6.42 21.90
C GLU A 323 7.33 6.24 20.41
N TYR A 324 7.27 4.99 19.96
CA TYR A 324 6.97 4.70 18.57
C TYR A 324 5.49 4.42 18.37
N THR A 325 4.81 5.33 17.68
CA THR A 325 3.39 5.19 17.39
C THR A 325 3.13 5.33 15.90
N SER A 326 1.86 5.36 15.53
CA SER A 326 1.49 5.56 14.14
C SER A 326 0.78 6.90 14.00
N THR A 327 0.41 7.25 12.78
CA THR A 327 -0.45 8.39 12.53
C THR A 327 -1.23 8.16 11.25
N PHE A 328 -2.46 8.67 11.20
CA PHE A 328 -3.16 8.68 9.93
C PHE A 328 -3.07 10.09 9.40
N VAL A 329 -2.25 10.26 8.37
CA VAL A 329 -2.11 11.52 7.69
C VAL A 329 -3.23 11.60 6.68
N LYS A 330 -3.73 12.80 6.42
CA LYS A 330 -4.61 12.98 5.28
C LYS A 330 -4.47 14.35 4.67
N ALA A 331 -5.18 14.55 3.57
CA ALA A 331 -5.27 15.85 2.94
C ALA A 331 -6.67 15.98 2.38
N ARG A 332 -7.29 17.12 2.61
CA ARG A 332 -8.57 17.38 1.99
C ARG A 332 -8.32 17.57 0.49
N GLY A 333 -8.99 16.77 -0.32
CA GLY A 333 -8.69 16.70 -1.73
C GLY A 333 -7.97 15.42 -2.11
N VAL A 334 -7.76 14.55 -1.13
CA VAL A 334 -7.21 13.22 -1.40
C VAL A 334 -8.12 12.16 -0.79
N PRO A 335 -8.32 11.05 -1.51
CA PRO A 335 -9.11 9.92 -1.00
C PRO A 335 -8.42 9.14 0.13
N GLY A 336 -9.19 8.84 1.18
CA GLY A 336 -8.73 7.96 2.23
C GLY A 336 -7.65 8.50 3.14
N GLU A 337 -7.14 7.62 4.00
CA GLU A 337 -6.07 7.97 4.92
C GLU A 337 -4.91 7.01 4.67
N TYR A 338 -3.71 7.41 5.11
CA TYR A 338 -2.53 6.56 4.99
C TYR A 338 -1.87 6.41 6.34
N LEU A 339 -1.44 5.19 6.65
CA LEU A 339 -0.83 4.94 7.95
C LEU A 339 0.68 5.10 7.88
N ILE A 340 1.18 6.12 8.57
CA ILE A 340 2.61 6.37 8.64
C ILE A 340 3.12 6.09 10.05
N ARG A 341 3.91 5.03 10.20
CA ARG A 341 4.49 4.71 11.50
C ARG A 341 5.74 5.55 11.72
N HIS A 342 5.75 6.31 12.81
CA HIS A 342 6.85 7.22 13.09
C HIS A 342 7.14 7.21 14.59
N TRP A 343 8.02 8.10 15.02
CA TRP A 343 8.30 8.25 16.44
C TRP A 343 7.64 9.50 16.98
N ASP A 344 6.96 9.37 18.12
CA ASP A 344 6.53 10.53 18.89
C ASP A 344 7.63 10.79 19.91
N LEU A 345 8.31 11.91 19.74
CA LEU A 345 9.49 12.21 20.55
C LEU A 345 9.36 13.58 21.18
N THR A 346 9.26 13.64 22.50
CA THR A 346 9.24 14.93 23.19
C THR A 346 10.68 15.30 23.55
N VAL A 347 11.05 16.53 23.22
CA VAL A 347 12.45 16.91 23.25
C VAL A 347 12.62 18.34 23.76
N GLU A 348 13.67 18.57 24.54
CA GLU A 348 13.93 19.88 25.11
C GLU A 348 15.25 20.45 24.61
N THR A 349 15.37 21.76 24.63
CA THR A 349 16.62 22.41 24.26
C THR A 349 17.74 21.93 25.16
N TYR A 350 18.84 21.50 24.56
CA TYR A 350 20.05 21.21 25.30
C TYR A 350 21.06 22.27 24.95
N GLY A 351 21.37 23.15 25.90
CA GLY A 351 22.40 24.15 25.64
C GLY A 351 22.26 25.49 26.30
N ASP A 352 23.02 26.45 25.78
CA ASP A 352 23.08 27.80 26.28
C ASP A 352 22.03 28.68 25.62
N ASP A 353 21.18 28.07 24.79
CA ASP A 353 20.12 28.81 24.10
C ASP A 353 18.77 28.78 24.84
N GLU A 354 17.77 29.42 24.23
CA GLU A 354 16.43 29.49 24.80
C GLU A 354 15.88 28.11 25.06
N TYR A 355 15.23 27.92 26.21
CA TYR A 355 14.71 26.62 26.59
C TYR A 355 13.26 26.44 26.18
N TYR A 356 13.03 25.54 25.25
CA TYR A 356 11.69 25.08 24.93
C TYR A 356 11.61 23.59 25.17
N ARG A 357 10.43 23.11 25.55
CA ARG A 357 10.17 21.69 25.58
C ARG A 357 9.06 21.44 24.57
N GLU A 358 9.29 20.51 23.66
CA GLU A 358 8.34 20.23 22.59
C GLU A 358 8.29 18.75 22.26
N LYS A 359 7.48 18.40 21.26
CA LYS A 359 7.46 17.05 20.74
C LYS A 359 7.39 17.11 19.22
N ILE A 360 8.24 16.32 18.57
CA ILE A 360 8.25 16.25 17.13
C ILE A 360 7.88 14.85 16.66
N LYS A 361 7.33 14.76 15.46
CA LYS A 361 7.09 13.48 14.82
C LYS A 361 8.30 13.22 13.92
N ILE A 362 8.87 12.03 14.04
CA ILE A 362 10.08 11.70 13.27
C ILE A 362 9.98 10.30 12.69
N ILE A 363 10.14 10.20 11.37
CA ILE A 363 10.00 8.92 10.69
C ILE A 363 11.35 8.24 10.50
N SER A 364 11.60 7.15 11.20
CA SER A 364 12.57 6.20 10.66
C SER A 364 11.89 4.89 10.35
N SER A 365 11.63 4.66 9.07
CA SER A 365 11.65 3.37 8.43
C SER A 365 11.90 3.82 7.01
N ASP A 366 12.69 3.09 6.24
CA ASP A 366 12.81 3.44 4.85
C ASP A 366 11.51 3.01 4.21
N GLU A 367 10.99 1.90 4.72
CA GLU A 367 9.66 1.40 4.38
C GLU A 367 8.60 2.46 4.63
N GLU A 368 8.60 3.04 5.82
CA GLU A 368 7.57 4.00 6.20
C GLU A 368 7.71 5.34 5.51
N LEU A 369 8.94 5.82 5.37
CA LEU A 369 9.17 7.10 4.71
C LEU A 369 8.64 7.07 3.29
N TYR A 370 9.01 6.03 2.55
CA TYR A 370 8.53 5.82 1.20
C TYR A 370 7.01 5.93 1.14
N LYS A 371 6.33 5.24 2.05
CA LYS A 371 4.87 5.31 2.14
C LYS A 371 4.40 6.75 2.24
N PHE A 372 5.14 7.58 2.96
CA PHE A 372 4.77 8.96 3.15
C PHE A 372 5.00 9.82 1.91
N ASN A 373 6.18 9.71 1.31
CA ASN A 373 6.50 10.45 0.09
C ASN A 373 5.51 10.11 -1.01
N LEU A 374 5.05 8.86 -1.01
CA LEU A 374 3.98 8.46 -1.89
C LEU A 374 2.83 9.45 -1.72
N PHE A 375 2.26 9.48 -0.53
CA PHE A 375 1.19 10.43 -0.22
C PHE A 375 1.59 11.86 -0.58
N LEU A 376 2.77 12.27 -0.17
CA LEU A 376 3.23 13.64 -0.41
C LEU A 376 3.16 14.04 -1.88
N GLY A 377 3.38 13.08 -2.77
CA GLY A 377 3.36 13.36 -4.20
C GLY A 377 1.98 13.26 -4.81
N LYS A 378 1.12 12.45 -4.21
CA LYS A 378 -0.25 12.30 -4.68
C LYS A 378 -1.05 13.59 -4.50
N THR A 379 -1.06 14.10 -3.27
CA THR A 379 -1.75 15.35 -2.96
C THR A 379 -1.14 16.50 -3.75
N ALA A 380 0.17 16.40 -4.01
CA ALA A 380 0.84 17.37 -4.85
C ALA A 380 0.22 17.33 -6.24
N GLU A 381 0.17 16.14 -6.83
CA GLU A 381 -0.37 15.97 -8.17
C GLU A 381 -1.78 16.56 -8.28
N THR A 382 -2.60 16.34 -7.25
CA THR A 382 -4.00 16.74 -7.32
C THR A 382 -4.19 18.25 -7.10
N TYR A 383 -3.30 18.87 -6.33
CA TYR A 383 -3.36 20.33 -6.17
C TYR A 383 -2.72 21.03 -7.35
N LYS A 384 -1.71 20.38 -7.95
CA LYS A 384 -1.02 20.95 -9.10
C LYS A 384 -2.01 21.18 -10.24
N ASN A 385 -2.93 20.23 -10.41
CA ASN A 385 -4.12 20.48 -11.21
C ASN A 385 -5.33 20.11 -10.38
N TRP A 386 -6.07 21.12 -9.96
CA TRP A 386 -7.29 20.90 -9.22
C TRP A 386 -8.36 21.72 -9.86
N ASN A 387 -9.31 21.08 -10.52
CA ASN A 387 -10.62 21.67 -10.54
C ASN A 387 -11.53 20.68 -9.83
N LYS A 388 -11.77 20.93 -8.54
CA LYS A 388 -13.00 20.55 -7.87
C LYS A 388 -13.89 21.76 -7.64
N GLY A 389 -13.40 22.92 -8.04
CA GLY A 389 -13.93 24.19 -7.59
C GLY A 389 -13.07 24.69 -6.45
N GLY A 390 -12.90 26.01 -6.35
CA GLY A 390 -11.89 26.57 -5.48
C GLY A 390 -10.58 26.68 -6.24
N LYS A 391 -9.47 26.79 -5.51
CA LYS A 391 -8.16 26.93 -6.15
C LYS A 391 -7.26 25.73 -5.85
N ALA A 392 -6.90 25.56 -4.58
CA ALA A 392 -6.23 24.37 -4.09
C ALA A 392 -5.96 24.52 -2.59
N PRO A 393 -6.23 23.45 -1.83
CA PRO A 393 -6.05 23.48 -0.38
C PRO A 393 -4.62 23.17 0.01
N TRP A 394 -3.68 24.00 -0.45
CA TRP A 394 -2.27 23.80 -0.16
C TRP A 394 -1.97 23.81 1.33
N SER A 395 -2.89 24.36 2.11
CA SER A 395 -2.70 24.43 3.56
C SER A 395 -2.60 23.03 4.17
N ASP A 396 -3.21 22.05 3.50
CA ASP A 396 -3.19 20.68 4.01
C ASP A 396 -2.02 19.90 3.47
N PHE A 397 -1.25 20.54 2.59
CA PHE A 397 -0.04 19.95 2.04
C PHE A 397 1.08 20.06 3.07
N TRP A 398 1.46 21.30 3.34
CA TRP A 398 2.58 21.61 4.23
C TRP A 398 2.24 21.34 5.70
N ASP A 399 1.05 21.75 6.13
CA ASP A 399 0.63 21.44 7.49
C ASP A 399 0.87 19.96 7.74
N ALA A 400 0.59 19.15 6.72
CA ALA A 400 0.74 17.70 6.81
C ALA A 400 2.19 17.26 6.65
N LYS A 401 2.94 17.94 5.80
CA LYS A 401 4.35 17.60 5.59
C LYS A 401 5.21 18.01 6.78
N SER A 402 4.94 19.19 7.33
CA SER A 402 5.71 19.74 8.43
C SER A 402 5.42 19.01 9.74
N GLN A 403 4.45 18.11 9.71
CA GLN A 403 4.16 17.26 10.85
C GLN A 403 5.38 16.46 11.30
N PHE A 404 6.34 16.23 10.39
CA PHE A 404 7.52 15.41 10.65
C PHE A 404 8.83 16.18 10.49
N SER A 405 9.78 15.97 11.42
CA SER A 405 11.10 16.61 11.34
C SER A 405 12.27 15.67 10.94
N LYS A 406 13.47 16.23 10.88
CA LYS A 406 14.68 15.49 10.55
C LYS A 406 15.71 15.59 11.68
N VAL A 407 16.28 14.47 12.10
CA VAL A 407 17.37 14.49 13.09
C VAL A 407 18.46 13.46 12.79
N LYS A 408 19.62 13.65 13.41
CA LYS A 408 20.70 12.66 13.35
C LYS A 408 21.33 12.49 14.72
N ALA A 409 21.81 11.29 15.01
CA ALA A 409 22.40 11.03 16.31
C ALA A 409 23.66 11.85 16.49
N LEU A 410 24.04 12.08 17.75
CA LEU A 410 25.14 12.98 18.07
C LEU A 410 26.52 12.52 17.59
N PRO A 411 26.85 11.24 17.83
CA PRO A 411 28.24 10.76 17.72
C PRO A 411 28.97 11.13 16.43
N ALA A 412 28.31 10.98 15.28
CA ALA A 412 28.97 11.23 14.01
C ALA A 412 28.24 12.25 13.14
N SER A 413 29.02 13.03 12.38
CA SER A 413 28.46 14.00 11.46
C SER A 413 29.26 14.00 10.16
N THR A 414 28.72 14.64 9.14
CA THR A 414 29.42 14.80 7.87
C THR A 414 30.42 15.95 7.98
N PHE A 415 31.53 15.86 7.25
CA PHE A 415 32.56 16.89 7.29
C PHE A 415 31.94 18.25 7.10
N HIS A 416 31.02 18.33 6.16
CA HIS A 416 30.34 19.58 5.88
C HIS A 416 29.66 20.17 7.10
N LYS A 417 28.88 19.35 7.81
CA LYS A 417 28.10 19.80 8.94
C LYS A 417 28.96 20.07 10.20
N ALA A 418 30.22 19.65 10.15
CA ALA A 418 31.11 19.85 11.30
C ALA A 418 31.97 21.11 11.21
N GLN A 419 31.82 21.89 10.14
CA GLN A 419 32.59 23.13 10.00
C GLN A 419 32.33 24.02 11.20
N GLY A 420 33.38 24.57 11.77
CA GLY A 420 33.24 25.50 12.88
C GLY A 420 33.06 24.87 14.25
N SER A 422 34.30 22.81 17.17
CA SER A 422 35.59 22.40 17.71
C SER A 422 35.44 21.42 18.87
N VAL A 423 36.09 20.27 18.77
CA VAL A 423 36.01 19.24 19.80
C VAL A 423 37.39 18.80 20.29
N ASP A 424 37.43 18.19 21.46
CA ASP A 424 38.70 17.73 22.03
C ASP A 424 39.39 16.78 21.08
N ARG A 425 38.70 15.71 20.70
CA ARG A 425 39.28 14.68 19.85
C ARG A 425 38.41 14.42 18.62
N ALA A 426 39.02 14.52 17.44
CA ALA A 426 38.30 14.30 16.18
C ALA A 426 38.64 12.95 15.56
N PHE A 427 37.61 12.17 15.24
CA PHE A 427 37.81 10.88 14.60
C PHE A 427 37.38 10.95 13.13
N ILE A 428 38.33 10.71 12.23
CA ILE A 428 38.09 10.88 10.80
C ILE A 428 37.99 9.57 10.03
N TYR A 429 36.96 9.44 9.19
CA TYR A 429 36.78 8.23 8.38
C TYR A 429 36.94 8.54 6.90
N THR A 430 38.08 8.14 6.34
CA THR A 430 38.44 8.36 4.92
C THR A 430 37.71 7.62 3.80
N PRO A 431 37.38 6.34 4.02
CA PRO A 431 37.03 5.45 2.90
C PRO A 431 36.08 6.03 1.85
N CYS A 432 35.05 6.76 2.25
CA CYS A 432 34.09 7.29 1.29
C CYS A 432 34.48 8.64 0.72
N ILE A 433 35.62 9.18 1.15
CA ILE A 433 36.04 10.52 0.74
C ILE A 433 36.35 10.59 -0.75
N HIS A 434 36.62 9.45 -1.35
CA HIS A 434 37.04 9.47 -2.73
CA HIS A 434 37.01 9.36 -2.75
C HIS A 434 35.90 9.83 -3.69
N TYR A 435 34.66 9.82 -3.19
CA TYR A 435 33.52 10.24 -3.99
C TYR A 435 33.63 11.74 -4.30
N ALA A 436 34.57 12.41 -3.66
CA ALA A 436 34.79 13.82 -3.89
C ALA A 436 36.02 14.00 -4.75
N ASP A 437 35.98 15.00 -5.64
CA ASP A 437 37.12 15.30 -6.49
C ASP A 437 38.25 15.84 -5.63
N VAL A 438 39.47 15.80 -6.16
CA VAL A 438 40.64 16.16 -5.37
C VAL A 438 40.53 17.50 -4.64
N GLU A 439 40.21 18.57 -5.37
CA GLU A 439 40.14 19.88 -4.77
C GLU A 439 39.31 19.85 -3.47
N LEU A 440 38.12 19.26 -3.55
CA LEU A 440 37.21 19.20 -2.40
C LEU A 440 37.68 18.25 -1.30
N ALA A 441 38.16 17.08 -1.68
CA ALA A 441 38.56 16.09 -0.69
C ALA A 441 39.67 16.64 0.18
N GLN A 442 40.43 17.59 -0.36
CA GLN A 442 41.50 18.23 0.38
C GLN A 442 40.88 19.23 1.36
N GLN A 443 39.82 19.89 0.92
CA GLN A 443 39.07 20.82 1.75
C GLN A 443 38.40 20.08 2.90
N LEU A 444 37.89 18.88 2.63
CA LEU A 444 37.29 18.04 3.65
C LEU A 444 38.30 17.66 4.72
N LEU A 445 39.42 17.07 4.32
CA LEU A 445 40.44 16.64 5.27
C LEU A 445 40.95 17.82 6.08
N TYR A 446 41.07 18.98 5.44
CA TYR A 446 41.49 20.20 6.10
C TYR A 446 40.52 20.52 7.22
N VAL A 447 39.25 20.65 6.88
CA VAL A 447 38.19 20.89 7.85
C VAL A 447 38.21 19.82 8.94
N GLY A 448 38.28 18.56 8.53
CA GLY A 448 38.29 17.46 9.46
C GLY A 448 39.40 17.55 10.47
N VAL A 449 40.62 17.76 9.98
CA VAL A 449 41.79 17.82 10.82
C VAL A 449 41.72 18.96 11.85
N THR A 450 41.29 20.14 11.41
CA THR A 450 41.31 21.32 12.27
C THR A 450 40.27 21.28 13.37
N ARG A 451 39.42 20.26 13.36
CA ARG A 451 38.38 20.14 14.38
C ARG A 451 38.91 19.75 15.75
N GLY A 452 39.85 18.82 15.80
CA GLY A 452 40.45 18.42 17.07
C GLY A 452 41.39 19.43 17.70
N ARG A 453 41.19 19.72 18.99
CA ARG A 453 42.16 20.52 19.73
C ARG A 453 43.33 19.69 20.24
N TYR A 454 43.03 18.50 20.75
CA TYR A 454 44.04 17.67 21.40
C TYR A 454 44.53 16.54 20.49
N ASP A 455 43.63 15.64 20.14
CA ASP A 455 43.97 14.51 19.29
C ASP A 455 43.15 14.47 18.00
N VAL A 456 43.70 13.85 16.97
CA VAL A 456 42.97 13.55 15.75
C VAL A 456 43.32 12.14 15.28
N PHE A 457 42.30 11.34 14.97
CA PHE A 457 42.53 9.99 14.48
C PHE A 457 41.95 9.84 13.08
N TYR A 458 42.59 9.01 12.26
CA TYR A 458 42.06 8.74 10.93
C TYR A 458 42.27 7.30 10.49
N VAL A 459 41.24 6.72 9.91
CA VAL A 459 41.36 5.44 9.23
C VAL A 459 40.86 5.66 7.81
N THR B 22 -3.12 -36.25 2.44
CA THR B 22 -2.83 -37.65 2.74
C THR B 22 -1.44 -37.90 3.33
N PHE B 23 -0.58 -36.89 3.28
CA PHE B 23 0.62 -36.88 4.12
C PHE B 23 1.58 -38.07 3.93
N ASP B 24 2.34 -38.04 2.84
CA ASP B 24 3.27 -39.12 2.50
C ASP B 24 2.55 -40.38 2.08
N ASP B 25 1.32 -40.23 1.61
CA ASP B 25 0.68 -41.24 0.79
C ASP B 25 0.45 -40.62 -0.57
N LEU B 26 1.25 -41.04 -1.54
CA LEU B 26 1.27 -40.39 -2.86
C LEU B 26 2.27 -41.09 -3.78
N THR B 27 2.34 -40.65 -5.02
CA THR B 27 3.08 -41.40 -6.04
C THR B 27 4.59 -41.37 -5.84
N GLU B 28 5.31 -42.05 -6.73
CA GLU B 28 6.74 -42.26 -6.60
C GLU B 28 7.52 -40.97 -6.44
N GLY B 29 7.61 -40.19 -7.52
CA GLY B 29 8.35 -38.95 -7.49
C GLY B 29 7.85 -38.06 -6.38
N GLN B 30 6.52 -38.05 -6.20
CA GLN B 30 5.89 -37.25 -5.16
C GLN B 30 6.40 -37.59 -3.77
N LYS B 31 6.75 -38.86 -3.55
CA LYS B 31 7.29 -39.30 -2.28
C LYS B 31 8.81 -39.22 -2.26
N ASN B 32 9.45 -39.99 -3.14
CA ASN B 32 10.90 -40.07 -3.19
C ASN B 32 11.57 -38.70 -3.15
N ALA B 33 11.06 -37.77 -3.94
CA ALA B 33 11.64 -36.43 -4.00
C ALA B 33 11.72 -35.79 -2.62
N PHE B 34 10.61 -35.82 -1.89
CA PHE B 34 10.53 -35.23 -0.56
C PHE B 34 11.66 -35.75 0.34
N ASN B 35 11.86 -37.07 0.34
CA ASN B 35 12.89 -37.67 1.17
C ASN B 35 14.29 -37.20 0.77
N ILE B 36 14.44 -36.78 -0.48
CA ILE B 36 15.70 -36.19 -0.94
C ILE B 36 15.79 -34.73 -0.51
N VAL B 37 14.63 -34.08 -0.44
CA VAL B 37 14.55 -32.68 -0.09
C VAL B 37 15.18 -32.36 1.27
N LYS B 39 17.00 -33.85 3.23
CA LYS B 39 18.39 -34.25 3.39
C LYS B 39 19.36 -33.24 2.79
N ALA B 40 18.94 -32.58 1.72
CA ALA B 40 19.76 -31.53 1.11
C ALA B 40 19.62 -30.24 1.90
N ILE B 41 18.65 -30.21 2.81
CA ILE B 41 18.41 -29.04 3.65
C ILE B 41 19.23 -29.14 4.94
N LYS B 42 18.82 -30.07 5.78
CA LYS B 42 19.45 -30.25 7.09
C LYS B 42 20.89 -30.75 6.96
N GLU B 43 21.27 -31.22 5.78
CA GLU B 43 22.68 -31.50 5.56
C GLU B 43 23.33 -30.40 4.73
N LYS B 44 24.04 -29.53 5.42
CA LYS B 44 25.06 -28.65 4.85
C LYS B 44 24.71 -28.03 3.50
N LYS B 45 25.68 -28.11 2.59
CA LYS B 45 25.61 -27.52 1.27
C LYS B 45 25.13 -28.53 0.25
N HIS B 46 24.06 -28.18 -0.45
CA HIS B 46 23.51 -29.01 -1.50
C HIS B 46 22.30 -28.29 -2.07
N HIS B 47 21.89 -28.69 -3.28
CA HIS B 47 20.78 -28.04 -3.95
C HIS B 47 19.94 -29.06 -4.72
N VAL B 48 18.66 -28.76 -4.89
CA VAL B 48 17.76 -29.67 -5.56
C VAL B 48 16.79 -28.95 -6.49
N THR B 49 16.68 -29.45 -7.71
CA THR B 49 15.68 -28.96 -8.65
C THR B 49 14.75 -30.09 -9.03
N ILE B 50 13.50 -29.97 -8.59
CA ILE B 50 12.50 -30.99 -8.86
C ILE B 50 11.86 -30.69 -10.20
N ASN B 51 12.06 -31.57 -11.18
CA ASN B 51 11.38 -31.38 -12.44
C ASN B 51 10.21 -32.33 -12.55
N GLY B 52 9.02 -31.82 -12.25
CA GLY B 52 7.77 -32.45 -12.63
C GLY B 52 7.38 -32.18 -14.07
N PRO B 53 7.16 -33.23 -14.86
CA PRO B 53 6.48 -32.95 -16.12
C PRO B 53 4.99 -32.79 -15.85
N ALA B 54 4.32 -31.90 -16.56
CA ALA B 54 2.89 -31.70 -16.34
C ALA B 54 2.16 -33.04 -16.42
N GLY B 55 1.26 -33.27 -15.48
CA GLY B 55 0.59 -34.55 -15.35
C GLY B 55 1.16 -35.33 -14.17
N THR B 56 2.34 -34.94 -13.71
CA THR B 56 2.95 -35.58 -12.56
C THR B 56 2.47 -34.91 -11.27
N GLY B 57 1.67 -33.87 -11.43
CA GLY B 57 1.09 -33.17 -10.29
C GLY B 57 2.12 -32.70 -9.28
N ALA B 58 3.14 -32.00 -9.75
CA ALA B 58 4.15 -31.45 -8.87
C ALA B 58 3.57 -30.24 -8.13
N THR B 59 2.46 -29.74 -8.64
CA THR B 59 1.85 -28.53 -8.09
C THR B 59 1.36 -28.75 -6.66
N THR B 60 0.66 -29.85 -6.43
CA THR B 60 0.22 -30.20 -5.08
C THR B 60 1.39 -30.68 -4.23
N LEU B 61 2.38 -31.28 -4.88
CA LEU B 61 3.62 -31.69 -4.22
C LEU B 61 4.30 -30.48 -3.61
N THR B 62 4.14 -29.33 -4.26
CA THR B 62 4.74 -28.08 -3.79
C THR B 62 4.01 -27.53 -2.56
N LYS B 63 2.69 -27.48 -2.63
CA LYS B 63 1.89 -27.06 -1.48
C LYS B 63 2.28 -27.90 -0.27
N PHE B 64 2.29 -29.22 -0.46
CA PHE B 64 2.67 -30.15 0.58
C PHE B 64 4.00 -29.78 1.21
N ILE B 65 5.06 -29.82 0.40
CA ILE B 65 6.41 -29.54 0.88
C ILE B 65 6.49 -28.24 1.67
N ILE B 66 5.71 -27.24 1.27
CA ILE B 66 5.61 -26.00 2.03
C ILE B 66 5.16 -26.31 3.45
N GLU B 67 4.02 -26.99 3.55
CA GLU B 67 3.42 -27.32 4.84
C GLU B 67 4.36 -28.10 5.75
N ALA B 68 4.96 -29.16 5.19
CA ALA B 68 5.89 -29.98 5.97
C ALA B 68 7.07 -29.15 6.46
N LEU B 69 7.29 -28.00 5.81
CA LEU B 69 8.35 -27.09 6.23
C LEU B 69 7.94 -26.17 7.38
N ILE B 70 6.72 -25.64 7.32
CA ILE B 70 6.23 -24.76 8.38
C ILE B 70 5.72 -25.56 9.59
N SER B 71 5.40 -26.83 9.36
CA SER B 71 5.00 -27.71 10.45
C SER B 71 6.19 -28.02 11.35
N THR B 72 7.34 -28.29 10.74
CA THR B 72 8.58 -28.51 11.47
C THR B 72 9.06 -27.21 12.11
N GLY B 73 8.45 -26.10 11.70
CA GLY B 73 8.62 -24.83 12.37
C GLY B 73 9.46 -23.78 11.67
N GLU B 74 10.15 -24.15 10.61
CA GLU B 74 11.11 -23.26 9.97
C GLU B 74 10.44 -21.94 9.57
N THR B 75 10.96 -20.83 10.09
CA THR B 75 10.43 -19.50 9.76
C THR B 75 11.26 -18.81 8.69
N GLY B 76 12.33 -19.45 8.26
CA GLY B 76 13.26 -18.84 7.33
C GLY B 76 12.91 -19.10 5.89
N ILE B 77 11.65 -19.43 5.63
CA ILE B 77 11.18 -19.78 4.29
C ILE B 77 10.55 -18.62 3.52
N ILE B 78 11.19 -18.23 2.43
CA ILE B 78 10.67 -17.20 1.55
C ILE B 78 10.37 -17.81 0.19
N LEU B 79 9.40 -17.25 -0.51
CA LEU B 79 8.98 -17.77 -1.81
C LEU B 79 9.15 -16.76 -2.94
N ALA B 80 9.95 -17.13 -3.94
CA ALA B 80 10.24 -16.25 -5.06
C ALA B 80 9.96 -16.92 -6.40
N ALA B 81 9.29 -16.19 -7.29
CA ALA B 81 8.94 -16.72 -8.60
C ALA B 81 9.42 -15.77 -9.70
N PRO B 82 9.63 -16.31 -10.92
CA PRO B 82 10.15 -15.55 -12.06
C PRO B 82 9.29 -14.34 -12.44
N THR B 83 7.96 -14.49 -12.47
CA THR B 83 7.11 -13.37 -12.90
C THR B 83 6.07 -12.96 -11.87
N HIS B 84 5.67 -11.69 -11.91
CA HIS B 84 4.63 -11.18 -11.03
C HIS B 84 3.39 -12.04 -11.14
N ALA B 85 3.11 -12.51 -12.35
CA ALA B 85 1.95 -13.34 -12.59
C ALA B 85 2.11 -14.71 -11.95
N ALA B 86 3.33 -15.25 -12.01
CA ALA B 86 3.60 -16.58 -11.46
C ALA B 86 3.86 -16.51 -9.95
N LYS B 87 3.99 -15.30 -9.43
CA LYS B 87 4.12 -15.11 -7.99
C LYS B 87 2.75 -15.15 -7.31
N LYS B 88 1.74 -14.61 -7.99
CA LYS B 88 0.40 -14.59 -7.45
C LYS B 88 -0.16 -16.00 -7.37
N ILE B 89 -0.01 -16.76 -8.44
CA ILE B 89 -0.43 -18.17 -8.47
C ILE B 89 0.31 -18.95 -7.39
N LEU B 90 1.43 -18.41 -6.95
CA LEU B 90 2.19 -18.99 -5.85
C LEU B 90 1.64 -18.51 -4.50
N SER B 91 1.68 -17.20 -4.28
CA SER B 91 1.26 -16.61 -3.01
C SER B 91 -0.06 -17.17 -2.50
N LYS B 92 -1.03 -17.35 -3.40
CA LYS B 92 -2.33 -17.87 -3.01
C LYS B 92 -2.34 -19.39 -3.00
N LEU B 93 -1.36 -20.01 -3.65
CA LEU B 93 -1.27 -21.46 -3.66
C LEU B 93 -0.85 -21.99 -2.29
N SER B 94 0.26 -21.46 -1.78
CA SER B 94 0.75 -21.85 -0.46
C SER B 94 -0.03 -21.14 0.64
N GLY B 95 -0.30 -19.86 0.45
CA GLY B 95 -1.01 -19.06 1.42
C GLY B 95 -0.10 -18.07 2.13
N LYS B 96 1.21 -18.26 1.97
CA LYS B 96 2.17 -17.31 2.50
C LYS B 96 2.45 -16.28 1.42
N GLU B 97 2.61 -15.02 1.84
CA GLU B 97 2.92 -13.95 0.90
C GLU B 97 4.28 -14.20 0.24
N ALA B 98 4.29 -14.19 -1.09
CA ALA B 98 5.50 -14.47 -1.85
C ALA B 98 5.74 -13.39 -2.89
N SER B 99 7.01 -13.04 -3.08
CA SER B 99 7.37 -12.01 -4.05
C SER B 99 8.29 -12.56 -5.14
N THR B 100 8.65 -11.71 -6.09
CA THR B 100 9.50 -12.12 -7.21
C THR B 100 10.97 -12.15 -6.77
N ILE B 101 11.73 -13.12 -7.29
CA ILE B 101 13.13 -13.25 -6.94
C ILE B 101 13.86 -11.93 -7.18
N HIS B 102 13.49 -11.24 -8.25
CA HIS B 102 14.11 -9.97 -8.58
C HIS B 102 14.00 -8.97 -7.44
N SER B 103 12.86 -8.95 -6.76
CA SER B 103 12.66 -8.10 -5.59
C SER B 103 13.57 -8.57 -4.46
N ILE B 104 13.60 -9.89 -4.25
CA ILE B 104 14.41 -10.49 -3.19
C ILE B 104 15.90 -10.25 -3.38
N LEU B 105 16.36 -10.37 -4.62
CA LEU B 105 17.77 -10.18 -4.95
C LEU B 105 18.09 -8.69 -5.18
N LYS B 106 17.09 -7.84 -4.98
CA LYS B 106 17.23 -6.40 -5.13
C LYS B 106 17.78 -6.01 -6.50
N ILE B 107 17.34 -6.72 -7.53
CA ILE B 107 17.67 -6.35 -8.91
C ILE B 107 16.72 -5.24 -9.35
N ASN B 108 17.30 -4.10 -9.69
CA ASN B 108 16.50 -2.93 -10.02
C ASN B 108 16.82 -2.39 -11.40
N PRO B 109 15.91 -1.60 -11.96
CA PRO B 109 16.20 -0.94 -13.23
C PRO B 109 17.19 0.18 -12.99
N VAL B 110 18.16 0.32 -13.88
CA VAL B 110 19.11 1.41 -13.80
C VAL B 110 19.16 2.10 -15.15
N THR B 111 18.76 3.37 -15.18
CA THR B 111 18.65 4.07 -16.45
C THR B 111 20.02 4.54 -16.92
N TYR B 112 20.44 4.00 -18.06
CA TYR B 112 21.61 4.49 -18.77
C TYR B 112 21.14 5.41 -19.88
N GLU B 113 22.02 5.80 -20.80
CA GLU B 113 21.70 6.93 -21.66
C GLU B 113 20.29 6.84 -22.25
N GLU B 114 20.10 6.00 -23.25
CA GLU B 114 18.78 5.82 -23.83
C GLU B 114 18.04 4.59 -23.29
N ASN B 115 18.75 3.74 -22.57
CA ASN B 115 18.21 2.42 -22.24
C ASN B 115 18.05 2.16 -20.75
N VAL B 116 17.52 0.98 -20.46
CA VAL B 116 17.31 0.55 -19.09
C VAL B 116 17.87 -0.86 -18.90
N LEU B 117 18.75 -1.03 -17.94
CA LEU B 117 19.29 -2.35 -17.63
C LEU B 117 18.95 -2.76 -16.21
N PHE B 118 18.80 -4.07 -16.00
CA PHE B 118 18.45 -4.57 -14.68
C PHE B 118 19.65 -5.18 -13.98
N GLU B 119 20.09 -4.51 -12.92
CA GLU B 119 21.29 -4.91 -12.21
C GLU B 119 21.06 -4.98 -10.72
N GLN B 120 21.96 -5.67 -10.02
CA GLN B 120 21.87 -5.78 -8.57
C GLN B 120 22.52 -4.55 -7.99
N LYS B 121 21.73 -3.73 -7.30
CA LYS B 121 22.25 -2.49 -6.74
C LYS B 121 23.23 -2.84 -5.62
N GLU B 122 22.99 -3.96 -4.97
CA GLU B 122 23.89 -4.52 -3.98
C GLU B 122 23.28 -5.80 -3.44
N VAL B 123 24.09 -6.61 -2.78
CA VAL B 123 23.58 -7.84 -2.17
C VAL B 123 22.72 -7.47 -0.97
N PRO B 124 21.56 -8.13 -0.84
CA PRO B 124 20.71 -7.90 0.33
C PRO B 124 21.18 -8.73 1.53
N ASP B 125 20.50 -8.57 2.66
CA ASP B 125 20.85 -9.28 3.89
C ASP B 125 21.03 -10.78 3.68
N LEU B 126 19.93 -11.46 3.35
CA LEU B 126 19.93 -12.91 3.12
C LEU B 126 20.33 -13.75 4.32
N ALA B 127 20.20 -13.19 5.52
CA ALA B 127 20.45 -13.96 6.74
C ALA B 127 19.22 -14.76 7.16
N LYS B 128 18.04 -14.23 6.88
CA LYS B 128 16.79 -14.79 7.39
C LYS B 128 16.20 -15.87 6.49
N CYS B 129 16.91 -16.21 5.44
CA CYS B 129 16.47 -17.30 4.57
C CYS B 129 17.27 -18.58 4.81
N ARG B 130 16.62 -19.57 5.40
CA ARG B 130 17.20 -20.89 5.52
C ARG B 130 16.83 -21.70 4.28
N VAL B 131 15.53 -21.90 4.08
CA VAL B 131 15.03 -22.53 2.87
C VAL B 131 14.34 -21.53 1.94
N LEU B 132 14.89 -21.40 0.72
CA LEU B 132 14.25 -20.61 -0.33
C LEU B 132 13.82 -21.52 -1.47
N ILE B 133 12.54 -21.46 -1.81
CA ILE B 133 12.02 -22.28 -2.90
C ILE B 133 11.79 -21.41 -4.13
N CYS B 134 12.16 -21.94 -5.29
CA CYS B 134 12.03 -21.20 -6.55
C CYS B 134 10.99 -21.80 -7.50
N ASP B 135 9.97 -21.00 -7.80
CA ASP B 135 8.88 -21.42 -8.67
C ASP B 135 9.26 -21.30 -10.14
N GLU B 136 8.70 -22.18 -10.97
CA GLU B 136 8.82 -22.06 -12.43
C GLU B 136 10.24 -21.74 -12.88
N VAL B 137 11.21 -22.52 -12.42
CA VAL B 137 12.61 -22.29 -12.74
C VAL B 137 12.87 -22.33 -14.26
N SER B 138 11.92 -22.92 -14.99
CA SER B 138 12.06 -23.08 -16.42
C SER B 138 12.36 -21.75 -17.11
N TYR B 140 14.18 -19.13 -15.87
CA TYR B 140 15.42 -18.47 -15.48
C TYR B 140 16.42 -18.43 -16.63
N ASP B 141 16.99 -17.26 -16.88
CA ASP B 141 18.09 -17.15 -17.83
C ASP B 141 19.39 -17.07 -17.05
N ARG B 142 20.51 -17.06 -17.78
CA ARG B 142 21.83 -17.03 -17.15
C ARG B 142 22.08 -15.81 -16.27
N LYS B 143 22.07 -14.63 -16.86
CA LYS B 143 22.40 -13.41 -16.13
C LYS B 143 21.60 -13.33 -14.83
N LEU B 144 20.40 -13.91 -14.83
CA LEU B 144 19.59 -13.98 -13.61
C LEU B 144 20.12 -15.08 -12.68
N PHE B 145 20.38 -16.25 -13.24
CA PHE B 145 20.84 -17.39 -12.45
C PHE B 145 22.17 -17.09 -11.74
N LYS B 146 23.07 -16.42 -12.45
CA LYS B 146 24.37 -16.07 -11.88
C LYS B 146 24.20 -15.18 -10.66
N ILE B 147 23.32 -14.19 -10.79
CA ILE B 147 23.03 -13.28 -9.68
C ILE B 147 22.50 -14.06 -8.48
N LEU B 148 21.69 -15.07 -8.76
CA LEU B 148 21.17 -15.94 -7.71
C LEU B 148 22.31 -16.55 -6.88
N LEU B 149 23.14 -17.37 -7.53
CA LEU B 149 24.25 -18.05 -6.86
C LEU B 149 25.21 -17.08 -6.18
N SER B 150 25.58 -16.01 -6.88
CA SER B 150 26.53 -15.03 -6.36
C SER B 150 25.99 -14.35 -5.10
N THR B 151 24.71 -14.56 -4.83
CA THR B 151 24.06 -13.93 -3.69
C THR B 151 23.78 -14.91 -2.55
N ILE B 152 22.96 -15.92 -2.81
CA ILE B 152 22.52 -16.86 -1.78
C ILE B 152 23.67 -17.40 -0.95
N PRO B 153 23.54 -17.31 0.39
CA PRO B 153 24.54 -17.76 1.35
C PRO B 153 24.64 -19.29 1.42
N PRO B 154 25.74 -19.81 1.98
CA PRO B 154 25.96 -21.24 2.17
C PRO B 154 25.01 -21.85 3.20
N TRP B 155 24.42 -20.99 4.03
CA TRP B 155 23.49 -21.46 5.06
C TRP B 155 22.05 -21.47 4.53
N CYS B 156 21.90 -21.17 3.25
CA CYS B 156 20.61 -21.21 2.58
C CYS B 156 20.61 -22.20 1.43
N THR B 157 19.84 -23.28 1.59
CA THR B 157 19.72 -24.29 0.53
C THR B 157 18.49 -24.03 -0.34
N ILE B 158 18.72 -23.97 -1.65
CA ILE B 158 17.68 -23.66 -2.61
C ILE B 158 16.99 -24.90 -3.15
N ILE B 159 15.67 -24.79 -3.34
CA ILE B 159 14.94 -25.83 -4.04
C ILE B 159 14.16 -25.20 -5.18
N GLY B 160 14.57 -25.49 -6.41
CA GLY B 160 13.80 -25.06 -7.55
C GLY B 160 12.85 -26.15 -8.01
N ILE B 161 11.75 -25.76 -8.64
CA ILE B 161 10.93 -26.73 -9.35
C ILE B 161 10.48 -26.10 -10.67
N GLY B 162 9.81 -26.89 -11.49
CA GLY B 162 9.39 -26.42 -12.79
C GLY B 162 9.45 -27.57 -13.76
N ASP B 163 9.29 -27.27 -15.05
CA ASP B 163 9.39 -28.31 -16.06
C ASP B 163 10.52 -27.98 -17.03
N ASN B 164 11.41 -28.93 -17.27
CA ASN B 164 12.54 -28.70 -18.18
C ASN B 164 12.14 -28.83 -19.64
N LYS B 165 11.01 -29.49 -19.89
CA LYS B 165 10.47 -29.64 -21.24
C LYS B 165 9.54 -28.47 -21.58
N GLN B 166 9.45 -27.52 -20.66
CA GLN B 166 8.66 -26.31 -20.86
C GLN B 166 9.42 -25.38 -21.79
N ILE B 167 8.93 -24.15 -21.97
CA ILE B 167 9.58 -23.22 -22.87
C ILE B 167 10.85 -22.63 -22.27
N ARG B 168 11.96 -22.81 -22.97
CA ARG B 168 13.26 -22.33 -22.52
C ARG B 168 13.26 -20.80 -22.37
N PRO B 169 14.17 -20.28 -21.53
CA PRO B 169 14.23 -18.84 -21.28
C PRO B 169 14.45 -18.05 -22.56
N VAL B 170 14.08 -16.78 -22.56
CA VAL B 170 14.30 -15.94 -23.73
C VAL B 170 15.49 -15.05 -23.50
N ASP B 171 16.58 -15.35 -24.19
CA ASP B 171 17.85 -14.65 -24.03
C ASP B 171 18.49 -14.46 -25.41
N PRO B 172 18.08 -13.41 -26.13
CA PRO B 172 18.56 -13.16 -27.49
C PRO B 172 20.09 -13.11 -27.60
N GLY B 173 20.74 -12.63 -26.54
CA GLY B 173 22.18 -12.45 -26.54
C GLY B 173 22.99 -13.65 -26.98
N GLU B 174 22.54 -14.85 -26.60
CA GLU B 174 23.32 -16.05 -26.83
C GLU B 174 22.60 -17.08 -27.67
N ASN B 175 23.33 -17.68 -28.61
CA ASN B 175 22.80 -18.75 -29.45
C ASN B 175 23.14 -20.12 -28.87
N THR B 176 22.12 -20.84 -28.43
CA THR B 176 22.33 -22.14 -27.78
C THR B 176 21.00 -22.78 -27.38
N ALA B 177 21.04 -24.09 -27.14
CA ALA B 177 19.89 -24.82 -26.62
C ALA B 177 19.46 -24.13 -25.34
N TYR B 178 20.32 -24.18 -24.34
CA TYR B 178 20.23 -23.27 -23.22
C TYR B 178 18.89 -23.41 -22.48
N ILE B 179 18.66 -24.58 -21.90
CA ILE B 179 17.58 -24.76 -20.93
C ILE B 179 18.08 -24.22 -19.58
N SER B 180 17.17 -23.88 -18.69
CA SER B 180 17.55 -23.26 -17.43
C SER B 180 18.62 -24.07 -16.69
N PRO B 181 19.59 -23.36 -16.09
CA PRO B 181 20.70 -23.90 -15.29
C PRO B 181 20.26 -24.84 -14.16
N PHE B 182 19.08 -24.61 -13.59
CA PHE B 182 18.58 -25.44 -12.51
C PHE B 182 18.68 -26.93 -12.85
N PHE B 183 18.42 -27.25 -14.12
CA PHE B 183 18.41 -28.64 -14.57
C PHE B 183 19.78 -29.19 -14.98
N THR B 184 20.75 -28.30 -15.13
CA THR B 184 22.06 -28.68 -15.63
C THR B 184 23.17 -28.49 -14.60
N HIS B 185 23.37 -27.25 -14.16
CA HIS B 185 24.46 -26.92 -13.25
C HIS B 185 24.49 -27.88 -12.05
N LYS B 186 25.69 -28.41 -11.78
CA LYS B 186 25.87 -29.57 -10.90
C LYS B 186 25.37 -29.42 -9.47
N ASP B 187 25.44 -28.21 -8.92
CA ASP B 187 25.13 -28.00 -7.51
C ASP B 187 23.71 -28.45 -7.11
N PHE B 188 22.85 -28.58 -8.11
CA PHE B 188 21.48 -29.04 -7.88
C PHE B 188 21.30 -30.50 -8.27
N TYR B 189 20.97 -31.33 -7.30
CA TYR B 189 20.61 -32.71 -7.60
C TYR B 189 19.17 -32.74 -8.09
N GLN B 190 18.94 -33.35 -9.25
CA GLN B 190 17.63 -33.31 -9.87
C GLN B 190 16.86 -34.62 -9.80
N CYS B 191 15.78 -34.60 -9.02
CA CYS B 191 14.86 -35.72 -8.99
C CYS B 191 13.79 -35.52 -10.06
N GLU B 192 13.53 -36.57 -10.83
CA GLU B 192 12.53 -36.51 -11.89
C GLU B 192 11.19 -37.04 -11.38
N LEU B 193 10.17 -36.19 -11.42
CA LEU B 193 8.84 -36.61 -10.97
C LEU B 193 8.28 -37.72 -11.85
N THR B 194 7.36 -38.50 -11.29
CA THR B 194 6.89 -39.71 -11.95
C THR B 194 5.43 -39.63 -12.37
N GLU B 195 4.91 -40.74 -12.90
CA GLU B 195 3.54 -40.77 -13.38
C GLU B 195 2.52 -40.76 -12.25
N VAL B 196 1.25 -40.82 -12.64
CA VAL B 196 0.13 -40.90 -11.71
C VAL B 196 -0.94 -41.76 -12.37
N LYS B 197 -2.14 -41.80 -11.78
CA LYS B 197 -3.20 -42.62 -12.35
C LYS B 197 -3.63 -42.05 -13.69
N ARG B 198 -3.52 -42.86 -14.73
CA ARG B 198 -3.97 -42.44 -16.05
C ARG B 198 -5.38 -42.98 -16.20
N SER B 199 -6.36 -42.10 -16.16
CA SER B 199 -7.74 -42.56 -16.08
C SER B 199 -8.41 -42.44 -17.43
N ASN B 200 -8.85 -41.22 -17.74
CA ASN B 200 -9.06 -40.80 -19.10
C ASN B 200 -8.48 -39.40 -19.15
N ALA B 201 -7.37 -39.24 -19.86
CA ALA B 201 -6.66 -37.99 -19.87
C ALA B 201 -6.11 -37.75 -21.25
N PRO B 202 -7.00 -37.58 -22.22
CA PRO B 202 -6.60 -37.43 -23.62
C PRO B 202 -5.54 -36.36 -23.75
N ILE B 203 -5.76 -35.22 -23.07
CA ILE B 203 -4.83 -34.10 -23.12
C ILE B 203 -3.45 -34.47 -22.55
N ILE B 204 -3.43 -34.91 -21.29
CA ILE B 204 -2.17 -35.20 -20.62
C ILE B 204 -1.33 -36.23 -21.37
N ASP B 205 -2.00 -37.16 -22.05
CA ASP B 205 -1.32 -38.20 -22.80
C ASP B 205 -0.71 -37.64 -24.08
N VAL B 206 -1.42 -36.74 -24.73
CA VAL B 206 -0.91 -36.07 -25.92
C VAL B 206 0.25 -35.14 -25.54
N ALA B 207 0.19 -34.59 -24.34
CA ALA B 207 1.23 -33.69 -23.85
C ALA B 207 2.52 -34.43 -23.56
N THR B 208 2.41 -35.62 -22.98
CA THR B 208 3.57 -36.45 -22.71
C THR B 208 4.22 -36.92 -24.01
N ASP B 209 3.40 -37.44 -24.92
CA ASP B 209 3.87 -37.86 -26.23
C ASP B 209 4.53 -36.70 -26.96
N VAL B 210 4.06 -35.49 -26.71
CA VAL B 210 4.57 -34.31 -27.39
C VAL B 210 5.99 -33.92 -26.97
N ARG B 211 6.20 -33.77 -25.66
CA ARG B 211 7.53 -33.40 -25.17
C ARG B 211 8.57 -34.42 -25.57
N ASN B 212 8.10 -35.62 -25.90
CA ASN B 212 8.99 -36.72 -26.28
C ASN B 212 9.29 -36.74 -27.77
N GLY B 213 8.82 -35.72 -28.48
CA GLY B 213 9.18 -35.53 -29.87
C GLY B 213 8.10 -35.81 -30.91
N LYS B 214 6.94 -36.25 -30.45
CA LYS B 214 5.81 -36.49 -31.35
C LYS B 214 4.99 -35.22 -31.52
N TRP B 215 4.63 -34.90 -32.76
CA TRP B 215 3.78 -33.74 -33.02
C TRP B 215 2.33 -34.01 -32.61
N ILE B 216 1.57 -32.94 -32.46
CA ILE B 216 0.19 -33.03 -31.98
C ILE B 216 -0.64 -33.99 -32.82
N TYR B 217 -1.54 -34.72 -32.16
CA TYR B 217 -2.40 -35.68 -32.83
C TYR B 217 -3.75 -35.78 -32.13
N ASP B 218 -4.73 -36.40 -32.80
CA ASP B 218 -6.07 -36.53 -32.23
C ASP B 218 -6.16 -37.65 -31.20
N LYS B 219 -6.59 -37.30 -29.99
CA LYS B 219 -7.01 -38.28 -29.01
C LYS B 219 -8.29 -37.79 -28.35
N VAL B 220 -9.37 -38.54 -28.50
CA VAL B 220 -10.67 -38.13 -27.96
C VAL B 220 -11.29 -39.23 -27.12
N VAL B 221 -11.75 -38.85 -25.93
CA VAL B 221 -12.35 -39.82 -25.01
C VAL B 221 -13.57 -39.24 -24.30
N ASP B 222 -14.69 -39.95 -24.34
CA ASP B 222 -15.91 -39.49 -23.69
C ASP B 222 -16.46 -38.23 -24.37
N GLY B 223 -15.76 -37.76 -25.39
CA GLY B 223 -16.18 -36.58 -26.13
C GLY B 223 -15.27 -35.36 -25.98
N HIS B 224 -14.30 -35.44 -25.09
CA HIS B 224 -13.37 -34.33 -24.90
C HIS B 224 -11.92 -34.78 -25.01
N GLY B 225 -11.09 -33.92 -25.60
CA GLY B 225 -9.70 -34.25 -25.87
C GLY B 225 -9.07 -33.32 -26.89
N VAL B 226 -8.06 -33.81 -27.59
CA VAL B 226 -7.38 -33.05 -28.63
C VAL B 226 -7.96 -33.36 -30.02
N ARG B 227 -8.56 -32.35 -30.65
CA ARG B 227 -9.15 -32.50 -31.97
C ARG B 227 -8.48 -31.55 -32.94
N GLY B 228 -8.15 -32.03 -34.14
CA GLY B 228 -7.48 -31.21 -35.14
C GLY B 228 -8.33 -30.79 -36.34
N PHE B 229 -7.74 -29.95 -37.18
CA PHE B 229 -8.35 -29.56 -38.45
C PHE B 229 -7.29 -29.53 -39.56
N THR B 230 -7.51 -30.28 -40.63
CA THR B 230 -6.61 -30.21 -41.80
C THR B 230 -7.37 -30.13 -43.11
N GLY B 231 -6.63 -29.99 -44.20
CA GLY B 231 -7.23 -29.85 -45.52
C GLY B 231 -7.32 -28.40 -45.99
N ASP B 232 -7.77 -28.23 -47.23
CA ASP B 232 -7.91 -26.90 -47.83
C ASP B 232 -8.90 -26.04 -47.04
N THR B 233 -9.84 -26.67 -46.36
CA THR B 233 -10.59 -25.97 -45.33
C THR B 233 -10.21 -26.56 -43.98
N ALA B 234 -9.41 -25.81 -43.24
CA ALA B 234 -8.98 -26.19 -41.91
C ALA B 234 -9.20 -24.97 -41.04
N LEU B 235 -8.44 -23.92 -41.35
CA LEU B 235 -8.57 -22.66 -40.66
C LEU B 235 -10.04 -22.24 -40.61
N ARG B 236 -10.74 -22.40 -41.72
CA ARG B 236 -12.15 -22.03 -41.76
C ARG B 236 -12.96 -22.89 -40.80
N ASP B 237 -12.82 -24.20 -40.94
CA ASP B 237 -13.51 -25.13 -40.04
C ASP B 237 -13.15 -24.85 -38.59
N PHE B 238 -11.86 -24.68 -38.33
CA PHE B 238 -11.37 -24.46 -36.97
C PHE B 238 -11.83 -23.12 -36.40
N VAL B 240 -14.78 -21.48 -37.37
CA VAL B 240 -16.20 -21.62 -37.11
C VAL B 240 -16.39 -22.48 -35.87
N ASN B 241 -15.32 -23.17 -35.48
CA ASN B 241 -15.35 -24.00 -34.28
C ASN B 241 -15.20 -23.14 -33.03
N TYR B 242 -14.24 -22.22 -33.05
CA TYR B 242 -14.06 -21.29 -31.95
C TYR B 242 -15.32 -20.50 -31.74
N PHE B 243 -15.78 -19.83 -32.79
CA PHE B 243 -16.96 -18.98 -32.72
C PHE B 243 -18.18 -19.75 -32.26
N SER B 244 -18.13 -21.07 -32.35
CA SER B 244 -19.21 -21.92 -31.87
C SER B 244 -19.18 -22.07 -30.35
N ILE B 245 -17.99 -22.28 -29.81
CA ILE B 245 -17.82 -22.43 -28.36
C ILE B 245 -17.87 -21.07 -27.68
N VAL B 246 -17.33 -20.07 -28.36
CA VAL B 246 -17.17 -18.73 -27.82
C VAL B 246 -18.39 -17.84 -28.07
N LYS B 247 -18.67 -17.61 -29.35
CA LYS B 247 -19.77 -16.74 -29.75
C LYS B 247 -19.65 -15.34 -29.15
N SER B 248 -20.79 -14.80 -28.73
CA SER B 248 -20.83 -13.47 -28.14
C SER B 248 -20.31 -13.47 -26.71
N LEU B 249 -19.97 -14.65 -26.19
CA LEU B 249 -19.53 -14.72 -24.82
C LEU B 249 -18.47 -13.64 -24.70
N ASP B 250 -18.65 -12.73 -23.76
CA ASP B 250 -17.57 -11.85 -23.41
C ASP B 250 -16.82 -12.59 -22.32
N ASP B 251 -17.32 -13.77 -21.98
CA ASP B 251 -16.53 -14.64 -21.15
C ASP B 251 -15.91 -15.67 -22.09
N LEU B 252 -14.68 -15.35 -22.48
CA LEU B 252 -13.75 -16.24 -23.14
C LEU B 252 -12.71 -16.68 -22.14
N PHE B 253 -12.87 -16.24 -20.89
CA PHE B 253 -11.84 -16.39 -19.87
C PHE B 253 -11.27 -17.80 -19.83
N GLU B 254 -12.11 -18.80 -20.08
CA GLU B 254 -11.65 -20.18 -20.10
C GLU B 254 -11.36 -20.76 -21.49
N ASN B 255 -11.57 -19.97 -22.54
CA ASN B 255 -11.13 -20.33 -23.89
C ASN B 255 -10.04 -19.39 -24.41
N ARG B 256 -8.80 -19.90 -24.47
CA ARG B 256 -7.69 -19.10 -24.92
C ARG B 256 -7.13 -19.68 -26.21
N VAL B 257 -6.84 -18.80 -27.16
CA VAL B 257 -6.18 -19.23 -28.40
C VAL B 257 -4.74 -18.72 -28.42
N ALA B 259 -0.56 -18.76 -30.26
CA ALA B 259 0.26 -18.85 -31.45
C ALA B 259 1.69 -18.44 -31.12
N PHE B 260 2.64 -18.78 -31.98
CA PHE B 260 4.04 -18.47 -31.73
C PHE B 260 4.37 -16.99 -31.94
N THR B 261 3.97 -16.45 -33.09
CA THR B 261 4.30 -15.07 -33.44
C THR B 261 3.21 -14.11 -33.03
N ASN B 262 3.61 -12.96 -32.51
CA ASN B 262 2.66 -11.91 -32.24
C ASN B 262 1.91 -11.57 -33.52
N LYS B 263 2.60 -11.68 -34.65
CA LYS B 263 2.01 -11.42 -35.95
C LYS B 263 0.68 -12.17 -36.13
N SER B 264 0.67 -13.45 -35.78
CA SER B 264 -0.53 -14.26 -35.91
C SER B 264 -1.49 -13.98 -34.76
N VAL B 265 -0.95 -13.71 -33.58
CA VAL B 265 -1.76 -13.42 -32.40
C VAL B 265 -2.58 -12.15 -32.58
N ASP B 266 -1.98 -11.14 -33.19
CA ASP B 266 -2.69 -9.91 -33.50
C ASP B 266 -3.72 -10.12 -34.60
N LYS B 267 -3.32 -10.81 -35.66
CA LYS B 267 -4.25 -11.17 -36.72
C LYS B 267 -5.47 -11.85 -36.10
N LEU B 268 -5.22 -12.76 -35.17
CA LEU B 268 -6.30 -13.54 -34.55
C LEU B 268 -7.22 -12.71 -33.65
N ASN B 269 -6.63 -11.90 -32.78
CA ASN B 269 -7.42 -11.01 -31.94
C ASN B 269 -8.28 -10.10 -32.80
N SER B 270 -7.67 -9.55 -33.84
CA SER B 270 -8.39 -8.69 -34.78
C SER B 270 -9.65 -9.38 -35.29
N ILE B 271 -9.51 -10.64 -35.73
CA ILE B 271 -10.65 -11.41 -36.23
C ILE B 271 -11.70 -11.66 -35.15
N ILE B 272 -11.28 -12.28 -34.05
CA ILE B 272 -12.19 -12.67 -32.98
C ILE B 272 -12.99 -11.47 -32.47
N ARG B 273 -12.31 -10.36 -32.22
CA ARG B 273 -13.00 -9.13 -31.82
C ARG B 273 -14.09 -8.76 -32.79
N LYS B 274 -13.73 -8.49 -34.04
CA LYS B 274 -14.69 -8.01 -35.03
C LYS B 274 -15.95 -8.88 -35.06
N LYS B 275 -15.79 -10.16 -34.77
CA LYS B 275 -16.94 -11.07 -34.72
C LYS B 275 -17.71 -10.95 -33.40
N ILE B 276 -17.06 -11.30 -32.29
CA ILE B 276 -17.73 -11.40 -30.99
C ILE B 276 -18.55 -10.16 -30.65
N PHE B 277 -17.88 -9.05 -30.38
CA PHE B 277 -18.57 -7.78 -30.26
C PHE B 277 -18.22 -6.96 -31.47
N GLU B 278 -19.18 -6.80 -32.38
CA GLU B 278 -18.86 -6.24 -33.70
C GLU B 278 -18.39 -4.80 -33.58
N THR B 279 -17.17 -4.56 -34.05
CA THR B 279 -16.65 -3.21 -34.18
C THR B 279 -15.47 -3.19 -35.13
N ASP B 280 -15.19 -2.02 -35.67
CA ASP B 280 -13.92 -1.79 -36.36
C ASP B 280 -13.00 -1.11 -35.37
N LYS B 281 -13.56 -0.84 -34.18
CA LYS B 281 -12.89 -0.07 -33.14
C LYS B 281 -11.81 -0.88 -32.41
N ASP B 282 -10.60 -0.33 -32.39
CA ASP B 282 -9.49 -0.99 -31.72
C ASP B 282 -9.85 -1.30 -30.27
N PHE B 283 -10.71 -0.46 -29.68
CA PHE B 283 -11.17 -0.68 -28.31
C PHE B 283 -12.64 -0.30 -28.13
N ILE B 284 -13.38 -1.18 -27.45
CA ILE B 284 -14.77 -0.90 -27.11
C ILE B 284 -14.90 -0.84 -25.60
N VAL B 285 -15.88 -0.08 -25.11
CA VAL B 285 -16.08 0.04 -23.67
C VAL B 285 -16.58 -1.28 -23.10
N GLY B 286 -16.18 -1.58 -21.87
CA GLY B 286 -16.58 -2.82 -21.23
C GLY B 286 -15.74 -3.99 -21.71
N GLU B 287 -14.61 -3.69 -22.32
CA GLU B 287 -13.71 -4.72 -22.82
C GLU B 287 -12.59 -5.02 -21.82
N ILE B 288 -12.24 -6.29 -21.72
CA ILE B 288 -11.14 -6.70 -20.85
C ILE B 288 -9.89 -6.94 -21.67
N ILE B 289 -8.77 -6.37 -21.23
CA ILE B 289 -7.52 -6.46 -21.99
C ILE B 289 -6.33 -6.80 -21.09
N VAL B 290 -5.15 -6.96 -21.69
CA VAL B 290 -3.98 -7.41 -20.94
C VAL B 290 -2.81 -6.46 -21.04
N GLN B 292 0.81 -5.37 -21.29
CA GLN B 292 2.05 -5.99 -21.75
C GLN B 292 3.27 -5.43 -21.01
N GLU B 293 3.06 -4.36 -20.27
CA GLU B 293 4.10 -3.79 -19.43
C GLU B 293 3.46 -3.24 -18.16
N PRO B 294 4.21 -3.20 -17.06
CA PRO B 294 3.59 -2.75 -15.81
C PRO B 294 3.18 -1.30 -15.92
N LEU B 295 2.26 -0.85 -15.07
CA LEU B 295 1.87 0.55 -15.05
C LEU B 295 2.40 1.20 -13.78
N PHE B 296 3.28 2.18 -13.94
CA PHE B 296 3.87 2.89 -12.81
C PHE B 296 3.50 4.36 -12.83
N LYS B 297 2.86 4.81 -11.75
CA LYS B 297 2.62 6.24 -11.56
C LYS B 297 3.84 6.82 -10.86
N THR B 298 4.38 7.91 -11.40
CA THR B 298 5.62 8.47 -10.85
C THR B 298 5.53 9.96 -10.54
N TYR B 299 5.87 10.29 -9.30
CA TYR B 299 5.90 11.68 -8.84
C TYR B 299 7.32 12.07 -8.48
N LYS B 300 7.63 13.35 -8.60
CA LYS B 300 8.92 13.85 -8.14
C LYS B 300 8.75 14.42 -6.75
N ILE B 301 9.57 13.97 -5.81
CA ILE B 301 9.47 14.41 -4.42
C ILE B 301 10.79 14.94 -3.88
N ASP B 302 10.81 16.21 -3.49
CA ASP B 302 12.03 16.87 -3.06
C ASP B 302 13.14 16.59 -4.07
N GLY B 303 12.75 16.52 -5.34
CA GLY B 303 13.68 16.29 -6.42
C GLY B 303 13.92 14.82 -6.73
N LYS B 304 13.67 13.96 -5.76
CA LYS B 304 13.95 12.53 -5.89
C LYS B 304 12.69 11.71 -6.19
N PRO B 305 12.72 10.95 -7.30
CA PRO B 305 11.56 10.20 -7.79
C PRO B 305 11.26 8.92 -6.99
N VAL B 306 9.96 8.63 -6.84
CA VAL B 306 9.49 7.37 -6.25
C VAL B 306 8.15 7.02 -6.91
N SER B 307 7.90 5.73 -7.12
CA SER B 307 6.70 5.31 -7.85
C SER B 307 6.03 4.08 -7.27
N GLU B 308 4.74 3.92 -7.55
CA GLU B 308 3.96 2.77 -7.10
C GLU B 308 3.46 1.95 -8.29
N ILE B 309 3.21 0.66 -8.07
CA ILE B 309 2.75 -0.21 -9.15
C ILE B 309 1.23 -0.21 -9.20
N ILE B 310 0.68 0.34 -10.28
CA ILE B 310 -0.76 0.34 -10.50
C ILE B 310 -1.26 -1.00 -11.03
N PHE B 311 -0.59 -1.53 -12.05
CA PHE B 311 -0.92 -2.84 -12.58
C PHE B 311 0.36 -3.63 -12.81
N ASN B 312 0.36 -4.89 -12.40
CA ASN B 312 1.46 -5.78 -12.70
C ASN B 312 1.43 -6.19 -14.17
N ASN B 313 2.58 -6.53 -14.73
CA ASN B 313 2.62 -6.98 -16.11
C ASN B 313 1.75 -8.21 -16.29
N GLY B 314 0.85 -8.17 -17.27
CA GLY B 314 -0.04 -9.28 -17.54
C GLY B 314 -1.36 -9.16 -16.80
N GLN B 315 -1.58 -8.01 -16.17
CA GLN B 315 -2.83 -7.75 -15.45
C GLN B 315 -3.99 -7.58 -16.41
N LEU B 316 -5.13 -8.18 -16.08
CA LEU B 316 -6.33 -7.96 -16.87
C LEU B 316 -7.01 -6.71 -16.34
N VAL B 317 -7.59 -5.93 -17.24
CA VAL B 317 -8.26 -4.71 -16.86
C VAL B 317 -9.51 -4.50 -17.72
N ARG B 318 -10.46 -3.70 -17.23
CA ARG B 318 -11.67 -3.38 -17.99
C ARG B 318 -11.65 -1.96 -18.53
N ILE B 319 -12.08 -1.80 -19.77
CA ILE B 319 -12.17 -0.48 -20.38
C ILE B 319 -13.44 0.23 -19.95
N ILE B 320 -13.29 1.39 -19.33
CA ILE B 320 -14.42 2.14 -18.79
C ILE B 320 -14.85 3.26 -19.73
N GLU B 321 -13.95 4.20 -19.96
CA GLU B 321 -14.16 5.19 -21.01
C GLU B 321 -13.12 4.95 -22.10
N ALA B 322 -13.59 4.80 -23.32
CA ALA B 322 -12.68 4.68 -24.46
C ALA B 322 -12.91 5.87 -25.38
N GLU B 323 -11.82 6.51 -25.79
CA GLU B 323 -11.90 7.68 -26.63
C GLU B 323 -10.64 7.76 -27.48
N TYR B 324 -10.77 8.20 -28.73
CA TYR B 324 -9.57 8.37 -29.56
C TYR B 324 -9.24 9.84 -29.76
N THR B 325 -8.16 10.29 -29.13
CA THR B 325 -7.75 11.68 -29.16
C THR B 325 -6.29 11.82 -29.55
N SER B 326 -5.74 13.02 -29.46
CA SER B 326 -4.32 13.21 -29.71
C SER B 326 -3.61 13.73 -28.47
N THR B 327 -2.29 13.85 -28.57
CA THR B 327 -1.48 14.46 -27.52
C THR B 327 -0.21 15.03 -28.14
N PHE B 328 0.29 16.12 -27.59
CA PHE B 328 1.57 16.66 -28.01
C PHE B 328 2.68 16.11 -27.13
N VAL B 329 3.77 15.68 -27.75
CA VAL B 329 4.97 15.30 -27.01
C VAL B 329 6.08 16.26 -27.35
N LYS B 330 6.63 16.92 -26.32
CA LYS B 330 7.73 17.84 -26.53
C LYS B 330 8.92 17.35 -25.76
N ALA B 331 10.11 17.74 -26.22
CA ALA B 331 11.33 17.41 -25.51
C ALA B 331 12.13 18.68 -25.25
N ARG B 332 12.81 18.72 -24.12
CA ARG B 332 13.66 19.86 -23.81
C ARG B 332 14.85 19.79 -24.74
N GLY B 333 15.06 20.85 -25.53
CA GLY B 333 16.16 20.89 -26.46
C GLY B 333 15.87 20.36 -27.86
N VAL B 334 14.77 19.65 -28.01
CA VAL B 334 14.38 19.15 -29.33
C VAL B 334 13.43 20.13 -30.04
N PRO B 335 13.81 20.55 -31.26
CA PRO B 335 13.03 21.55 -32.00
C PRO B 335 11.60 21.09 -32.33
N GLY B 336 10.63 21.95 -32.02
CA GLY B 336 9.24 21.69 -32.34
C GLY B 336 8.43 20.94 -31.30
N GLU B 337 7.15 20.75 -31.59
CA GLU B 337 6.27 19.91 -30.79
C GLU B 337 5.55 18.91 -31.69
N TYR B 338 5.74 17.63 -31.40
CA TYR B 338 5.23 16.57 -32.27
C TYR B 338 3.90 16.05 -31.74
N LEU B 339 2.98 15.72 -32.65
CA LEU B 339 1.63 15.33 -32.27
C LEU B 339 1.32 13.86 -32.56
N ILE B 340 1.03 13.10 -31.50
CA ILE B 340 0.78 11.67 -31.63
C ILE B 340 -0.70 11.33 -31.43
N ARG B 341 -1.28 10.63 -32.39
CA ARG B 341 -2.67 10.18 -32.30
C ARG B 341 -2.78 8.83 -31.57
N HIS B 342 -3.52 8.83 -30.47
CA HIS B 342 -3.65 7.63 -29.66
C HIS B 342 -5.00 7.56 -28.97
N TRP B 343 -5.23 6.47 -28.24
CA TRP B 343 -6.46 6.32 -27.49
C TRP B 343 -6.30 6.89 -26.09
N ASP B 344 -7.36 7.52 -25.58
CA ASP B 344 -7.43 7.82 -24.17
C ASP B 344 -8.35 6.79 -23.54
N LEU B 345 -7.76 5.87 -22.79
CA LEU B 345 -8.52 4.77 -22.22
C LEU B 345 -8.46 4.79 -20.71
N THR B 346 -9.59 5.08 -20.08
CA THR B 346 -9.68 5.01 -18.62
C THR B 346 -10.06 3.59 -18.25
N VAL B 347 -9.22 2.96 -17.43
CA VAL B 347 -9.23 1.51 -17.27
C VAL B 347 -9.30 1.15 -15.79
N GLU B 348 -9.99 0.07 -15.47
CA GLU B 348 -10.09 -0.35 -14.07
C GLU B 348 -9.64 -1.79 -13.86
N THR B 349 -9.19 -2.08 -12.64
CA THR B 349 -8.69 -3.40 -12.29
C THR B 349 -9.74 -4.50 -12.46
N TYR B 350 -9.40 -5.54 -13.20
CA TYR B 350 -10.27 -6.72 -13.27
C TYR B 350 -9.57 -7.92 -12.65
N GLY B 351 -10.14 -8.43 -11.56
CA GLY B 351 -9.57 -9.55 -10.85
C GLY B 351 -9.87 -9.41 -9.39
N ASP B 352 -9.26 -10.26 -8.57
CA ASP B 352 -9.44 -10.17 -7.13
C ASP B 352 -8.38 -9.27 -6.52
N ASP B 353 -7.53 -8.69 -7.37
CA ASP B 353 -6.37 -7.93 -6.92
C ASP B 353 -6.73 -6.53 -6.43
N GLU B 354 -5.72 -5.81 -5.97
CA GLU B 354 -5.91 -4.45 -5.49
C GLU B 354 -6.55 -3.60 -6.61
N TYR B 355 -7.48 -2.74 -6.21
CA TYR B 355 -8.22 -1.93 -7.18
C TYR B 355 -7.54 -0.60 -7.50
N TYR B 356 -7.48 -0.26 -8.77
CA TYR B 356 -7.04 1.06 -9.19
C TYR B 356 -7.80 1.50 -10.43
N ARG B 357 -8.07 2.79 -10.52
CA ARG B 357 -8.65 3.39 -11.71
C ARG B 357 -7.66 4.41 -12.23
N GLU B 358 -7.14 4.19 -13.42
CA GLU B 358 -6.24 5.15 -14.03
C GLU B 358 -6.53 5.23 -15.51
N LYS B 359 -6.10 6.32 -16.14
CA LYS B 359 -6.23 6.42 -17.59
C LYS B 359 -4.87 6.09 -18.21
N ILE B 360 -4.90 5.43 -19.37
CA ILE B 360 -3.65 5.07 -20.04
C ILE B 360 -3.72 5.44 -21.51
N LYS B 361 -2.60 5.90 -22.05
CA LYS B 361 -2.58 6.32 -23.44
C LYS B 361 -1.95 5.24 -24.31
N ILE B 362 -2.78 4.58 -25.11
CA ILE B 362 -2.32 3.50 -25.96
C ILE B 362 -2.15 3.99 -27.39
N ILE B 363 -0.95 3.86 -27.95
CA ILE B 363 -0.75 4.29 -29.32
C ILE B 363 -1.04 3.13 -30.23
N SER B 364 -2.13 3.20 -30.99
CA SER B 364 -2.40 2.16 -31.97
C SER B 364 -2.57 2.75 -33.36
N SER B 365 -1.53 2.51 -34.16
CA SER B 365 -1.54 2.61 -35.61
C SER B 365 -0.06 2.42 -35.82
N ASP B 366 0.37 1.99 -36.99
CA ASP B 366 1.80 1.87 -37.19
C ASP B 366 2.38 3.20 -37.63
N GLU B 367 1.53 4.04 -38.19
CA GLU B 367 1.94 5.36 -38.65
C GLU B 367 2.26 6.23 -37.46
N GLU B 368 1.33 6.29 -36.51
CA GLU B 368 1.49 7.10 -35.32
C GLU B 368 2.61 6.57 -34.43
N LEU B 369 2.61 5.26 -34.21
CA LEU B 369 3.67 4.64 -33.42
C LEU B 369 5.01 4.87 -34.12
N TYR B 370 4.98 4.92 -35.44
CA TYR B 370 6.16 5.28 -36.22
C TYR B 370 6.53 6.74 -35.96
N LYS B 371 5.56 7.63 -36.11
CA LYS B 371 5.77 9.05 -35.88
C LYS B 371 6.46 9.27 -34.54
N PHE B 372 6.01 8.51 -33.54
CA PHE B 372 6.52 8.66 -32.20
C PHE B 372 7.96 8.18 -32.05
N ASN B 373 8.22 6.93 -32.45
CA ASN B 373 9.57 6.36 -32.32
C ASN B 373 10.60 7.25 -32.98
N LEU B 374 10.18 7.94 -34.04
CA LEU B 374 11.01 8.96 -34.67
C LEU B 374 11.36 10.03 -33.66
N PHE B 375 10.33 10.59 -33.04
CA PHE B 375 10.51 11.59 -31.99
C PHE B 375 11.41 11.05 -30.87
N LEU B 376 11.15 9.81 -30.46
CA LEU B 376 11.99 9.15 -29.46
C LEU B 376 13.43 9.08 -29.98
N GLY B 377 13.58 8.74 -31.25
CA GLY B 377 14.89 8.66 -31.84
C GLY B 377 15.63 9.99 -31.80
N LYS B 378 15.01 11.02 -32.37
CA LYS B 378 15.65 12.33 -32.49
C LYS B 378 16.10 12.86 -31.14
N THR B 379 15.27 12.67 -30.11
CA THR B 379 15.55 13.21 -28.79
C THR B 379 16.68 12.45 -28.09
N ALA B 380 16.64 11.12 -28.17
CA ALA B 380 17.73 10.32 -27.64
C ALA B 380 19.06 10.84 -28.18
N GLU B 381 19.20 10.81 -29.49
CA GLU B 381 20.43 11.24 -30.16
C GLU B 381 20.93 12.61 -29.69
N THR B 382 20.05 13.61 -29.69
CA THR B 382 20.45 14.95 -29.29
C THR B 382 20.93 15.00 -27.83
N TYR B 383 20.46 14.06 -27.01
CA TYR B 383 20.96 13.92 -25.65
C TYR B 383 22.28 13.14 -25.59
N LYS B 384 22.36 12.06 -26.36
CA LYS B 384 23.53 11.19 -26.34
C LYS B 384 24.81 11.98 -26.57
N ASN B 385 24.73 13.01 -27.41
CA ASN B 385 25.78 14.00 -27.52
C ASN B 385 25.22 15.38 -27.19
N TRP B 386 25.59 15.90 -26.03
CA TRP B 386 25.04 17.18 -25.57
C TRP B 386 26.15 18.20 -25.37
N ASN B 387 26.18 19.19 -26.26
CA ASN B 387 27.11 20.30 -26.15
C ASN B 387 26.43 21.54 -25.56
N LYS B 388 25.13 21.44 -25.31
CA LYS B 388 24.32 22.59 -24.90
C LYS B 388 24.60 23.03 -23.47
N GLY B 389 25.42 22.27 -22.77
CA GLY B 389 25.79 22.59 -21.40
C GLY B 389 25.00 21.79 -20.39
N GLY B 390 25.62 21.50 -19.25
CA GLY B 390 25.01 20.64 -18.24
C GLY B 390 25.32 19.19 -18.51
N LYS B 391 24.39 18.31 -18.15
CA LYS B 391 24.58 16.87 -18.35
C LYS B 391 23.71 16.35 -19.50
N ALA B 392 22.41 16.25 -19.22
CA ALA B 392 21.40 15.95 -20.24
C ALA B 392 20.05 15.79 -19.57
N PRO B 393 19.00 16.37 -20.15
CA PRO B 393 17.67 16.24 -19.55
C PRO B 393 16.93 14.99 -20.04
N TRP B 394 17.34 13.82 -19.57
CA TRP B 394 16.62 12.58 -19.90
C TRP B 394 15.29 12.51 -19.17
N SER B 395 15.14 13.37 -18.17
CA SER B 395 13.88 13.44 -17.43
C SER B 395 12.75 13.58 -18.43
N ASP B 396 13.03 14.29 -19.53
CA ASP B 396 12.04 14.53 -20.58
C ASP B 396 11.88 13.39 -21.57
N PHE B 397 12.95 12.61 -21.76
CA PHE B 397 12.91 11.48 -22.68
C PHE B 397 12.10 10.33 -22.10
N TRP B 398 12.31 10.03 -20.83
CA TRP B 398 11.62 8.94 -20.18
C TRP B 398 10.19 9.31 -19.80
N ASP B 399 9.98 10.58 -19.45
CA ASP B 399 8.65 11.07 -19.14
C ASP B 399 7.80 11.07 -20.41
N ALA B 400 8.45 11.23 -21.54
CA ALA B 400 7.74 11.23 -22.82
C ALA B 400 7.41 9.82 -23.27
N LYS B 401 8.29 8.87 -22.92
CA LYS B 401 8.11 7.49 -23.30
C LYS B 401 7.14 6.75 -22.36
N SER B 402 7.11 7.16 -21.10
CA SER B 402 6.30 6.47 -20.10
C SER B 402 4.88 7.01 -20.09
N GLN B 403 4.61 7.91 -21.03
CA GLN B 403 3.29 8.48 -21.21
C GLN B 403 2.34 7.42 -21.78
N PHE B 404 2.91 6.47 -22.50
CA PHE B 404 2.12 5.48 -23.23
C PHE B 404 2.32 4.06 -22.69
N SER B 405 1.33 3.20 -22.93
CA SER B 405 1.41 1.82 -22.49
C SER B 405 1.26 0.86 -23.65
N LYS B 406 1.36 -0.43 -23.35
CA LYS B 406 1.23 -1.47 -24.36
C LYS B 406 0.24 -2.53 -23.88
N VAL B 407 -0.68 -2.93 -24.75
CA VAL B 407 -1.68 -3.93 -24.39
C VAL B 407 -2.12 -4.80 -25.57
N LYS B 408 -2.46 -6.04 -25.27
CA LYS B 408 -3.04 -6.94 -26.27
C LYS B 408 -4.46 -7.27 -25.86
N ALA B 409 -5.28 -7.62 -26.85
CA ALA B 409 -6.64 -8.05 -26.60
C ALA B 409 -6.66 -9.38 -25.85
N LEU B 410 -7.79 -9.69 -25.23
CA LEU B 410 -7.90 -10.86 -24.36
C LEU B 410 -7.85 -12.24 -25.06
N PRO B 411 -8.54 -12.40 -26.20
CA PRO B 411 -8.84 -13.73 -26.75
C PRO B 411 -7.63 -14.59 -27.04
N ALA B 412 -6.59 -14.01 -27.64
CA ALA B 412 -5.40 -14.78 -28.03
C ALA B 412 -4.12 -14.19 -27.45
N SER B 413 -3.10 -15.04 -27.33
CA SER B 413 -1.79 -14.59 -26.85
C SER B 413 -0.71 -15.46 -27.45
N THR B 414 0.54 -15.15 -27.15
CA THR B 414 1.65 -16.00 -27.56
C THR B 414 1.78 -17.18 -26.59
N PHE B 415 2.28 -18.30 -27.07
CA PHE B 415 2.54 -19.43 -26.19
C PHE B 415 3.31 -18.95 -24.98
N HIS B 416 4.34 -18.16 -25.24
CA HIS B 416 5.19 -17.62 -24.19
C HIS B 416 4.37 -17.01 -23.06
N LYS B 417 3.63 -15.94 -23.37
CA LYS B 417 2.88 -15.20 -22.37
C LYS B 417 1.75 -16.04 -21.76
N ALA B 418 1.50 -17.21 -22.33
CA ALA B 418 0.42 -18.07 -21.83
C ALA B 418 0.90 -19.14 -20.87
N GLN B 419 2.19 -19.16 -20.57
CA GLN B 419 2.76 -20.14 -19.64
C GLN B 419 2.09 -20.03 -18.27
N GLY B 420 1.73 -21.17 -17.71
CA GLY B 420 1.15 -21.21 -16.37
C GLY B 420 -0.34 -20.95 -16.32
N SER B 422 -3.99 -21.69 -16.86
CA SER B 422 -4.82 -22.87 -17.05
C SER B 422 -6.22 -22.43 -17.51
N VAL B 423 -6.72 -23.05 -18.57
CA VAL B 423 -8.05 -22.73 -19.07
C VAL B 423 -8.83 -23.97 -19.48
N ASP B 424 -10.15 -23.82 -19.57
CA ASP B 424 -11.01 -24.94 -19.95
C ASP B 424 -10.62 -25.53 -21.29
N ARG B 425 -10.79 -24.75 -22.35
CA ARG B 425 -10.54 -25.19 -23.71
C ARG B 425 -9.38 -24.43 -24.36
N ALA B 426 -8.39 -25.18 -24.87
CA ALA B 426 -7.20 -24.58 -25.45
C ALA B 426 -7.21 -24.63 -26.97
N PHE B 427 -7.10 -23.48 -27.60
CA PHE B 427 -7.11 -23.38 -29.07
C PHE B 427 -5.74 -22.97 -29.59
N ILE B 428 -5.05 -23.89 -30.28
CA ILE B 428 -3.68 -23.67 -30.73
C ILE B 428 -3.58 -23.45 -32.24
N TYR B 429 -2.89 -22.39 -32.66
CA TYR B 429 -2.69 -22.11 -34.07
C TYR B 429 -1.25 -22.38 -34.49
N THR B 430 -1.07 -23.51 -35.19
CA THR B 430 0.25 -24.04 -35.56
C THR B 430 1.07 -23.32 -36.65
N PRO B 431 0.42 -22.89 -37.74
CA PRO B 431 1.13 -22.54 -38.99
C PRO B 431 2.41 -21.73 -38.82
N CYS B 432 2.42 -20.72 -37.94
CA CYS B 432 3.60 -19.88 -37.79
C CYS B 432 4.66 -20.50 -36.88
N ILE B 433 4.33 -21.64 -36.30
CA ILE B 433 5.23 -22.31 -35.36
C ILE B 433 6.45 -22.87 -36.09
N HIS B 434 6.38 -22.85 -37.42
CA HIS B 434 7.45 -23.44 -38.24
C HIS B 434 8.58 -22.44 -38.46
N TYR B 435 8.45 -21.27 -37.85
CA TYR B 435 9.53 -20.30 -37.85
C TYR B 435 10.39 -20.50 -36.62
N ALA B 436 10.05 -21.52 -35.84
CA ALA B 436 10.79 -21.82 -34.61
C ALA B 436 11.66 -23.04 -34.83
N ASP B 437 12.82 -23.07 -34.19
CA ASP B 437 13.70 -24.22 -34.30
C ASP B 437 13.01 -25.46 -33.72
N VAL B 438 13.42 -26.63 -34.20
CA VAL B 438 12.73 -27.88 -33.86
C VAL B 438 12.62 -28.17 -32.37
N GLU B 439 13.67 -27.92 -31.61
CA GLU B 439 13.62 -28.07 -30.15
C GLU B 439 12.51 -27.21 -29.55
N LEU B 440 12.67 -25.89 -29.68
CA LEU B 440 11.69 -24.92 -29.20
C LEU B 440 10.28 -25.30 -29.60
N ALA B 441 10.04 -25.41 -30.90
CA ALA B 441 8.72 -25.72 -31.42
C ALA B 441 8.09 -26.89 -30.67
N GLN B 442 8.89 -27.84 -30.24
CA GLN B 442 8.37 -28.95 -29.44
C GLN B 442 7.90 -28.45 -28.07
N GLN B 443 8.67 -27.54 -27.49
CA GLN B 443 8.35 -26.95 -26.19
C GLN B 443 7.10 -26.08 -26.27
N LEU B 444 7.02 -25.22 -27.28
CA LEU B 444 5.85 -24.38 -27.51
C LEU B 444 4.59 -25.24 -27.57
N LEU B 445 4.69 -26.35 -28.31
CA LEU B 445 3.58 -27.29 -28.44
C LEU B 445 3.16 -27.85 -27.08
N TYR B 446 4.15 -28.28 -26.31
CA TYR B 446 3.92 -28.82 -24.97
C TYR B 446 3.21 -27.80 -24.08
N VAL B 447 3.66 -26.55 -24.13
CA VAL B 447 3.02 -25.48 -23.38
C VAL B 447 1.57 -25.28 -23.79
N GLY B 448 1.33 -25.30 -25.10
CA GLY B 448 0.00 -25.11 -25.64
C GLY B 448 -0.94 -26.25 -25.27
N VAL B 449 -0.46 -27.48 -25.43
CA VAL B 449 -1.29 -28.65 -25.16
C VAL B 449 -1.71 -28.74 -23.69
N THR B 450 -0.84 -28.28 -22.79
CA THR B 450 -1.10 -28.44 -21.36
C THR B 450 -1.93 -27.31 -20.73
N ARG B 451 -2.25 -26.28 -21.50
CA ARG B 451 -3.06 -25.18 -20.96
C ARG B 451 -4.50 -25.62 -20.77
N GLY B 452 -5.09 -26.23 -21.80
CA GLY B 452 -6.46 -26.72 -21.73
C GLY B 452 -6.63 -27.96 -20.89
N ARG B 453 -7.59 -27.95 -19.97
CA ARG B 453 -7.83 -29.08 -19.09
C ARG B 453 -8.95 -30.01 -19.55
N TYR B 454 -9.62 -29.65 -20.64
CA TYR B 454 -10.71 -30.47 -21.15
C TYR B 454 -10.48 -30.77 -22.62
N ASP B 455 -10.51 -29.73 -23.45
CA ASP B 455 -10.27 -29.88 -24.87
C ASP B 455 -9.08 -29.07 -25.36
N VAL B 456 -8.51 -29.52 -26.45
CA VAL B 456 -7.55 -28.74 -27.20
C VAL B 456 -7.94 -28.81 -28.65
N PHE B 457 -7.74 -27.74 -29.40
CA PHE B 457 -8.00 -27.73 -30.84
C PHE B 457 -6.81 -27.10 -31.54
N TYR B 458 -6.40 -27.70 -32.65
CA TYR B 458 -5.23 -27.22 -33.37
C TYR B 458 -5.45 -27.25 -34.88
N VAL B 459 -5.15 -26.13 -35.53
CA VAL B 459 -5.18 -26.08 -36.98
C VAL B 459 -3.75 -25.90 -37.48
N THR C 22 -0.54 -3.33 12.54
CA THR C 22 0.66 -2.90 13.26
C THR C 22 1.03 -3.96 14.29
N PHE C 23 0.33 -5.08 14.23
CA PHE C 23 0.42 -6.10 15.26
C PHE C 23 -0.11 -5.53 16.57
N ASP C 24 0.69 -5.61 17.62
CA ASP C 24 0.19 -5.27 18.95
C ASP C 24 -0.20 -3.81 19.16
N ASP C 25 -0.01 -2.95 18.17
CA ASP C 25 -0.32 -1.54 18.40
C ASP C 25 -1.78 -1.25 18.07
N LEU C 26 -2.54 -1.02 19.13
CA LEU C 26 -3.97 -0.75 19.10
C LEU C 26 -4.37 -0.37 20.52
N THR C 27 -5.66 -0.14 20.76
CA THR C 27 -6.11 0.38 22.05
C THR C 27 -5.91 -0.58 23.22
N GLU C 28 -5.88 -0.03 24.43
CA GLU C 28 -5.71 -0.81 25.66
C GLU C 28 -6.72 -1.95 25.77
N GLY C 29 -8.00 -1.62 25.70
CA GLY C 29 -9.05 -2.62 25.77
C GLY C 29 -8.90 -3.68 24.69
N GLN C 30 -8.41 -3.26 23.53
CA GLN C 30 -8.19 -4.17 22.42
C GLN C 30 -6.97 -5.06 22.63
N LYS C 31 -5.84 -4.44 23.02
CA LYS C 31 -4.63 -5.19 23.32
C LYS C 31 -4.90 -6.17 24.45
N ASN C 32 -5.43 -5.64 25.54
CA ASN C 32 -5.81 -6.45 26.70
C ASN C 32 -6.66 -7.65 26.32
N ALA C 33 -7.60 -7.46 25.40
CA ALA C 33 -8.53 -8.52 25.02
C ALA C 33 -7.90 -9.59 24.14
N PHE C 34 -6.96 -9.19 23.29
CA PHE C 34 -6.28 -10.14 22.42
C PHE C 34 -5.43 -11.13 23.20
N ASN C 35 -4.79 -10.64 24.25
CA ASN C 35 -3.91 -11.47 25.07
C ASN C 35 -4.68 -12.46 25.94
N ILE C 36 -5.98 -12.20 26.12
CA ILE C 36 -6.86 -13.14 26.80
C ILE C 36 -7.21 -14.25 25.84
N VAL C 37 -7.36 -13.88 24.57
CA VAL C 37 -7.77 -14.82 23.54
C VAL C 37 -6.77 -15.95 23.32
N LYS C 39 -4.80 -17.20 25.35
CA LYS C 39 -4.82 -18.05 26.53
C LYS C 39 -5.68 -19.30 26.34
N ALA C 40 -6.98 -19.10 26.27
CA ALA C 40 -7.94 -20.20 26.15
C ALA C 40 -7.62 -21.10 24.96
N ILE C 41 -7.05 -20.50 23.91
CA ILE C 41 -6.67 -21.23 22.71
C ILE C 41 -5.58 -22.24 23.04
N LYS C 42 -4.59 -21.81 23.80
CA LYS C 42 -3.46 -22.66 24.16
C LYS C 42 -3.76 -23.63 25.31
N GLU C 43 -4.69 -23.29 26.19
CA GLU C 43 -5.03 -24.19 27.29
C GLU C 43 -6.46 -24.74 27.25
N LYS C 44 -6.58 -25.99 26.83
CA LYS C 44 -7.73 -26.86 27.13
C LYS C 44 -9.10 -26.18 27.12
N LYS C 45 -9.79 -26.32 28.24
CA LYS C 45 -11.15 -25.82 28.40
C LYS C 45 -11.15 -24.34 28.78
N HIS C 46 -11.77 -23.53 27.93
CA HIS C 46 -11.96 -22.12 28.19
C HIS C 46 -12.61 -21.52 26.94
N HIS C 47 -13.24 -20.37 27.07
CA HIS C 47 -13.91 -19.72 25.94
C HIS C 47 -13.98 -18.21 26.14
N VAL C 48 -14.04 -17.46 25.04
CA VAL C 48 -14.05 -16.01 25.11
C VAL C 48 -15.02 -15.38 24.10
N THR C 49 -15.90 -14.52 24.59
CA THR C 49 -16.69 -13.67 23.70
C THR C 49 -16.31 -12.21 23.92
N ILE C 50 -15.62 -11.64 22.95
CA ILE C 50 -15.21 -10.24 23.03
C ILE C 50 -16.39 -9.37 22.64
N ASN C 51 -16.83 -8.51 23.55
CA ASN C 51 -17.96 -7.65 23.24
C ASN C 51 -17.51 -6.24 22.90
N GLY C 52 -17.46 -5.95 21.60
CA GLY C 52 -17.35 -4.58 21.13
C GLY C 52 -18.70 -3.88 21.13
N PRO C 53 -18.80 -2.76 21.85
CA PRO C 53 -19.95 -1.88 21.65
C PRO C 53 -19.64 -0.97 20.48
N ALA C 54 -20.50 0.03 20.23
CA ALA C 54 -20.24 0.99 19.16
C ALA C 54 -19.11 1.94 19.55
N GLY C 55 -18.27 2.29 18.58
CA GLY C 55 -17.16 3.19 18.81
C GLY C 55 -15.99 2.50 19.49
N THR C 56 -16.16 1.21 19.76
CA THR C 56 -15.09 0.41 20.35
C THR C 56 -14.09 -0.06 19.30
N GLY C 57 -14.54 -0.17 18.05
CA GLY C 57 -13.69 -0.64 16.97
C GLY C 57 -13.47 -2.14 17.05
N ALA C 58 -14.56 -2.88 17.24
CA ALA C 58 -14.50 -4.34 17.34
C ALA C 58 -14.07 -4.96 16.01
N THR C 59 -14.28 -4.23 14.91
CA THR C 59 -13.92 -4.74 13.59
C THR C 59 -12.41 -4.86 13.41
N THR C 60 -11.69 -3.79 13.70
CA THR C 60 -10.23 -3.83 13.62
C THR C 60 -9.70 -4.97 14.47
N LEU C 61 -10.27 -5.12 15.66
CA LEU C 61 -9.81 -6.15 16.59
C LEU C 61 -10.07 -7.55 16.03
N THR C 62 -11.19 -7.72 15.33
CA THR C 62 -11.50 -9.01 14.70
C THR C 62 -10.62 -9.22 13.48
N LYS C 63 -10.42 -8.15 12.71
CA LYS C 63 -9.55 -8.20 11.55
C LYS C 63 -8.16 -8.68 11.95
N PHE C 64 -7.64 -8.08 13.01
CA PHE C 64 -6.29 -8.41 13.47
C PHE C 64 -6.21 -9.80 14.08
N ILE C 65 -7.17 -10.15 14.93
CA ILE C 65 -7.15 -11.44 15.60
C ILE C 65 -7.10 -12.58 14.58
N ILE C 66 -7.61 -12.34 13.38
CA ILE C 66 -7.48 -13.31 12.30
C ILE C 66 -6.10 -13.28 11.65
N GLU C 67 -5.61 -12.08 11.32
CA GLU C 67 -4.33 -11.91 10.67
C GLU C 67 -3.22 -12.59 11.48
N ALA C 68 -3.11 -12.22 12.75
CA ALA C 68 -2.06 -12.77 13.61
C ALA C 68 -2.34 -14.23 13.96
N LEU C 69 -3.56 -14.69 13.68
CA LEU C 69 -3.90 -16.08 13.92
C LEU C 69 -3.43 -17.02 12.81
N ILE C 70 -3.34 -16.50 11.60
CA ILE C 70 -2.83 -17.28 10.47
C ILE C 70 -1.31 -17.35 10.49
N SER C 71 -0.68 -16.31 11.04
CA SER C 71 0.78 -16.23 11.11
C SER C 71 1.37 -17.14 12.17
N THR C 72 0.50 -17.78 12.96
CA THR C 72 0.93 -18.78 13.92
C THR C 72 1.10 -20.12 13.19
N GLY C 73 0.79 -20.11 11.90
CA GLY C 73 0.86 -21.29 11.07
C GLY C 73 -0.34 -22.20 11.30
N GLU C 74 -1.35 -21.66 11.98
CA GLU C 74 -2.53 -22.46 12.34
C GLU C 74 -3.39 -22.78 11.12
N THR C 75 -3.57 -24.07 10.88
CA THR C 75 -4.37 -24.56 9.74
C THR C 75 -5.82 -24.91 10.08
N GLY C 76 -6.15 -24.92 11.37
CA GLY C 76 -7.42 -25.47 11.83
C GLY C 76 -8.58 -24.49 11.98
N ILE C 77 -8.52 -23.37 11.27
CA ILE C 77 -9.49 -22.28 11.48
C ILE C 77 -10.58 -22.17 10.43
N ILE C 78 -11.80 -21.92 10.90
CA ILE C 78 -12.95 -21.65 10.03
C ILE C 78 -13.74 -20.47 10.60
N LEU C 79 -14.28 -19.62 9.72
CA LEU C 79 -15.07 -18.47 10.15
C LEU C 79 -16.57 -18.75 10.11
N ALA C 80 -17.22 -18.64 11.27
CA ALA C 80 -18.65 -18.89 11.36
C ALA C 80 -19.43 -17.58 11.52
N ALA C 81 -20.44 -17.42 10.68
CA ALA C 81 -21.32 -16.26 10.74
C ALA C 81 -22.77 -16.68 10.98
N PRO C 82 -23.52 -15.87 11.73
CA PRO C 82 -24.91 -16.16 12.10
C PRO C 82 -25.85 -16.20 10.89
N THR C 83 -25.67 -15.30 9.94
CA THR C 83 -26.51 -15.25 8.75
C THR C 83 -25.66 -15.23 7.49
N HIS C 84 -26.33 -15.16 6.33
CA HIS C 84 -25.63 -15.21 5.05
C HIS C 84 -24.95 -13.90 4.66
N ALA C 85 -25.67 -12.79 4.80
CA ALA C 85 -25.11 -11.49 4.49
C ALA C 85 -24.07 -11.10 5.53
N ALA C 86 -24.08 -11.80 6.66
CA ALA C 86 -23.06 -11.61 7.70
C ALA C 86 -21.80 -12.38 7.34
N LYS C 87 -21.96 -13.46 6.59
CA LYS C 87 -20.83 -14.27 6.14
C LYS C 87 -20.13 -13.63 4.94
N LYS C 88 -20.91 -12.99 4.07
CA LYS C 88 -20.35 -12.27 2.94
C LYS C 88 -19.43 -11.17 3.45
N ILE C 89 -19.97 -10.36 4.37
CA ILE C 89 -19.22 -9.24 4.93
C ILE C 89 -18.06 -9.70 5.79
N LEU C 90 -18.09 -10.97 6.20
CA LEU C 90 -17.00 -11.55 6.96
C LEU C 90 -15.93 -12.13 6.03
N SER C 91 -16.33 -13.08 5.19
CA SER C 91 -15.41 -13.73 4.26
C SER C 91 -14.63 -12.66 3.49
N LYS C 92 -15.22 -11.48 3.42
CA LYS C 92 -14.57 -10.31 2.82
C LYS C 92 -13.49 -9.74 3.75
N LEU C 93 -13.92 -9.27 4.92
CA LEU C 93 -13.02 -8.61 5.87
C LEU C 93 -11.71 -9.38 6.07
N SER C 94 -11.81 -10.68 6.34
CA SER C 94 -10.62 -11.49 6.58
C SER C 94 -9.95 -11.87 5.25
N GLY C 95 -10.72 -11.78 4.17
CA GLY C 95 -10.21 -12.14 2.87
C GLY C 95 -9.99 -13.64 2.78
N LYS C 96 -10.72 -14.38 3.60
CA LYS C 96 -10.64 -15.83 3.57
C LYS C 96 -12.05 -16.42 3.58
N GLU C 97 -12.17 -17.65 3.10
CA GLU C 97 -13.46 -18.32 2.99
C GLU C 97 -14.20 -18.33 4.33
N ALA C 98 -15.49 -18.00 4.27
CA ALA C 98 -16.32 -17.99 5.47
C ALA C 98 -17.71 -18.58 5.19
N SER C 99 -18.20 -19.39 6.12
CA SER C 99 -19.49 -20.04 5.98
C SER C 99 -20.40 -19.72 7.16
N THR C 100 -21.71 -19.89 6.96
CA THR C 100 -22.67 -19.70 8.05
C THR C 100 -22.41 -20.81 9.06
N ILE C 101 -22.61 -20.52 10.34
CA ILE C 101 -22.36 -21.52 11.38
C ILE C 101 -23.37 -22.66 11.30
N HIS C 102 -24.38 -22.50 10.45
CA HIS C 102 -25.31 -23.56 10.19
C HIS C 102 -24.72 -24.57 9.20
N SER C 103 -24.12 -24.06 8.13
CA SER C 103 -23.44 -24.91 7.15
C SER C 103 -22.43 -25.80 7.86
N ILE C 104 -21.85 -25.28 8.94
CA ILE C 104 -20.80 -25.97 9.66
C ILE C 104 -21.32 -27.08 10.58
N LEU C 105 -22.41 -26.80 11.29
CA LEU C 105 -22.95 -27.74 12.26
C LEU C 105 -23.87 -28.76 11.62
N LYS C 106 -24.04 -28.67 10.31
CA LYS C 106 -24.97 -29.52 9.58
C LYS C 106 -26.38 -29.36 10.14
N ILE C 107 -26.91 -28.16 10.01
CA ILE C 107 -28.28 -27.88 10.44
C ILE C 107 -29.14 -27.63 9.21
N ASN C 108 -30.02 -28.59 8.92
CA ASN C 108 -30.81 -28.55 7.70
C ASN C 108 -32.31 -28.62 7.98
N PRO C 109 -33.11 -27.98 7.12
CA PRO C 109 -34.55 -27.94 7.33
C PRO C 109 -35.19 -29.30 7.09
N VAL C 110 -36.06 -29.70 8.01
CA VAL C 110 -36.88 -30.89 7.83
C VAL C 110 -38.30 -30.39 7.67
N THR C 111 -38.98 -30.80 6.62
CA THR C 111 -40.36 -30.35 6.46
C THR C 111 -41.29 -31.37 7.09
N TYR C 112 -41.85 -30.98 8.23
CA TYR C 112 -42.91 -31.72 8.88
C TYR C 112 -44.21 -31.25 8.25
N GLU C 113 -45.34 -31.59 8.86
CA GLU C 113 -46.61 -31.42 8.18
C GLU C 113 -46.77 -30.04 7.53
N GLU C 114 -47.02 -29.00 8.31
CA GLU C 114 -47.12 -27.64 7.74
C GLU C 114 -45.88 -26.78 7.95
N ASN C 115 -44.88 -27.31 8.64
CA ASN C 115 -43.71 -26.52 9.04
C ASN C 115 -42.38 -27.11 8.58
N VAL C 116 -41.36 -26.25 8.50
CA VAL C 116 -39.99 -26.71 8.34
C VAL C 116 -39.15 -26.33 9.56
N LEU C 117 -38.80 -27.33 10.36
CA LEU C 117 -37.91 -27.15 11.51
C LEU C 117 -36.44 -27.17 11.13
N PHE C 118 -35.60 -26.57 11.97
CA PHE C 118 -34.16 -26.70 11.80
C PHE C 118 -33.51 -27.56 12.89
N GLU C 119 -33.03 -28.73 12.47
CA GLU C 119 -32.42 -29.70 13.35
C GLU C 119 -31.08 -30.19 12.79
N GLN C 120 -30.49 -31.20 13.44
CA GLN C 120 -29.16 -31.68 13.07
C GLN C 120 -29.18 -33.09 12.45
N LYS C 121 -28.86 -33.17 11.16
CA LYS C 121 -28.83 -34.44 10.42
C LYS C 121 -27.89 -35.42 11.08
N GLU C 122 -26.61 -35.11 10.97
CA GLU C 122 -25.56 -35.91 11.59
C GLU C 122 -24.53 -34.94 12.14
N VAL C 123 -24.00 -35.22 13.33
CA VAL C 123 -22.94 -34.40 13.88
C VAL C 123 -21.79 -34.34 12.89
N PRO C 124 -21.31 -33.12 12.58
CA PRO C 124 -20.20 -32.97 11.64
C PRO C 124 -18.89 -33.51 12.20
N ASP C 125 -17.96 -33.84 11.32
CA ASP C 125 -16.69 -34.43 11.73
C ASP C 125 -15.96 -33.53 12.71
N LEU C 126 -15.50 -32.39 12.22
CA LEU C 126 -14.63 -31.50 13.00
C LEU C 126 -13.27 -32.13 13.27
N ALA C 127 -12.81 -32.96 12.35
CA ALA C 127 -11.48 -33.56 12.46
C ALA C 127 -10.49 -32.45 12.74
N LYS C 128 -10.26 -31.60 11.74
CA LYS C 128 -9.49 -30.40 12.03
C LYS C 128 -10.37 -29.16 12.01
N CYS C 129 -10.72 -28.69 13.20
CA CYS C 129 -10.91 -27.28 13.45
C CYS C 129 -10.31 -27.09 14.83
N ARG C 130 -9.21 -26.36 14.91
CA ARG C 130 -8.59 -26.12 16.21
C ARG C 130 -9.24 -24.95 16.94
N VAL C 131 -9.75 -24.00 16.17
CA VAL C 131 -10.39 -22.82 16.72
C VAL C 131 -11.56 -22.34 15.86
N LEU C 132 -12.61 -21.86 16.51
CA LEU C 132 -13.81 -21.38 15.80
C LEU C 132 -14.12 -19.94 16.15
N ILE C 133 -14.05 -19.07 15.15
CA ILE C 133 -14.35 -17.66 15.33
C ILE C 133 -15.78 -17.40 14.88
N CYS C 134 -16.54 -16.70 15.71
CA CYS C 134 -17.94 -16.40 15.38
C CYS C 134 -18.20 -14.91 15.24
N ASP C 135 -19.11 -14.56 14.32
CA ASP C 135 -19.39 -13.17 13.99
C ASP C 135 -20.78 -12.80 14.46
N GLU C 136 -20.97 -11.51 14.80
CA GLU C 136 -22.28 -11.01 15.20
C GLU C 136 -22.97 -12.03 16.09
N VAL C 137 -22.42 -12.29 17.26
CA VAL C 137 -22.93 -13.35 18.11
C VAL C 137 -24.16 -12.91 18.88
N SER C 138 -24.57 -11.66 18.68
CA SER C 138 -25.77 -11.15 19.32
C SER C 138 -27.02 -11.85 18.77
N TYR C 140 -27.54 -15.13 18.18
CA TYR C 140 -27.70 -16.54 18.50
C TYR C 140 -28.88 -16.80 19.43
N ASP C 141 -29.84 -17.60 18.96
CA ASP C 141 -30.91 -18.08 19.83
C ASP C 141 -30.36 -19.23 20.67
N ARG C 142 -31.19 -19.77 21.54
CA ARG C 142 -30.72 -20.87 22.40
C ARG C 142 -30.67 -22.19 21.64
N LYS C 143 -31.65 -22.42 20.76
CA LYS C 143 -31.66 -23.62 19.93
C LYS C 143 -30.31 -23.77 19.27
N LEU C 144 -29.89 -22.73 18.56
CA LEU C 144 -28.59 -22.69 17.92
C LEU C 144 -27.48 -22.99 18.92
N PHE C 145 -27.36 -22.14 19.93
CA PHE C 145 -26.30 -22.24 20.91
C PHE C 145 -26.11 -23.67 21.43
N LYS C 146 -27.22 -24.37 21.65
CA LYS C 146 -27.13 -25.74 22.15
C LYS C 146 -26.51 -26.65 21.09
N ILE C 147 -27.01 -26.56 19.87
CA ILE C 147 -26.44 -27.32 18.77
C ILE C 147 -24.95 -27.00 18.65
N LEU C 148 -24.60 -25.76 18.94
CA LEU C 148 -23.21 -25.34 18.99
C LEU C 148 -22.45 -26.16 20.02
N LEU C 149 -22.80 -26.00 21.29
CA LEU C 149 -22.14 -26.73 22.38
C LEU C 149 -22.23 -28.25 22.21
N SER C 150 -23.39 -28.73 21.76
CA SER C 150 -23.63 -30.15 21.58
C SER C 150 -22.65 -30.76 20.58
N THR C 151 -22.01 -29.91 19.78
CA THR C 151 -21.14 -30.35 18.69
C THR C 151 -19.66 -30.22 19.01
N ILE C 152 -19.21 -28.99 19.23
CA ILE C 152 -17.79 -28.69 19.37
C ILE C 152 -17.09 -29.64 20.35
N PRO C 153 -15.96 -30.23 19.92
CA PRO C 153 -15.13 -31.11 20.75
C PRO C 153 -14.23 -30.32 21.70
N PRO C 154 -13.49 -31.01 22.57
CA PRO C 154 -12.65 -30.36 23.59
C PRO C 154 -11.51 -29.53 23.01
N TRP C 155 -10.91 -29.99 21.92
CA TRP C 155 -9.74 -29.32 21.35
C TRP C 155 -10.10 -28.04 20.60
N CYS C 156 -11.40 -27.81 20.41
CA CYS C 156 -11.85 -26.63 19.69
C CYS C 156 -12.36 -25.55 20.65
N THR C 157 -11.66 -24.43 20.69
CA THR C 157 -12.05 -23.31 21.54
C THR C 157 -12.73 -22.24 20.67
N ILE C 158 -13.84 -21.69 21.18
CA ILE C 158 -14.64 -20.74 20.40
C ILE C 158 -14.41 -19.29 20.84
N ILE C 159 -14.18 -18.42 19.86
CA ILE C 159 -14.10 -17.00 20.13
C ILE C 159 -15.05 -16.23 19.22
N GLY C 160 -16.11 -15.67 19.80
CA GLY C 160 -17.05 -14.87 19.04
C GLY C 160 -16.89 -13.39 19.33
N ILE C 161 -17.52 -12.57 18.50
CA ILE C 161 -17.60 -11.13 18.76
C ILE C 161 -18.95 -10.57 18.32
N GLY C 162 -19.56 -9.78 19.19
CA GLY C 162 -20.82 -9.13 18.90
C GLY C 162 -21.01 -8.00 19.87
N ASP C 163 -22.19 -7.38 19.86
CA ASP C 163 -22.53 -6.35 20.82
C ASP C 163 -23.74 -6.77 21.64
N ASN C 164 -23.59 -6.85 22.96
CA ASN C 164 -24.68 -7.30 23.82
C ASN C 164 -25.88 -6.34 23.81
N LYS C 165 -25.65 -5.11 23.37
CA LYS C 165 -26.72 -4.13 23.23
C LYS C 165 -27.30 -4.03 21.82
N GLN C 166 -26.83 -4.88 20.91
CA GLN C 166 -27.49 -5.03 19.62
C GLN C 166 -28.79 -5.76 19.92
N ILE C 167 -29.61 -5.97 18.89
CA ILE C 167 -30.88 -6.63 19.11
C ILE C 167 -30.70 -8.09 19.52
N ARG C 168 -31.31 -8.44 20.65
CA ARG C 168 -31.31 -9.83 21.08
C ARG C 168 -32.05 -10.64 20.04
N PRO C 169 -31.80 -11.97 20.00
CA PRO C 169 -32.44 -12.82 19.00
C PRO C 169 -33.95 -12.80 19.11
N VAL C 170 -34.65 -13.04 18.00
CA VAL C 170 -36.10 -13.11 18.02
C VAL C 170 -36.55 -14.55 18.21
N ASP C 171 -37.05 -14.82 19.40
CA ASP C 171 -37.42 -16.18 19.79
C ASP C 171 -38.78 -16.17 20.50
N PRO C 172 -39.86 -16.32 19.71
CA PRO C 172 -41.22 -16.26 20.26
C PRO C 172 -41.45 -17.23 21.43
N GLY C 173 -40.98 -18.47 21.30
CA GLY C 173 -41.24 -19.52 22.28
C GLY C 173 -40.77 -19.21 23.70
N GLU C 174 -39.61 -18.56 23.80
CA GLU C 174 -39.04 -18.21 25.11
C GLU C 174 -39.46 -16.80 25.51
N ASN C 175 -40.27 -16.69 26.55
CA ASN C 175 -40.65 -15.38 27.05
C ASN C 175 -39.68 -14.96 28.14
N THR C 176 -38.83 -13.99 27.82
CA THR C 176 -37.70 -13.63 28.66
C THR C 176 -36.89 -12.50 28.02
N ALA C 177 -36.04 -11.87 28.83
CA ALA C 177 -35.08 -10.90 28.33
C ALA C 177 -34.35 -11.52 27.14
N TYR C 178 -33.63 -12.61 27.40
CA TYR C 178 -33.09 -13.45 26.34
C TYR C 178 -32.09 -12.77 25.41
N ILE C 179 -30.92 -12.44 25.94
CA ILE C 179 -29.81 -11.97 25.12
C ILE C 179 -28.92 -13.15 24.80
N SER C 180 -28.28 -13.12 23.62
CA SER C 180 -27.53 -14.27 23.15
C SER C 180 -26.65 -14.86 24.25
N PRO C 181 -26.75 -16.18 24.42
CA PRO C 181 -26.00 -16.95 25.43
C PRO C 181 -24.50 -16.74 25.33
N PHE C 182 -24.01 -16.33 24.16
CA PHE C 182 -22.59 -16.03 24.00
C PHE C 182 -22.14 -15.08 25.09
N PHE C 183 -23.07 -14.27 25.60
CA PHE C 183 -22.78 -13.27 26.62
C PHE C 183 -23.04 -13.73 28.05
N THR C 184 -23.47 -14.98 28.21
CA THR C 184 -23.85 -15.51 29.53
C THR C 184 -22.99 -16.70 29.98
N HIS C 185 -23.01 -17.76 29.19
CA HIS C 185 -22.59 -19.10 29.63
C HIS C 185 -21.24 -19.16 30.36
N LYS C 186 -21.20 -19.98 31.40
CA LYS C 186 -20.06 -20.09 32.31
C LYS C 186 -18.72 -20.40 31.63
N ASP C 187 -18.76 -21.09 30.51
CA ASP C 187 -17.53 -21.44 29.80
C ASP C 187 -17.00 -20.27 28.98
N PHE C 188 -17.79 -19.20 28.88
CA PHE C 188 -17.41 -18.00 28.13
C PHE C 188 -17.01 -16.85 29.04
N TYR C 189 -15.77 -16.41 28.92
CA TYR C 189 -15.31 -15.22 29.62
C TYR C 189 -15.59 -14.01 28.74
N GLN C 190 -16.29 -13.02 29.28
CA GLN C 190 -16.65 -11.83 28.52
C GLN C 190 -15.71 -10.69 28.85
N CYS C 191 -14.86 -10.32 27.89
CA CYS C 191 -14.04 -9.14 28.08
C CYS C 191 -14.64 -7.96 27.33
N GLU C 192 -14.98 -6.92 28.09
CA GLU C 192 -15.50 -5.68 27.52
C GLU C 192 -14.39 -4.99 26.72
N LEU C 193 -14.79 -4.09 25.82
CA LEU C 193 -13.83 -3.31 25.08
C LEU C 193 -13.89 -1.84 25.46
N THR C 194 -12.76 -1.16 25.37
CA THR C 194 -12.66 0.22 25.80
C THR C 194 -12.73 1.18 24.63
N GLU C 195 -13.34 2.34 24.86
CA GLU C 195 -13.56 3.34 23.82
C GLU C 195 -12.24 3.77 23.15
N VAL C 196 -12.33 4.12 21.86
CA VAL C 196 -11.13 4.36 21.05
C VAL C 196 -10.67 5.82 21.03
N LYS C 197 -9.70 6.11 20.16
CA LYS C 197 -9.22 7.46 19.97
C LYS C 197 -10.39 8.37 19.60
N ARG C 198 -10.55 9.46 20.35
CA ARG C 198 -11.76 10.25 20.25
C ARG C 198 -11.79 11.22 19.08
N SER C 199 -12.92 11.90 18.92
CA SER C 199 -13.16 12.83 17.84
C SER C 199 -14.39 13.66 18.18
N ASN C 200 -14.91 14.39 17.20
CA ASN C 200 -16.28 14.87 17.31
C ASN C 200 -17.13 13.79 16.68
N ALA C 201 -17.88 13.09 17.52
CA ALA C 201 -18.63 11.91 17.08
C ALA C 201 -19.98 11.88 17.76
N PRO C 202 -20.87 12.79 17.37
CA PRO C 202 -22.20 12.94 18.00
C PRO C 202 -22.98 11.64 17.89
N ILE C 203 -22.92 11.03 16.71
CA ILE C 203 -23.67 9.81 16.44
C ILE C 203 -23.35 8.73 17.49
N ILE C 204 -22.07 8.67 17.88
CA ILE C 204 -21.64 7.70 18.88
C ILE C 204 -21.96 8.14 20.31
N ASP C 205 -21.97 9.45 20.54
CA ASP C 205 -22.30 9.98 21.86
C ASP C 205 -23.71 9.59 22.26
N VAL C 206 -24.68 9.96 21.43
CA VAL C 206 -26.08 9.64 21.66
C VAL C 206 -26.32 8.14 21.77
N ALA C 207 -25.60 7.37 20.95
CA ALA C 207 -25.75 5.93 20.93
C ALA C 207 -25.21 5.26 22.20
N THR C 208 -24.11 5.79 22.72
CA THR C 208 -23.51 5.25 23.94
C THR C 208 -24.43 5.46 25.14
N ASP C 209 -25.16 6.58 25.14
CA ASP C 209 -26.14 6.87 26.17
C ASP C 209 -27.37 5.98 26.01
N VAL C 210 -27.81 5.81 24.77
CA VAL C 210 -29.00 5.01 24.47
C VAL C 210 -28.91 3.60 25.05
N ARG C 211 -27.71 3.03 25.05
CA ARG C 211 -27.53 1.68 25.58
C ARG C 211 -27.47 1.73 27.11
N ASN C 212 -27.15 2.90 27.63
CA ASN C 212 -27.07 3.11 29.07
C ASN C 212 -28.38 3.64 29.66
N GLY C 213 -29.43 3.66 28.83
CA GLY C 213 -30.78 3.93 29.29
C GLY C 213 -31.43 5.22 28.86
N LYS C 214 -30.64 6.16 28.34
CA LYS C 214 -31.18 7.42 27.87
C LYS C 214 -31.90 7.23 26.54
N TRP C 215 -33.11 7.76 26.42
CA TRP C 215 -33.81 7.74 25.15
C TRP C 215 -33.13 8.75 24.23
N ILE C 216 -33.31 8.57 22.93
CA ILE C 216 -32.60 9.37 21.94
C ILE C 216 -32.79 10.87 22.16
N TYR C 217 -31.76 11.65 21.84
CA TYR C 217 -31.77 13.09 22.04
C TYR C 217 -30.91 13.81 20.99
N ASP C 218 -31.08 15.12 20.89
CA ASP C 218 -30.39 15.91 19.87
C ASP C 218 -28.95 16.22 20.23
N LYS C 219 -28.02 15.80 19.36
CA LYS C 219 -26.64 16.26 19.41
C LYS C 219 -26.09 16.57 18.02
N VAL C 220 -25.68 17.82 17.81
CA VAL C 220 -25.16 18.24 16.51
C VAL C 220 -23.80 18.91 16.67
N VAL C 221 -22.77 18.28 16.11
CA VAL C 221 -21.42 18.81 16.16
C VAL C 221 -20.82 18.85 14.75
N ASP C 222 -20.45 20.06 14.32
CA ASP C 222 -19.97 20.31 12.96
C ASP C 222 -21.14 20.55 12.01
N GLY C 223 -22.35 20.34 12.51
CA GLY C 223 -23.55 20.43 11.69
C GLY C 223 -23.97 19.04 11.23
N HIS C 224 -23.30 18.03 11.76
CA HIS C 224 -23.57 16.64 11.42
C HIS C 224 -23.73 15.80 12.67
N GLY C 225 -24.92 15.23 12.85
CA GLY C 225 -25.24 14.45 14.03
C GLY C 225 -26.72 14.10 14.15
N VAL C 226 -27.16 13.83 15.37
CA VAL C 226 -28.54 13.46 15.62
C VAL C 226 -29.47 14.69 15.68
N ARG C 227 -30.55 14.64 14.92
CA ARG C 227 -31.49 15.75 14.82
C ARG C 227 -32.92 15.21 14.81
N GLY C 228 -33.76 15.71 15.69
CA GLY C 228 -35.12 15.21 15.83
C GLY C 228 -36.20 16.12 15.26
N PHE C 229 -37.44 15.63 15.31
CA PHE C 229 -38.58 16.42 14.87
C PHE C 229 -39.75 16.32 15.87
N THR C 230 -40.16 17.47 16.40
CA THR C 230 -41.25 17.52 17.38
C THR C 230 -42.23 18.63 17.08
N GLY C 231 -43.21 18.80 17.96
CA GLY C 231 -44.22 19.84 17.80
C GLY C 231 -45.49 19.31 17.21
N ASP C 232 -46.50 20.18 17.09
CA ASP C 232 -47.78 19.79 16.51
C ASP C 232 -47.60 19.36 15.05
N THR C 233 -46.69 20.02 14.35
CA THR C 233 -46.21 19.52 13.06
C THR C 233 -44.86 18.89 13.31
N ALA C 234 -44.82 17.57 13.24
CA ALA C 234 -43.62 16.82 13.56
C ALA C 234 -43.25 15.93 12.39
N LEU C 235 -44.14 14.99 12.10
CA LEU C 235 -43.94 14.05 11.00
C LEU C 235 -43.94 14.78 9.66
N ARG C 236 -44.92 15.66 9.46
CA ARG C 236 -44.99 16.45 8.23
C ARG C 236 -43.68 17.19 8.02
N ASP C 237 -43.05 17.58 9.12
CA ASP C 237 -41.74 18.24 9.08
C ASP C 237 -40.63 17.24 8.75
N PHE C 238 -40.68 16.09 9.40
CA PHE C 238 -39.68 15.04 9.19
C PHE C 238 -39.62 14.63 7.73
N VAL C 240 -40.83 16.06 4.98
CA VAL C 240 -40.41 17.13 4.09
C VAL C 240 -38.89 17.22 4.01
N ASN C 241 -38.21 16.79 5.07
CA ASN C 241 -36.75 16.81 5.10
C ASN C 241 -36.09 15.64 4.37
N TYR C 242 -36.62 14.43 4.57
CA TYR C 242 -36.08 13.26 3.88
C TYR C 242 -36.19 13.47 2.38
N PHE C 243 -37.34 13.95 1.95
CA PHE C 243 -37.58 14.24 0.54
C PHE C 243 -36.64 15.31 0.01
N SER C 244 -36.02 16.07 0.92
CA SER C 244 -35.04 17.08 0.54
C SER C 244 -33.67 16.46 0.26
N ILE C 245 -33.29 15.49 1.08
CA ILE C 245 -31.97 14.86 0.99
C ILE C 245 -31.99 13.72 -0.02
N VAL C 246 -33.20 13.32 -0.42
CA VAL C 246 -33.38 12.20 -1.34
C VAL C 246 -33.98 12.68 -2.67
N LYS C 247 -35.19 13.23 -2.60
CA LYS C 247 -35.89 13.71 -3.79
C LYS C 247 -36.06 12.61 -4.82
N SER C 248 -35.54 12.83 -6.02
CA SER C 248 -35.70 11.87 -7.11
C SER C 248 -34.58 10.83 -7.13
N LEU C 249 -33.60 10.99 -6.24
CA LEU C 249 -32.44 10.10 -6.28
C LEU C 249 -32.94 8.66 -6.26
N ASP C 250 -32.55 7.89 -7.28
CA ASP C 250 -32.81 6.47 -7.24
C ASP C 250 -31.67 5.84 -6.46
N ASP C 251 -30.60 6.59 -6.26
CA ASP C 251 -29.62 6.14 -5.30
C ASP C 251 -30.01 6.77 -3.99
N LEU C 252 -30.71 5.99 -3.20
CA LEU C 252 -30.90 6.21 -1.78
C LEU C 252 -29.96 5.26 -1.06
N PHE C 253 -29.13 4.58 -1.84
CA PHE C 253 -28.33 3.47 -1.34
C PHE C 253 -27.69 3.82 -0.01
N GLU C 254 -27.33 5.09 0.18
CA GLU C 254 -26.76 5.55 1.44
C GLU C 254 -27.76 6.24 2.40
N ASN C 255 -29.01 6.40 1.96
CA ASN C 255 -30.07 6.89 2.85
C ASN C 255 -31.14 5.83 3.10
N ARG C 256 -31.17 5.29 4.31
CA ARG C 256 -32.18 4.30 4.64
C ARG C 256 -33.03 4.81 5.79
N VAL C 257 -34.33 4.52 5.74
CA VAL C 257 -35.23 4.82 6.85
C VAL C 257 -35.66 3.53 7.54
N ALA C 259 -37.99 1.45 10.87
CA ALA C 259 -39.12 1.43 11.78
C ALA C 259 -39.11 0.08 12.48
N PHE C 260 -39.78 -0.01 13.63
CA PHE C 260 -39.83 -1.27 14.35
C PHE C 260 -40.72 -2.25 13.59
N THR C 261 -41.99 -1.89 13.51
CA THR C 261 -42.99 -2.72 12.86
C THR C 261 -42.87 -2.69 11.35
N ASN C 262 -43.21 -3.82 10.72
CA ASN C 262 -43.28 -3.89 9.26
C ASN C 262 -44.32 -2.90 8.76
N LYS C 263 -45.47 -2.91 9.42
CA LYS C 263 -46.60 -2.06 9.05
C LYS C 263 -46.22 -0.59 8.88
N SER C 264 -45.27 -0.13 9.68
CA SER C 264 -44.79 1.24 9.59
C SER C 264 -43.79 1.39 8.44
N VAL C 265 -42.94 0.39 8.26
CA VAL C 265 -42.02 0.38 7.13
C VAL C 265 -42.81 0.39 5.83
N ASP C 266 -43.86 -0.42 5.76
CA ASP C 266 -44.70 -0.53 4.58
C ASP C 266 -45.43 0.77 4.26
N LYS C 267 -46.00 1.39 5.28
CA LYS C 267 -46.64 2.69 5.13
C LYS C 267 -45.62 3.73 4.65
N LEU C 268 -44.40 3.65 5.17
CA LEU C 268 -43.35 4.61 4.83
C LEU C 268 -42.93 4.48 3.36
N ASN C 269 -42.60 3.26 2.94
CA ASN C 269 -42.17 3.01 1.58
C ASN C 269 -43.12 3.60 0.54
N SER C 270 -44.39 3.23 0.64
CA SER C 270 -45.39 3.64 -0.36
C SER C 270 -45.43 5.15 -0.58
N ILE C 271 -45.26 5.91 0.49
CA ILE C 271 -45.27 7.37 0.37
C ILE C 271 -43.97 7.86 -0.25
N ILE C 272 -42.87 7.18 0.09
CA ILE C 272 -41.56 7.52 -0.43
C ILE C 272 -41.48 7.20 -1.93
N ARG C 273 -42.12 6.11 -2.35
CA ARG C 273 -42.12 5.72 -3.76
C ARG C 273 -43.02 6.62 -4.61
N LYS C 274 -44.18 6.97 -4.07
CA LYS C 274 -45.14 7.80 -4.79
C LYS C 274 -44.57 9.20 -5.03
N LYS C 275 -43.43 9.48 -4.39
CA LYS C 275 -42.76 10.77 -4.52
C LYS C 275 -41.56 10.68 -5.45
N ILE C 276 -40.57 9.86 -5.07
CA ILE C 276 -39.34 9.74 -5.85
C ILE C 276 -39.65 9.59 -7.33
N PHE C 277 -40.19 8.43 -7.70
CA PHE C 277 -40.70 8.21 -9.05
C PHE C 277 -42.19 8.08 -8.89
N GLU C 278 -42.94 9.09 -9.33
CA GLU C 278 -44.35 9.16 -8.95
C GLU C 278 -45.10 8.03 -9.62
N THR C 279 -45.66 7.15 -8.80
CA THR C 279 -46.45 6.02 -9.28
C THR C 279 -47.41 5.54 -8.21
N ASP C 280 -48.54 5.00 -8.64
CA ASP C 280 -49.38 4.22 -7.75
C ASP C 280 -49.15 2.73 -7.96
N LYS C 281 -48.22 2.40 -8.84
CA LYS C 281 -47.83 1.02 -9.04
C LYS C 281 -47.00 0.51 -7.86
N ASP C 282 -47.41 -0.62 -7.29
CA ASP C 282 -46.69 -1.22 -6.18
C ASP C 282 -45.26 -1.51 -6.58
N PHE C 283 -45.05 -1.75 -7.87
CA PHE C 283 -43.71 -2.01 -8.41
C PHE C 283 -43.47 -1.29 -9.72
N ILE C 284 -42.23 -0.83 -9.91
CA ILE C 284 -41.87 -0.08 -11.10
C ILE C 284 -40.79 -0.81 -11.89
N VAL C 285 -40.75 -0.58 -13.20
CA VAL C 285 -39.68 -1.14 -14.03
C VAL C 285 -38.37 -0.43 -13.76
N GLY C 286 -37.34 -1.20 -13.44
CA GLY C 286 -36.02 -0.65 -13.16
C GLY C 286 -35.76 -0.47 -11.68
N GLU C 287 -36.83 -0.53 -10.88
CA GLU C 287 -36.71 -0.33 -9.44
C GLU C 287 -35.94 -1.46 -8.76
N ILE C 288 -35.11 -1.09 -7.78
CA ILE C 288 -34.37 -2.07 -7.00
C ILE C 288 -35.15 -2.41 -5.73
N ILE C 289 -35.21 -3.70 -5.40
CA ILE C 289 -35.91 -4.18 -4.21
C ILE C 289 -35.10 -5.22 -3.46
N VAL C 290 -35.64 -5.74 -2.37
CA VAL C 290 -34.88 -6.63 -1.51
C VAL C 290 -35.64 -7.89 -1.10
N GLN C 292 -36.97 -10.74 1.04
CA GLN C 292 -37.20 -10.99 2.46
C GLN C 292 -36.90 -12.44 2.85
N GLU C 293 -36.92 -13.32 1.84
CA GLU C 293 -36.59 -14.72 2.04
C GLU C 293 -35.72 -15.20 0.88
N PRO C 294 -35.00 -16.30 1.08
CA PRO C 294 -34.15 -16.81 0.00
C PRO C 294 -34.99 -17.41 -1.12
N LEU C 295 -34.60 -17.14 -2.37
CA LEU C 295 -35.28 -17.72 -3.53
C LEU C 295 -34.60 -19.02 -3.93
N PHE C 296 -35.39 -20.04 -4.20
CA PHE C 296 -34.84 -21.33 -4.59
C PHE C 296 -35.28 -21.75 -5.99
N LYS C 297 -34.75 -22.88 -6.41
CA LYS C 297 -35.22 -23.59 -7.59
C LYS C 297 -35.38 -25.01 -7.09
N THR C 298 -36.59 -25.53 -7.05
CA THR C 298 -36.80 -26.85 -6.49
C THR C 298 -37.26 -27.83 -7.56
N TYR C 299 -36.55 -28.94 -7.66
CA TYR C 299 -36.78 -29.92 -8.72
C TYR C 299 -37.38 -31.22 -8.19
N LYS C 300 -38.11 -31.91 -9.06
CA LYS C 300 -38.71 -33.19 -8.68
C LYS C 300 -37.88 -34.35 -9.23
N ILE C 301 -37.19 -35.05 -8.34
CA ILE C 301 -36.31 -36.14 -8.74
C ILE C 301 -36.49 -37.37 -7.87
N ASP C 302 -36.93 -38.47 -8.51
CA ASP C 302 -37.10 -39.74 -7.82
C ASP C 302 -37.71 -39.58 -6.43
N GLY C 303 -38.96 -39.11 -6.40
CA GLY C 303 -39.67 -38.91 -5.15
C GLY C 303 -38.92 -38.09 -4.12
N LYS C 304 -38.13 -37.12 -4.59
CA LYS C 304 -37.40 -36.23 -3.70
C LYS C 304 -37.29 -34.81 -4.24
N PRO C 305 -37.29 -33.82 -3.34
CA PRO C 305 -36.86 -32.47 -3.70
C PRO C 305 -35.33 -32.36 -3.72
N VAL C 306 -34.81 -31.57 -4.64
CA VAL C 306 -33.43 -31.08 -4.60
C VAL C 306 -33.49 -29.65 -5.10
N SER C 307 -32.77 -28.75 -4.43
CA SER C 307 -32.91 -27.34 -4.74
C SER C 307 -31.58 -26.60 -4.82
N GLU C 308 -31.52 -25.62 -5.72
CA GLU C 308 -30.37 -24.73 -5.83
C GLU C 308 -30.80 -23.30 -5.51
N ILE C 309 -29.87 -22.50 -5.01
CA ILE C 309 -30.19 -21.16 -4.53
C ILE C 309 -30.05 -20.11 -5.62
N ILE C 310 -31.17 -19.52 -6.02
CA ILE C 310 -31.15 -18.43 -6.99
C ILE C 310 -30.78 -17.09 -6.36
N PHE C 311 -31.45 -16.76 -5.26
CA PHE C 311 -31.26 -15.48 -4.58
C PHE C 311 -31.11 -15.68 -3.08
N ASN C 312 -30.08 -15.09 -2.50
CA ASN C 312 -29.87 -15.20 -1.06
C ASN C 312 -30.82 -14.27 -0.31
N ASN C 313 -31.19 -14.65 0.91
CA ASN C 313 -31.98 -13.76 1.73
C ASN C 313 -31.23 -12.45 1.91
N GLY C 314 -31.88 -11.35 1.57
CA GLY C 314 -31.25 -10.04 1.69
C GLY C 314 -30.59 -9.60 0.41
N GLN C 315 -30.51 -10.49 -0.56
CA GLN C 315 -29.97 -10.14 -1.86
C GLN C 315 -30.85 -9.07 -2.49
N LEU C 316 -30.23 -8.11 -3.17
CA LEU C 316 -30.97 -7.04 -3.83
C LEU C 316 -31.09 -7.34 -5.32
N VAL C 317 -32.21 -6.94 -5.91
CA VAL C 317 -32.51 -7.28 -7.30
C VAL C 317 -33.14 -6.14 -8.07
N ARG C 318 -32.93 -6.12 -9.39
CA ARG C 318 -33.46 -5.07 -10.24
C ARG C 318 -34.66 -5.54 -11.07
N ILE C 319 -35.74 -4.77 -11.05
CA ILE C 319 -36.94 -5.11 -11.82
C ILE C 319 -36.74 -4.88 -13.31
N ILE C 320 -37.10 -5.88 -14.11
CA ILE C 320 -37.07 -5.73 -15.56
C ILE C 320 -38.48 -5.59 -16.11
N GLU C 321 -39.24 -6.68 -16.07
CA GLU C 321 -40.63 -6.68 -16.48
C GLU C 321 -41.53 -6.82 -15.26
N ALA C 322 -42.49 -5.89 -15.12
CA ALA C 322 -43.43 -5.94 -14.02
C ALA C 322 -44.87 -5.91 -14.53
N GLU C 323 -45.64 -6.94 -14.21
CA GLU C 323 -47.00 -7.08 -14.71
C GLU C 323 -47.90 -7.67 -13.64
N TYR C 324 -49.14 -7.18 -13.55
CA TYR C 324 -50.10 -7.68 -12.59
C TYR C 324 -51.09 -8.62 -13.26
N THR C 325 -51.18 -9.85 -12.75
CA THR C 325 -52.15 -10.81 -13.24
C THR C 325 -52.71 -11.60 -12.06
N SER C 326 -53.47 -12.64 -12.35
CA SER C 326 -53.91 -13.55 -11.31
C SER C 326 -53.36 -14.96 -11.56
N THR C 327 -53.61 -15.86 -10.62
CA THR C 327 -53.25 -17.25 -10.78
C THR C 327 -54.25 -18.13 -10.04
N PHE C 328 -54.61 -19.26 -10.63
CA PHE C 328 -55.46 -20.21 -9.94
C PHE C 328 -54.61 -21.16 -9.12
N VAL C 329 -54.99 -21.36 -7.87
CA VAL C 329 -54.26 -22.24 -6.98
C VAL C 329 -55.17 -23.36 -6.47
N LYS C 330 -54.66 -24.59 -6.51
CA LYS C 330 -55.43 -25.73 -6.04
C LYS C 330 -54.48 -26.69 -5.34
N ALA C 331 -55.05 -27.54 -4.49
CA ALA C 331 -54.31 -28.63 -3.88
C ALA C 331 -55.18 -29.87 -3.96
N ARG C 332 -54.56 -31.02 -4.20
CA ARG C 332 -55.32 -32.23 -4.32
C ARG C 332 -55.92 -32.58 -2.97
N GLY C 333 -57.25 -32.66 -2.91
CA GLY C 333 -57.94 -32.90 -1.65
C GLY C 333 -58.59 -31.65 -1.06
N VAL C 334 -58.53 -30.55 -1.79
CA VAL C 334 -59.23 -29.33 -1.39
C VAL C 334 -60.12 -28.82 -2.54
N PRO C 335 -61.34 -28.34 -2.20
CA PRO C 335 -62.39 -28.12 -3.19
C PRO C 335 -62.09 -27.00 -4.19
N GLY C 336 -62.30 -27.32 -5.47
CA GLY C 336 -62.23 -26.33 -6.53
C GLY C 336 -60.91 -25.59 -6.62
N GLU C 337 -60.96 -24.42 -7.27
CA GLU C 337 -59.77 -23.58 -7.43
C GLU C 337 -59.96 -22.23 -6.75
N TYR C 338 -58.85 -21.65 -6.29
CA TYR C 338 -58.87 -20.37 -5.59
C TYR C 338 -58.05 -19.35 -6.37
N LEU C 339 -58.59 -18.17 -6.56
CA LEU C 339 -57.88 -17.15 -7.33
C LEU C 339 -57.15 -16.15 -6.42
N ILE C 340 -55.86 -16.01 -6.65
CA ILE C 340 -55.05 -15.01 -5.95
C ILE C 340 -54.45 -14.04 -6.96
N ARG C 341 -54.73 -12.76 -6.80
CA ARG C 341 -54.14 -11.74 -7.65
C ARG C 341 -52.77 -11.34 -7.11
N HIS C 342 -51.74 -11.49 -7.95
CA HIS C 342 -50.38 -11.21 -7.56
C HIS C 342 -49.67 -10.40 -8.62
N TRP C 343 -48.37 -10.20 -8.44
CA TRP C 343 -47.55 -9.59 -9.47
C TRP C 343 -46.66 -10.66 -10.12
N ASP C 344 -46.47 -10.54 -11.42
CA ASP C 344 -45.41 -11.28 -12.10
C ASP C 344 -44.26 -10.32 -12.29
N LEU C 345 -43.14 -10.60 -11.62
CA LEU C 345 -41.97 -9.73 -11.71
C LEU C 345 -40.74 -10.51 -12.12
N THR C 346 -40.22 -10.22 -13.31
CA THR C 346 -38.96 -10.80 -13.74
C THR C 346 -37.84 -9.91 -13.20
N VAL C 347 -36.88 -10.52 -12.52
CA VAL C 347 -35.92 -9.74 -11.76
C VAL C 347 -34.50 -10.31 -11.80
N GLU C 348 -33.52 -9.43 -11.96
CA GLU C 348 -32.12 -9.83 -12.13
C GLU C 348 -31.26 -9.44 -10.93
N THR C 349 -30.22 -10.23 -10.69
CA THR C 349 -29.30 -9.98 -9.58
C THR C 349 -28.72 -8.58 -9.65
N TYR C 350 -28.57 -7.95 -8.49
CA TYR C 350 -27.92 -6.64 -8.39
C TYR C 350 -26.80 -6.68 -7.35
N GLY C 351 -25.57 -6.56 -7.81
CA GLY C 351 -24.42 -6.65 -6.93
C GLY C 351 -23.25 -7.31 -7.63
N ASP C 352 -22.28 -7.76 -6.84
CA ASP C 352 -21.14 -8.50 -7.37
C ASP C 352 -21.44 -10.00 -7.33
N ASP C 353 -22.65 -10.34 -6.91
CA ASP C 353 -23.05 -11.73 -6.68
C ASP C 353 -23.28 -12.51 -7.97
N GLU C 354 -23.69 -13.77 -7.81
CA GLU C 354 -24.08 -14.60 -8.94
C GLU C 354 -25.24 -13.97 -9.67
N TYR C 355 -25.11 -13.82 -10.99
CA TYR C 355 -26.19 -13.22 -11.77
C TYR C 355 -27.21 -14.26 -12.24
N TYR C 356 -28.46 -14.05 -11.86
CA TYR C 356 -29.58 -14.84 -12.39
C TYR C 356 -30.70 -13.89 -12.79
N ARG C 357 -31.46 -14.27 -13.81
CA ARG C 357 -32.68 -13.55 -14.16
C ARG C 357 -33.86 -14.50 -14.03
N GLU C 358 -34.72 -14.25 -13.06
CA GLU C 358 -35.87 -15.13 -12.83
C GLU C 358 -37.19 -14.36 -12.65
N LYS C 359 -38.29 -15.03 -12.95
CA LYS C 359 -39.62 -14.46 -12.80
C LYS C 359 -40.25 -14.99 -11.51
N ILE C 360 -40.66 -14.08 -10.63
CA ILE C 360 -41.18 -14.46 -9.34
C ILE C 360 -42.54 -13.82 -9.09
N LYS C 361 -43.37 -14.50 -8.29
CA LYS C 361 -44.71 -14.02 -7.98
C LYS C 361 -44.75 -13.40 -6.59
N ILE C 362 -45.16 -12.14 -6.51
CA ILE C 362 -45.29 -11.45 -5.23
C ILE C 362 -46.72 -10.98 -5.03
N ILE C 363 -47.33 -11.36 -3.91
CA ILE C 363 -48.70 -10.95 -3.66
C ILE C 363 -48.64 -9.62 -2.95
N SER C 364 -49.08 -8.56 -3.64
CA SER C 364 -49.27 -7.31 -2.95
C SER C 364 -50.75 -7.03 -2.93
N SER C 365 -51.33 -7.29 -1.77
CA SER C 365 -52.61 -6.81 -1.36
C SER C 365 -52.80 -7.52 -0.04
N ASP C 366 -53.56 -6.93 0.85
CA ASP C 366 -53.83 -7.57 2.13
C ASP C 366 -55.01 -8.52 2.00
N GLU C 367 -55.98 -8.11 1.21
CA GLU C 367 -57.19 -8.90 1.01
C GLU C 367 -56.93 -10.05 0.06
N GLU C 368 -55.91 -9.91 -0.78
CA GLU C 368 -55.53 -11.01 -1.67
C GLU C 368 -54.65 -12.03 -0.95
N LEU C 369 -53.69 -11.55 -0.19
CA LEU C 369 -52.85 -12.41 0.64
C LEU C 369 -53.72 -13.16 1.64
N TYR C 370 -54.85 -12.56 1.98
CA TYR C 370 -55.78 -13.17 2.92
C TYR C 370 -56.41 -14.42 2.33
N LYS C 371 -56.93 -14.29 1.11
CA LYS C 371 -57.55 -15.43 0.44
C LYS C 371 -56.55 -16.59 0.43
N PHE C 372 -55.31 -16.26 0.08
CA PHE C 372 -54.25 -17.25 0.02
C PHE C 372 -54.03 -17.96 1.37
N ASN C 373 -53.64 -17.20 2.38
CA ASN C 373 -53.40 -17.78 3.71
C ASN C 373 -54.58 -18.62 4.15
N LEU C 374 -55.77 -18.23 3.70
CA LEU C 374 -56.97 -18.98 4.02
C LEU C 374 -56.92 -20.34 3.34
N PHE C 375 -56.54 -20.34 2.07
CA PHE C 375 -56.34 -21.59 1.33
C PHE C 375 -55.24 -22.43 1.97
N LEU C 376 -54.07 -21.83 2.20
CA LEU C 376 -52.96 -22.52 2.82
C LEU C 376 -53.34 -23.19 4.14
N GLY C 377 -54.14 -22.49 4.94
CA GLY C 377 -54.61 -23.05 6.19
C GLY C 377 -55.64 -24.14 5.97
N LYS C 378 -56.51 -23.92 4.99
CA LYS C 378 -57.54 -24.90 4.64
C LYS C 378 -56.93 -26.26 4.31
N THR C 379 -56.00 -26.27 3.35
CA THR C 379 -55.36 -27.51 2.94
C THR C 379 -54.43 -28.07 4.01
N ALA C 380 -53.74 -27.19 4.72
CA ALA C 380 -52.88 -27.61 5.82
C ALA C 380 -53.70 -28.45 6.81
N GLU C 381 -54.97 -28.07 6.97
CA GLU C 381 -55.85 -28.80 7.88
C GLU C 381 -56.33 -30.12 7.29
N THR C 382 -56.84 -30.09 6.06
CA THR C 382 -57.40 -31.28 5.45
C THR C 382 -56.34 -32.36 5.26
N TYR C 383 -55.09 -31.96 5.11
CA TYR C 383 -53.99 -32.90 5.04
C TYR C 383 -53.60 -33.38 6.43
N LYS C 384 -53.64 -32.48 7.41
CA LYS C 384 -53.27 -32.82 8.77
C LYS C 384 -53.96 -34.13 9.18
N ASN C 385 -55.27 -34.20 8.91
CA ASN C 385 -55.98 -35.47 9.02
C ASN C 385 -56.48 -35.92 7.65
N TRP C 386 -55.83 -36.94 7.09
CA TRP C 386 -56.27 -37.49 5.81
C TRP C 386 -56.78 -38.90 6.03
N ASN C 387 -58.09 -39.08 5.94
CA ASN C 387 -58.71 -40.37 6.13
C ASN C 387 -59.03 -41.08 4.81
N LYS C 388 -58.67 -40.44 3.71
CA LYS C 388 -59.12 -40.88 2.39
C LYS C 388 -58.21 -41.89 1.70
N GLY C 389 -57.17 -42.35 2.40
CA GLY C 389 -56.22 -43.27 1.80
C GLY C 389 -55.10 -42.52 1.12
N GLY C 390 -53.92 -43.13 1.08
CA GLY C 390 -52.72 -42.39 0.77
C GLY C 390 -52.21 -41.83 2.08
N LYS C 391 -51.25 -40.92 2.03
CA LYS C 391 -50.77 -40.30 3.26
C LYS C 391 -51.20 -38.84 3.32
N ALA C 392 -50.66 -38.06 2.41
CA ALA C 392 -51.17 -36.73 2.13
C ALA C 392 -50.31 -36.10 1.07
N PRO C 393 -50.94 -35.51 0.05
CA PRO C 393 -50.18 -34.85 -1.02
C PRO C 393 -49.63 -33.50 -0.56
N TRP C 394 -48.83 -33.53 0.50
CA TRP C 394 -48.25 -32.31 1.05
C TRP C 394 -47.47 -31.55 -0.02
N SER C 395 -47.10 -32.24 -1.09
CA SER C 395 -46.39 -31.61 -2.19
C SER C 395 -47.24 -30.53 -2.85
N ASP C 396 -48.55 -30.60 -2.67
CA ASP C 396 -49.47 -29.62 -3.22
C ASP C 396 -49.47 -28.36 -2.36
N PHE C 397 -49.29 -28.55 -1.07
CA PHE C 397 -49.24 -27.46 -0.11
C PHE C 397 -48.01 -26.60 -0.37
N TRP C 398 -46.85 -27.25 -0.46
CA TRP C 398 -45.58 -26.55 -0.62
C TRP C 398 -45.40 -26.03 -2.04
N ASP C 399 -45.73 -26.86 -3.02
CA ASP C 399 -45.68 -26.42 -4.42
C ASP C 399 -46.51 -25.17 -4.61
N ALA C 400 -47.61 -25.06 -3.88
CA ALA C 400 -48.45 -23.88 -3.90
C ALA C 400 -47.83 -22.73 -3.13
N LYS C 401 -47.40 -23.00 -1.90
CA LYS C 401 -46.86 -21.96 -1.03
C LYS C 401 -45.55 -21.38 -1.54
N SER C 402 -44.70 -22.26 -2.05
CA SER C 402 -43.38 -21.86 -2.52
C SER C 402 -43.49 -21.02 -3.80
N GLN C 403 -44.65 -21.09 -4.43
CA GLN C 403 -44.89 -20.40 -5.70
C GLN C 403 -44.70 -18.89 -5.59
N PHE C 404 -44.85 -18.36 -4.38
CA PHE C 404 -44.80 -16.91 -4.14
C PHE C 404 -43.63 -16.51 -3.26
N SER C 405 -43.03 -15.35 -3.55
CA SER C 405 -41.90 -14.85 -2.79
C SER C 405 -42.28 -13.68 -1.89
N LYS C 406 -41.30 -13.16 -1.16
CA LYS C 406 -41.48 -11.99 -0.29
C LYS C 406 -40.45 -10.91 -0.59
N VAL C 407 -40.91 -9.71 -0.91
CA VAL C 407 -39.99 -8.63 -1.23
C VAL C 407 -40.47 -7.30 -0.67
N LYS C 408 -39.52 -6.48 -0.23
CA LYS C 408 -39.81 -5.13 0.23
C LYS C 408 -39.04 -4.11 -0.58
N ALA C 409 -39.61 -2.92 -0.72
CA ALA C 409 -38.93 -1.83 -1.43
C ALA C 409 -37.70 -1.43 -0.63
N LEU C 410 -36.74 -0.82 -1.31
CA LEU C 410 -35.45 -0.50 -0.70
C LEU C 410 -35.47 0.56 0.41
N PRO C 411 -36.17 1.69 0.18
CA PRO C 411 -36.03 2.90 1.01
C PRO C 411 -36.15 2.67 2.51
N ALA C 412 -37.13 1.90 2.94
CA ALA C 412 -37.37 1.67 4.36
C ALA C 412 -37.23 0.19 4.75
N SER C 413 -36.67 -0.05 5.92
CA SER C 413 -36.50 -1.40 6.45
C SER C 413 -36.94 -1.44 7.90
N THR C 414 -36.74 -2.58 8.56
CA THR C 414 -36.95 -2.66 10.00
C THR C 414 -35.61 -2.70 10.71
N PHE C 415 -35.56 -2.16 11.92
CA PHE C 415 -34.31 -2.15 12.69
C PHE C 415 -33.69 -3.54 12.69
N HIS C 416 -34.53 -4.55 12.80
CA HIS C 416 -34.08 -5.95 12.83
C HIS C 416 -33.23 -6.34 11.61
N LYS C 417 -33.83 -6.25 10.44
CA LYS C 417 -33.18 -6.68 9.20
C LYS C 417 -32.04 -5.75 8.77
N ALA C 418 -31.86 -4.64 9.50
CA ALA C 418 -30.84 -3.65 9.13
C ALA C 418 -29.46 -3.84 9.77
N GLN C 419 -29.35 -4.77 10.71
CA GLN C 419 -28.09 -4.95 11.45
C GLN C 419 -26.91 -5.21 10.53
N GLY C 420 -25.80 -4.52 10.78
CA GLY C 420 -24.58 -4.72 10.02
C GLY C 420 -24.49 -3.87 8.78
N SER C 422 -24.53 -0.43 6.92
CA SER C 422 -24.16 0.92 7.33
C SER C 422 -24.33 1.93 6.21
N VAL C 423 -25.17 2.92 6.44
CA VAL C 423 -25.51 3.93 5.44
C VAL C 423 -25.08 5.32 5.89
N ASP C 424 -24.89 6.22 4.92
CA ASP C 424 -24.45 7.58 5.22
C ASP C 424 -25.39 8.29 6.19
N ARG C 425 -26.69 8.26 5.89
CA ARG C 425 -27.67 8.95 6.72
C ARG C 425 -28.84 8.05 7.12
N ALA C 426 -28.95 7.78 8.42
CA ALA C 426 -30.04 6.98 8.96
C ALA C 426 -31.24 7.85 9.34
N PHE C 427 -32.44 7.32 9.14
CA PHE C 427 -33.67 8.01 9.53
C PHE C 427 -34.51 7.10 10.45
N ILE C 428 -34.69 7.52 11.69
CA ILE C 428 -35.45 6.73 12.66
C ILE C 428 -36.91 7.14 12.72
N TYR C 429 -37.82 6.17 12.74
CA TYR C 429 -39.22 6.45 13.01
C TYR C 429 -39.60 5.78 14.32
N THR C 430 -39.71 6.58 15.38
CA THR C 430 -40.03 6.08 16.73
C THR C 430 -41.46 5.57 17.01
N PRO C 431 -42.49 6.21 16.44
CA PRO C 431 -43.86 6.05 16.95
C PRO C 431 -44.29 4.62 17.29
N CYS C 432 -43.94 3.63 16.46
CA CYS C 432 -44.35 2.26 16.74
C CYS C 432 -43.35 1.51 17.61
N ILE C 433 -42.21 2.16 17.91
CA ILE C 433 -41.16 1.57 18.73
C ILE C 433 -41.69 1.34 20.14
N HIS C 434 -42.85 1.93 20.42
CA HIS C 434 -43.44 1.85 21.75
C HIS C 434 -44.30 0.59 21.87
N TYR C 435 -44.28 -0.23 20.82
CA TYR C 435 -44.90 -1.55 20.88
C TYR C 435 -43.89 -2.58 21.38
N ALA C 436 -42.63 -2.18 21.43
CA ALA C 436 -41.57 -3.05 21.95
C ALA C 436 -41.48 -2.91 23.45
N ASP C 437 -41.15 -4.00 24.14
CA ASP C 437 -40.92 -3.92 25.59
C ASP C 437 -39.71 -3.06 25.85
N VAL C 438 -39.63 -2.48 27.05
CA VAL C 438 -38.66 -1.44 27.36
C VAL C 438 -37.23 -1.81 26.94
N GLU C 439 -36.76 -2.96 27.42
CA GLU C 439 -35.41 -3.42 27.14
C GLU C 439 -35.15 -3.51 25.63
N LEU C 440 -36.13 -4.05 24.91
CA LEU C 440 -36.02 -4.22 23.46
C LEU C 440 -36.07 -2.87 22.73
N ALA C 441 -36.74 -1.90 23.35
CA ALA C 441 -36.84 -0.57 22.77
C ALA C 441 -35.48 0.12 22.77
N GLN C 442 -34.70 -0.14 23.82
CA GLN C 442 -33.38 0.44 23.96
C GLN C 442 -32.39 -0.19 22.98
N GLN C 443 -32.62 -1.45 22.64
CA GLN C 443 -31.79 -2.17 21.68
C GLN C 443 -32.14 -1.76 20.25
N LEU C 444 -33.43 -1.64 19.98
CA LEU C 444 -33.91 -1.14 18.68
C LEU C 444 -33.39 0.26 18.41
N LEU C 445 -33.53 1.13 19.41
CA LEU C 445 -33.09 2.51 19.31
C LEU C 445 -31.58 2.61 19.14
N TYR C 446 -30.86 1.71 19.80
CA TYR C 446 -29.40 1.68 19.72
C TYR C 446 -28.93 1.23 18.34
N VAL C 447 -29.49 0.11 17.88
CA VAL C 447 -29.13 -0.45 16.59
C VAL C 447 -29.45 0.50 15.45
N GLY C 448 -30.46 1.35 15.65
CA GLY C 448 -30.83 2.32 14.64
C GLY C 448 -29.87 3.49 14.55
N VAL C 449 -29.46 4.01 15.71
CA VAL C 449 -28.59 5.18 15.76
C VAL C 449 -27.17 4.89 15.29
N THR C 450 -26.71 3.67 15.51
CA THR C 450 -25.36 3.28 15.12
C THR C 450 -25.24 3.14 13.60
N ARG C 451 -26.38 2.88 12.95
CA ARG C 451 -26.41 2.70 11.50
C ARG C 451 -25.93 3.94 10.75
N GLY C 452 -26.19 5.11 11.32
CA GLY C 452 -25.77 6.37 10.71
C GLY C 452 -24.27 6.60 10.79
N ARG C 453 -23.67 6.93 9.65
CA ARG C 453 -22.26 7.30 9.62
C ARG C 453 -22.09 8.77 10.01
N TYR C 454 -22.96 9.62 9.47
CA TYR C 454 -22.81 11.06 9.62
C TYR C 454 -23.98 11.71 10.36
N ASP C 455 -25.16 11.66 9.74
CA ASP C 455 -26.36 12.23 10.33
C ASP C 455 -27.39 11.17 10.69
N VAL C 456 -28.11 11.38 11.79
CA VAL C 456 -29.27 10.57 12.09
C VAL C 456 -30.47 11.45 12.41
N PHE C 457 -31.43 11.47 11.48
CA PHE C 457 -32.72 12.12 11.71
C PHE C 457 -33.68 11.17 12.43
N TYR C 458 -34.65 11.72 13.16
CA TYR C 458 -35.68 10.88 13.76
C TYR C 458 -36.95 11.66 14.10
N VAL C 459 -38.04 10.94 14.31
CA VAL C 459 -39.30 11.53 14.72
C VAL C 459 -39.88 10.71 15.86
#